data_2I6J
# 
_entry.id   2I6J 
# 
_audit_conform.dict_name       mmcif_pdbx.dic 
_audit_conform.dict_version    5.380 
_audit_conform.dict_location   http://mmcif.pdb.org/dictionaries/ascii/mmcif_pdbx.dic 
# 
loop_
_database_2.database_id 
_database_2.database_code 
_database_2.pdbx_database_accession 
_database_2.pdbx_DOI 
PDB   2I6J         pdb_00002i6j 10.2210/pdb2i6j/pdb 
RCSB  RCSB039199   ?            ?                   
WWPDB D_1000039199 ?            ?                   
# 
loop_
_pdbx_database_related.db_name 
_pdbx_database_related.db_id 
_pdbx_database_related.details 
_pdbx_database_related.content_type 
PDB 2DXP 'the same protein with phosphopeptides A-(p)Y-R'     unspecified 
PDB 2I6I 'the same protein'                                   unspecified 
PDB 2I6M 'the same protein with Tungstate'                    unspecified 
PDB 2I6O 'the same protein with phosphopeptides N-G-(p)Y-K-N' unspecified 
PDB 2I6P 'the same protein with pNPP'                         unspecified 
# 
_pdbx_database_status.status_code                     REL 
_pdbx_database_status.entry_id                        2I6J 
_pdbx_database_status.recvd_initial_deposition_date   2006-08-29 
_pdbx_database_status.deposit_site                    RCSB 
_pdbx_database_status.process_site                    PDBJ 
_pdbx_database_status.status_code_sf                  REL 
_pdbx_database_status.status_code_mr                  ? 
_pdbx_database_status.SG_entry                        ? 
_pdbx_database_status.pdb_format_compatible           Y 
_pdbx_database_status.status_code_cs                  ? 
_pdbx_database_status.status_code_nmr_data            ? 
_pdbx_database_status.methods_development_category    ? 
# 
loop_
_audit_author.name 
_audit_author.pdbx_ordinal 
'Chu, H.M.'    1 
'Wang, A.H.J.' 2 
# 
_citation.id                        primary 
_citation.title                     
;Enzyme-substrate interactions revealed by the crystal structures of the archaeal Sulfolobus PTP-fold phosphatase and its phosphopeptide complexes
;
_citation.journal_abbrev            Proteins 
_citation.journal_volume            66 
_citation.page_first                996 
_citation.page_last                 1003 
_citation.year                      2006 
_citation.journal_id_ASTM           PSFGEY 
_citation.country                   US 
_citation.journal_id_ISSN           0887-3585 
_citation.journal_id_CSD            0867 
_citation.book_publisher            ? 
_citation.pdbx_database_id_PubMed   17173287 
_citation.pdbx_database_id_DOI      10.1002/prot.21262 
# 
loop_
_citation_author.citation_id 
_citation_author.name 
_citation_author.ordinal 
_citation_author.identifier_ORCID 
primary 'Chu, H.M.'    1 ? 
primary 'Wang, A.H.J.' 2 ? 
# 
_cell.entry_id           2I6J 
_cell.length_a           72.289 
_cell.length_b           72.289 
_cell.length_c           32.440 
_cell.angle_alpha        90.00 
_cell.angle_beta         90.00 
_cell.angle_gamma        90.00 
_cell.Z_PDB              4 
_cell.pdbx_unique_axis   ? 
_cell.length_a_esd       ? 
_cell.length_b_esd       ? 
_cell.length_c_esd       ? 
_cell.angle_alpha_esd    ? 
_cell.angle_beta_esd     ? 
_cell.angle_gamma_esd    ? 
# 
_symmetry.entry_id                         2I6J 
_symmetry.space_group_name_H-M             'P 41' 
_symmetry.pdbx_full_space_group_name_H-M   ? 
_symmetry.cell_setting                     ? 
_symmetry.Int_Tables_number                76 
_symmetry.space_group_name_Hall            ? 
# 
loop_
_entity.id 
_entity.type 
_entity.src_method 
_entity.pdbx_description 
_entity.formula_weight 
_entity.pdbx_number_of_molecules 
_entity.pdbx_ec 
_entity.pdbx_mutation 
_entity.pdbx_fragment 
_entity.details 
1 polymer     man 'Sulfolobus solfataricus protein tyrosine phosphatase' 18433.164 1   3.1.3.48 ? ? ? 
2 non-polymer syn 'PHOSPHATE ION'                                        94.971    1   ?        ? ? ? 
3 water       nat water                                                  18.015    142 ?        ? ? ? 
# 
_entity_name_com.entity_id   1 
_entity_name_com.name        SsoPTP 
# 
_entity_poly.entity_id                      1 
_entity_poly.type                           'polypeptide(L)' 
_entity_poly.nstd_linkage                   no 
_entity_poly.nstd_monomer                   no 
_entity_poly.pdbx_seq_one_letter_code       
;MYWVRRKTIGGSGLPYTENEILEWRKEGVKRVLVLPEDWEIEESWGDKDYYLSILKKNGLQPLHIPIPDGGVPSDSQFLT
IMKWLLSEKEGNLVHCVGGIGRTGTILASYLILTEGLEVESAIDEVRLVRPGAVQTYEQEMFLLRVEGMRKSWLKNIYSN
S
;
_entity_poly.pdbx_seq_one_letter_code_can   
;MYWVRRKTIGGSGLPYTENEILEWRKEGVKRVLVLPEDWEIEESWGDKDYYLSILKKNGLQPLHIPIPDGGVPSDSQFLT
IMKWLLSEKEGNLVHCVGGIGRTGTILASYLILTEGLEVESAIDEVRLVRPGAVQTYEQEMFLLRVEGMRKSWLKNIYSN
S
;
_entity_poly.pdbx_strand_id                 A 
_entity_poly.pdbx_target_identifier         ? 
# 
loop_
_entity_poly_seq.entity_id 
_entity_poly_seq.num 
_entity_poly_seq.mon_id 
_entity_poly_seq.hetero 
1 1   MET n 
1 2   TYR n 
1 3   TRP n 
1 4   VAL n 
1 5   ARG n 
1 6   ARG n 
1 7   LYS n 
1 8   THR n 
1 9   ILE n 
1 10  GLY n 
1 11  GLY n 
1 12  SER n 
1 13  GLY n 
1 14  LEU n 
1 15  PRO n 
1 16  TYR n 
1 17  THR n 
1 18  GLU n 
1 19  ASN n 
1 20  GLU n 
1 21  ILE n 
1 22  LEU n 
1 23  GLU n 
1 24  TRP n 
1 25  ARG n 
1 26  LYS n 
1 27  GLU n 
1 28  GLY n 
1 29  VAL n 
1 30  LYS n 
1 31  ARG n 
1 32  VAL n 
1 33  LEU n 
1 34  VAL n 
1 35  LEU n 
1 36  PRO n 
1 37  GLU n 
1 38  ASP n 
1 39  TRP n 
1 40  GLU n 
1 41  ILE n 
1 42  GLU n 
1 43  GLU n 
1 44  SER n 
1 45  TRP n 
1 46  GLY n 
1 47  ASP n 
1 48  LYS n 
1 49  ASP n 
1 50  TYR n 
1 51  TYR n 
1 52  LEU n 
1 53  SER n 
1 54  ILE n 
1 55  LEU n 
1 56  LYS n 
1 57  LYS n 
1 58  ASN n 
1 59  GLY n 
1 60  LEU n 
1 61  GLN n 
1 62  PRO n 
1 63  LEU n 
1 64  HIS n 
1 65  ILE n 
1 66  PRO n 
1 67  ILE n 
1 68  PRO n 
1 69  ASP n 
1 70  GLY n 
1 71  GLY n 
1 72  VAL n 
1 73  PRO n 
1 74  SER n 
1 75  ASP n 
1 76  SER n 
1 77  GLN n 
1 78  PHE n 
1 79  LEU n 
1 80  THR n 
1 81  ILE n 
1 82  MET n 
1 83  LYS n 
1 84  TRP n 
1 85  LEU n 
1 86  LEU n 
1 87  SER n 
1 88  GLU n 
1 89  LYS n 
1 90  GLU n 
1 91  GLY n 
1 92  ASN n 
1 93  LEU n 
1 94  VAL n 
1 95  HIS n 
1 96  CYS n 
1 97  VAL n 
1 98  GLY n 
1 99  GLY n 
1 100 ILE n 
1 101 GLY n 
1 102 ARG n 
1 103 THR n 
1 104 GLY n 
1 105 THR n 
1 106 ILE n 
1 107 LEU n 
1 108 ALA n 
1 109 SER n 
1 110 TYR n 
1 111 LEU n 
1 112 ILE n 
1 113 LEU n 
1 114 THR n 
1 115 GLU n 
1 116 GLY n 
1 117 LEU n 
1 118 GLU n 
1 119 VAL n 
1 120 GLU n 
1 121 SER n 
1 122 ALA n 
1 123 ILE n 
1 124 ASP n 
1 125 GLU n 
1 126 VAL n 
1 127 ARG n 
1 128 LEU n 
1 129 VAL n 
1 130 ARG n 
1 131 PRO n 
1 132 GLY n 
1 133 ALA n 
1 134 VAL n 
1 135 GLN n 
1 136 THR n 
1 137 TYR n 
1 138 GLU n 
1 139 GLN n 
1 140 GLU n 
1 141 MET n 
1 142 PHE n 
1 143 LEU n 
1 144 LEU n 
1 145 ARG n 
1 146 VAL n 
1 147 GLU n 
1 148 GLY n 
1 149 MET n 
1 150 ARG n 
1 151 LYS n 
1 152 SER n 
1 153 TRP n 
1 154 LEU n 
1 155 LYS n 
1 156 ASN n 
1 157 ILE n 
1 158 TYR n 
1 159 SER n 
1 160 ASN n 
1 161 SER n 
# 
_entity_src_gen.entity_id                          1 
_entity_src_gen.pdbx_src_id                        1 
_entity_src_gen.pdbx_alt_source_flag               sample 
_entity_src_gen.pdbx_seq_type                      ? 
_entity_src_gen.pdbx_beg_seq_num                   ? 
_entity_src_gen.pdbx_end_seq_num                   ? 
_entity_src_gen.gene_src_common_name               ? 
_entity_src_gen.gene_src_genus                     Sulfolobus 
_entity_src_gen.pdbx_gene_src_gene                 ? 
_entity_src_gen.gene_src_species                   ? 
_entity_src_gen.gene_src_strain                    ? 
_entity_src_gen.gene_src_tissue                    ? 
_entity_src_gen.gene_src_tissue_fraction           ? 
_entity_src_gen.gene_src_details                   ? 
_entity_src_gen.pdbx_gene_src_fragment             ? 
_entity_src_gen.pdbx_gene_src_scientific_name      'Sulfolobus solfataricus' 
_entity_src_gen.pdbx_gene_src_ncbi_taxonomy_id     2287 
_entity_src_gen.pdbx_gene_src_variant              ? 
_entity_src_gen.pdbx_gene_src_cell_line            ? 
_entity_src_gen.pdbx_gene_src_atcc                 ? 
_entity_src_gen.pdbx_gene_src_organ                ? 
_entity_src_gen.pdbx_gene_src_organelle            ? 
_entity_src_gen.pdbx_gene_src_cell                 ? 
_entity_src_gen.pdbx_gene_src_cellular_location    ? 
_entity_src_gen.host_org_common_name               ? 
_entity_src_gen.pdbx_host_org_scientific_name      'Escherichia coli BL21' 
_entity_src_gen.pdbx_host_org_ncbi_taxonomy_id     511693 
_entity_src_gen.host_org_genus                     Escherichia 
_entity_src_gen.pdbx_host_org_gene                 ? 
_entity_src_gen.pdbx_host_org_organ                ? 
_entity_src_gen.host_org_species                   'Escherichia coli' 
_entity_src_gen.pdbx_host_org_tissue               ? 
_entity_src_gen.pdbx_host_org_tissue_fraction      ? 
_entity_src_gen.pdbx_host_org_strain               BL21 
_entity_src_gen.pdbx_host_org_variant              ? 
_entity_src_gen.pdbx_host_org_cell_line            ? 
_entity_src_gen.pdbx_host_org_atcc                 ? 
_entity_src_gen.pdbx_host_org_culture_collection   ? 
_entity_src_gen.pdbx_host_org_cell                 ? 
_entity_src_gen.pdbx_host_org_organelle            ? 
_entity_src_gen.pdbx_host_org_cellular_location    ? 
_entity_src_gen.pdbx_host_org_vector_type          plasmid 
_entity_src_gen.pdbx_host_org_vector               ? 
_entity_src_gen.host_org_details                   ? 
_entity_src_gen.expression_system_id               ? 
_entity_src_gen.plasmid_name                       pET21 
_entity_src_gen.plasmid_details                    ? 
_entity_src_gen.pdbx_description                   ? 
# 
_struct_ref.id                         1 
_struct_ref.db_name                    UNP 
_struct_ref.db_code                    Q97VZ7_SULSO 
_struct_ref.pdbx_db_accession          Q97VZ7 
_struct_ref.entity_id                  1 
_struct_ref.pdbx_seq_one_letter_code   
;MYWVRRKTIGGSGLPYTENEILEWRKEGVKRVLVLPEDWEIEESWGDKDYYLSILKKNGLQPLHIPIPDGGVPSDSQFLT
IMKWLLSEKEGNLVHCVGGIGRTGTILASYLILTEGLEVESAIDEVRLVRPGAVQTYEQEMFLLRVEGMRKSWLKNIYSN
S
;
_struct_ref.pdbx_align_begin           1 
_struct_ref.pdbx_db_isoform            ? 
# 
_struct_ref_seq.align_id                      1 
_struct_ref_seq.ref_id                        1 
_struct_ref_seq.pdbx_PDB_id_code              2I6J 
_struct_ref_seq.pdbx_strand_id                A 
_struct_ref_seq.seq_align_beg                 1 
_struct_ref_seq.pdbx_seq_align_beg_ins_code   ? 
_struct_ref_seq.seq_align_end                 161 
_struct_ref_seq.pdbx_seq_align_end_ins_code   ? 
_struct_ref_seq.pdbx_db_accession             Q97VZ7 
_struct_ref_seq.db_align_beg                  1 
_struct_ref_seq.pdbx_db_align_beg_ins_code    ? 
_struct_ref_seq.db_align_end                  161 
_struct_ref_seq.pdbx_db_align_end_ins_code    ? 
_struct_ref_seq.pdbx_auth_seq_align_beg       1 
_struct_ref_seq.pdbx_auth_seq_align_end       161 
# 
loop_
_chem_comp.id 
_chem_comp.type 
_chem_comp.mon_nstd_flag 
_chem_comp.name 
_chem_comp.pdbx_synonyms 
_chem_comp.formula 
_chem_comp.formula_weight 
ALA 'L-peptide linking' y ALANINE         ? 'C3 H7 N O2'     89.093  
ARG 'L-peptide linking' y ARGININE        ? 'C6 H15 N4 O2 1' 175.209 
ASN 'L-peptide linking' y ASPARAGINE      ? 'C4 H8 N2 O3'    132.118 
ASP 'L-peptide linking' y 'ASPARTIC ACID' ? 'C4 H7 N O4'     133.103 
CYS 'L-peptide linking' y CYSTEINE        ? 'C3 H7 N O2 S'   121.158 
GLN 'L-peptide linking' y GLUTAMINE       ? 'C5 H10 N2 O3'   146.144 
GLU 'L-peptide linking' y 'GLUTAMIC ACID' ? 'C5 H9 N O4'     147.129 
GLY 'peptide linking'   y GLYCINE         ? 'C2 H5 N O2'     75.067  
HIS 'L-peptide linking' y HISTIDINE       ? 'C6 H10 N3 O2 1' 156.162 
HOH non-polymer         . WATER           ? 'H2 O'           18.015  
ILE 'L-peptide linking' y ISOLEUCINE      ? 'C6 H13 N O2'    131.173 
LEU 'L-peptide linking' y LEUCINE         ? 'C6 H13 N O2'    131.173 
LYS 'L-peptide linking' y LYSINE          ? 'C6 H15 N2 O2 1' 147.195 
MET 'L-peptide linking' y METHIONINE      ? 'C5 H11 N O2 S'  149.211 
PHE 'L-peptide linking' y PHENYLALANINE   ? 'C9 H11 N O2'    165.189 
PO4 non-polymer         . 'PHOSPHATE ION' ? 'O4 P -3'        94.971  
PRO 'L-peptide linking' y PROLINE         ? 'C5 H9 N O2'     115.130 
SER 'L-peptide linking' y SERINE          ? 'C3 H7 N O3'     105.093 
THR 'L-peptide linking' y THREONINE       ? 'C4 H9 N O3'     119.119 
TRP 'L-peptide linking' y TRYPTOPHAN      ? 'C11 H12 N2 O2'  204.225 
TYR 'L-peptide linking' y TYROSINE        ? 'C9 H11 N O3'    181.189 
VAL 'L-peptide linking' y VALINE          ? 'C5 H11 N O2'    117.146 
# 
_exptl.entry_id          2I6J 
_exptl.method            'X-RAY DIFFRACTION' 
_exptl.crystals_number   1 
# 
_exptl_crystal.id                    1 
_exptl_crystal.density_meas          ? 
_exptl_crystal.density_Matthews      2.30 
_exptl_crystal.density_percent_sol   46.48 
_exptl_crystal.description           ? 
_exptl_crystal.F_000                 ? 
_exptl_crystal.preparation           ? 
# 
_exptl_crystal_grow.crystal_id      1 
_exptl_crystal_grow.method          'VAPOR DIFFUSION, HANGING DROP' 
_exptl_crystal_grow.temp            298 
_exptl_crystal_grow.temp_details    ? 
_exptl_crystal_grow.pH              5.5 
_exptl_crystal_grow.pdbx_details    'pH 5.5, VAPOR DIFFUSION, HANGING DROP, temperature 298K' 
_exptl_crystal_grow.pdbx_pH_range   . 
# 
_diffrn.id                     1 
_diffrn.ambient_temp           298 
_diffrn.ambient_temp_details   ? 
_diffrn.crystal_id             1 
# 
_diffrn_detector.diffrn_id              1 
_diffrn_detector.detector               CCD 
_diffrn_detector.type                   'ADSC QUANTUM 4' 
_diffrn_detector.pdbx_collection_date   2005-11-03 
_diffrn_detector.details                ? 
# 
_diffrn_radiation.diffrn_id                        1 
_diffrn_radiation.wavelength_id                    1 
_diffrn_radiation.pdbx_monochromatic_or_laue_m_l   M 
_diffrn_radiation.monochromator                    ? 
_diffrn_radiation.pdbx_diffrn_protocol             'SINGLE WAVELENGTH' 
_diffrn_radiation.pdbx_scattering_type             x-ray 
# 
_diffrn_radiation_wavelength.id           1 
_diffrn_radiation_wavelength.wavelength   1.0 
_diffrn_radiation_wavelength.wt           1.0 
# 
_diffrn_source.diffrn_id                   1 
_diffrn_source.source                      SYNCHROTRON 
_diffrn_source.type                        'SPRING-8 BEAMLINE BL12B2' 
_diffrn_source.pdbx_synchrotron_site       SPring-8 
_diffrn_source.pdbx_synchrotron_beamline   BL12B2 
_diffrn_source.pdbx_wavelength             1.0 
_diffrn_source.pdbx_wavelength_list        1.0 
# 
_reflns.entry_id                     2I6J 
_reflns.observed_criterion_sigma_F   0.0 
_reflns.observed_criterion_sigma_I   ? 
_reflns.d_resolution_high            1.66 
_reflns.d_resolution_low             50 
_reflns.number_all                   22463 
_reflns.number_obs                   19596 
_reflns.percent_possible_obs         87.2 
_reflns.pdbx_Rmerge_I_obs            0.46 
_reflns.pdbx_Rsym_value              0.4 
_reflns.pdbx_netI_over_sigmaI        25.1 
_reflns.B_iso_Wilson_estimate        ? 
_reflns.pdbx_redundancy              4.1 
_reflns.R_free_details               ? 
_reflns.limit_h_max                  ? 
_reflns.limit_h_min                  ? 
_reflns.limit_k_max                  ? 
_reflns.limit_k_min                  ? 
_reflns.limit_l_max                  ? 
_reflns.limit_l_min                  ? 
_reflns.observed_criterion_F_max     ? 
_reflns.observed_criterion_F_min     ? 
_reflns.pdbx_chi_squared             ? 
_reflns.pdbx_scaling_rejects         ? 
_reflns.pdbx_diffrn_id               1 
_reflns.pdbx_ordinal                 1 
# 
_reflns_shell.d_res_high             1.66 
_reflns_shell.d_res_low              1.72 
_reflns_shell.percent_possible_all   ? 
_reflns_shell.Rmerge_I_obs           0.46 
_reflns_shell.pdbx_Rsym_value        0.41 
_reflns_shell.meanI_over_sigI_obs    2.26 
_reflns_shell.pdbx_redundancy        2.7 
_reflns_shell.percent_possible_obs   ? 
_reflns_shell.number_unique_all      1640 
_reflns_shell.number_measured_all    ? 
_reflns_shell.number_measured_obs    ? 
_reflns_shell.number_unique_obs      ? 
_reflns_shell.pdbx_chi_squared       ? 
_reflns_shell.pdbx_diffrn_id         ? 
_reflns_shell.pdbx_ordinal           1 
# 
_refine.entry_id                                 2I6J 
_refine.ls_d_res_high                            1.66 
_refine.ls_d_res_low                             50 
_refine.pdbx_ls_sigma_F                          0.0 
_refine.pdbx_ls_sigma_I                          ? 
_refine.ls_number_reflns_all                     22463 
_refine.ls_number_reflns_obs                     19596 
_refine.ls_number_reflns_R_free                  ? 
_refine.ls_percent_reflns_obs                    87.2 
_refine.ls_R_factor_all                          ? 
_refine.ls_R_factor_obs                          ? 
_refine.ls_R_factor_R_work                       0.208 
_refine.ls_R_factor_R_free                       0.241 
_refine.ls_redundancy_reflns_obs                 ? 
_refine.pdbx_data_cutoff_high_absF               ? 
_refine.pdbx_data_cutoff_low_absF                ? 
_refine.ls_number_parameters                     ? 
_refine.ls_number_restraints                     ? 
_refine.ls_percent_reflns_R_free                 ? 
_refine.ls_R_factor_R_free_error                 ? 
_refine.ls_R_factor_R_free_error_details         ? 
_refine.pdbx_method_to_determine_struct          'MOLECULAR REPLACEMENT' 
_refine.pdbx_starting_model                      1OHE 
_refine.pdbx_ls_cross_valid_method               ? 
_refine.pdbx_R_Free_selection_details            ? 
_refine.pdbx_stereochem_target_val_spec_case     ? 
_refine.pdbx_stereochemistry_target_values       ? 
_refine.solvent_model_details                    ? 
_refine.solvent_model_param_bsol                 ? 
_refine.solvent_model_param_ksol                 ? 
_refine.occupancy_max                            ? 
_refine.occupancy_min                            ? 
_refine.pdbx_isotropic_thermal_model             ? 
_refine.B_iso_mean                               ? 
_refine.aniso_B[1][1]                            ? 
_refine.aniso_B[1][2]                            ? 
_refine.aniso_B[1][3]                            ? 
_refine.aniso_B[2][2]                            ? 
_refine.aniso_B[2][3]                            ? 
_refine.aniso_B[3][3]                            ? 
_refine.details                                  ? 
_refine.B_iso_min                                ? 
_refine.B_iso_max                                ? 
_refine.correlation_coeff_Fo_to_Fc               ? 
_refine.correlation_coeff_Fo_to_Fc_free          ? 
_refine.pdbx_solvent_vdw_probe_radii             ? 
_refine.pdbx_solvent_ion_probe_radii             ? 
_refine.pdbx_solvent_shrinkage_radii             ? 
_refine.overall_SU_R_Cruickshank_DPI             ? 
_refine.overall_SU_R_free                        ? 
_refine.overall_SU_ML                            ? 
_refine.overall_SU_B                             ? 
_refine.pdbx_overall_ESU_R_Free                  ? 
_refine.pdbx_data_cutoff_high_rms_absF           ? 
_refine.pdbx_overall_ESU_R                       ? 
_refine.ls_wR_factor_R_free                      ? 
_refine.ls_wR_factor_R_work                      ? 
_refine.overall_FOM_free_R_set                   ? 
_refine.overall_FOM_work_R_set                   ? 
_refine.pdbx_overall_phase_error                 ? 
_refine.pdbx_refine_id                           'X-RAY DIFFRACTION' 
_refine.pdbx_diffrn_id                           1 
_refine.pdbx_TLS_residual_ADP_flag               ? 
_refine.pdbx_overall_SU_R_free_Cruickshank_DPI   ? 
_refine.pdbx_overall_SU_R_Blow_DPI               ? 
_refine.pdbx_overall_SU_R_free_Blow_DPI          ? 
# 
_refine_hist.pdbx_refine_id                   'X-RAY DIFFRACTION' 
_refine_hist.cycle_id                         LAST 
_refine_hist.pdbx_number_atoms_protein        1298 
_refine_hist.pdbx_number_atoms_nucleic_acid   0 
_refine_hist.pdbx_number_atoms_ligand         5 
_refine_hist.number_atoms_solvent             142 
_refine_hist.number_atoms_total               1445 
_refine_hist.d_res_high                       1.66 
_refine_hist.d_res_low                        50 
# 
loop_
_refine_ls_restr.type 
_refine_ls_restr.dev_ideal 
_refine_ls_restr.dev_ideal_target 
_refine_ls_restr.weight 
_refine_ls_restr.number 
_refine_ls_restr.pdbx_refine_id 
_refine_ls_restr.pdbx_restraint_function 
c_bond_d    0.005 ? ? ? 'X-RAY DIFFRACTION' ? 
c_angle_deg 1.443 ? ? ? 'X-RAY DIFFRACTION' ? 
# 
_struct.entry_id                  2I6J 
_struct.title                     
'Crystal structure of the complex of the archaeal sulfolobus PTP-fold phosphatase with phosphate ion' 
_struct.pdbx_model_details        ? 
_struct.pdbx_CASP_flag            ? 
_struct.pdbx_model_type_details   ? 
# 
_struct_keywords.entry_id        2I6J 
_struct_keywords.pdbx_keywords   HYDROLASE 
_struct_keywords.text            'PTP domain, Hydrolase' 
# 
loop_
_struct_asym.id 
_struct_asym.pdbx_blank_PDB_chainid_flag 
_struct_asym.pdbx_modified 
_struct_asym.entity_id 
_struct_asym.details 
A N N 1 ? 
B N N 2 ? 
C N N 3 ? 
# 
loop_
_struct_conf.conf_type_id 
_struct_conf.id 
_struct_conf.pdbx_PDB_helix_id 
_struct_conf.beg_label_comp_id 
_struct_conf.beg_label_asym_id 
_struct_conf.beg_label_seq_id 
_struct_conf.pdbx_beg_PDB_ins_code 
_struct_conf.end_label_comp_id 
_struct_conf.end_label_asym_id 
_struct_conf.end_label_seq_id 
_struct_conf.pdbx_end_PDB_ins_code 
_struct_conf.beg_auth_comp_id 
_struct_conf.beg_auth_asym_id 
_struct_conf.beg_auth_seq_id 
_struct_conf.end_auth_comp_id 
_struct_conf.end_auth_asym_id 
_struct_conf.end_auth_seq_id 
_struct_conf.pdbx_PDB_helix_class 
_struct_conf.details 
_struct_conf.pdbx_PDB_helix_length 
HELX_P HELX_P1 1 THR A 17  ? GLY A 28  ? THR A 17  GLY A 28  1 ? 12 
HELX_P HELX_P2 2 GLU A 37  ? GLY A 46  ? GLU A 37  GLY A 46  1 ? 10 
HELX_P HELX_P3 3 ASP A 47  ? ASN A 58  ? ASP A 47  ASN A 58  1 ? 12 
HELX_P HELX_P4 4 SER A 74  ? GLU A 88  ? SER A 74  GLU A 88  1 ? 15 
HELX_P HELX_P5 5 ILE A 100 ? GLY A 116 ? ILE A 100 GLY A 116 1 ? 17 
HELX_P HELX_P6 6 GLU A 118 ? ARG A 130 ? GLU A 118 ARG A 130 1 ? 13 
HELX_P HELX_P7 7 THR A 136 ? MET A 149 ? THR A 136 MET A 149 1 ? 14 
HELX_P HELX_P8 8 MET A 149 ? TYR A 158 ? MET A 149 TYR A 158 1 ? 10 
# 
_struct_conf_type.id          HELX_P 
_struct_conf_type.criteria    ? 
_struct_conf_type.reference   ? 
# 
_struct_sheet.id               A 
_struct_sheet.type             ? 
_struct_sheet.number_strands   5 
_struct_sheet.details          ? 
# 
loop_
_struct_sheet_order.sheet_id 
_struct_sheet_order.range_id_1 
_struct_sheet_order.range_id_2 
_struct_sheet_order.offset 
_struct_sheet_order.sense 
A 1 2 ? anti-parallel 
A 2 3 ? parallel      
A 3 4 ? parallel      
A 4 5 ? parallel      
# 
loop_
_struct_sheet_range.sheet_id 
_struct_sheet_range.id 
_struct_sheet_range.beg_label_comp_id 
_struct_sheet_range.beg_label_asym_id 
_struct_sheet_range.beg_label_seq_id 
_struct_sheet_range.pdbx_beg_PDB_ins_code 
_struct_sheet_range.end_label_comp_id 
_struct_sheet_range.end_label_asym_id 
_struct_sheet_range.end_label_seq_id 
_struct_sheet_range.pdbx_end_PDB_ins_code 
_struct_sheet_range.beg_auth_comp_id 
_struct_sheet_range.beg_auth_asym_id 
_struct_sheet_range.beg_auth_seq_id 
_struct_sheet_range.end_auth_comp_id 
_struct_sheet_range.end_auth_asym_id 
_struct_sheet_range.end_auth_seq_id 
A 1 TYR A 2  ? ARG A 5  ? TYR A 2  ARG A 5  
A 2 ILE A 9  ? SER A 12 ? ILE A 9  SER A 12 
A 3 ASN A 92 ? HIS A 95 ? ASN A 92 HIS A 95 
A 4 ARG A 31 ? VAL A 34 ? ARG A 31 VAL A 34 
A 5 GLN A 61 ? HIS A 64 ? GLN A 61 HIS A 64 
# 
loop_
_pdbx_struct_sheet_hbond.sheet_id 
_pdbx_struct_sheet_hbond.range_id_1 
_pdbx_struct_sheet_hbond.range_id_2 
_pdbx_struct_sheet_hbond.range_1_label_atom_id 
_pdbx_struct_sheet_hbond.range_1_label_comp_id 
_pdbx_struct_sheet_hbond.range_1_label_asym_id 
_pdbx_struct_sheet_hbond.range_1_label_seq_id 
_pdbx_struct_sheet_hbond.range_1_PDB_ins_code 
_pdbx_struct_sheet_hbond.range_1_auth_atom_id 
_pdbx_struct_sheet_hbond.range_1_auth_comp_id 
_pdbx_struct_sheet_hbond.range_1_auth_asym_id 
_pdbx_struct_sheet_hbond.range_1_auth_seq_id 
_pdbx_struct_sheet_hbond.range_2_label_atom_id 
_pdbx_struct_sheet_hbond.range_2_label_comp_id 
_pdbx_struct_sheet_hbond.range_2_label_asym_id 
_pdbx_struct_sheet_hbond.range_2_label_seq_id 
_pdbx_struct_sheet_hbond.range_2_PDB_ins_code 
_pdbx_struct_sheet_hbond.range_2_auth_atom_id 
_pdbx_struct_sheet_hbond.range_2_auth_comp_id 
_pdbx_struct_sheet_hbond.range_2_auth_asym_id 
_pdbx_struct_sheet_hbond.range_2_auth_seq_id 
A 1 2 N TYR A 2  ? N TYR A 2  O GLY A 11 ? O GLY A 11 
A 2 3 N GLY A 10 ? N GLY A 10 O ASN A 92 ? O ASN A 92 
A 3 4 O LEU A 93 ? O LEU A 93 N LEU A 33 ? N LEU A 33 
A 4 5 N VAL A 34 ? N VAL A 34 O LEU A 63 ? O LEU A 63 
# 
_struct_site.id                   AC1 
_struct_site.pdbx_evidence_code   Software 
_struct_site.pdbx_auth_asym_id    A 
_struct_site.pdbx_auth_comp_id    PO4 
_struct_site.pdbx_auth_seq_id     2902 
_struct_site.pdbx_auth_ins_code   ? 
_struct_site.pdbx_num_residues    6 
_struct_site.details              'BINDING SITE FOR RESIDUE PO4 A 2902' 
# 
loop_
_struct_site_gen.id 
_struct_site_gen.site_id 
_struct_site_gen.pdbx_num_res 
_struct_site_gen.label_comp_id 
_struct_site_gen.label_asym_id 
_struct_site_gen.label_seq_id 
_struct_site_gen.pdbx_auth_ins_code 
_struct_site_gen.auth_comp_id 
_struct_site_gen.auth_asym_id 
_struct_site_gen.auth_seq_id 
_struct_site_gen.label_atom_id 
_struct_site_gen.label_alt_id 
_struct_site_gen.symmetry 
_struct_site_gen.details 
1 AC1 6 ASP A 69  ? ASP A 69   . ? 1_555 ? 
2 AC1 6 GLY A 101 ? GLY A 101  . ? 1_555 ? 
3 AC1 6 ARG A 102 ? ARG A 102  . ? 1_555 ? 
4 AC1 6 HOH C .   ? HOH A 5201 . ? 1_555 ? 
5 AC1 6 HOH C .   ? HOH A 5241 . ? 1_555 ? 
6 AC1 6 HOH C .   ? HOH A 5293 . ? 1_555 ? 
# 
_atom_sites.entry_id                    2I6J 
_atom_sites.fract_transf_matrix[1][1]   -0.00326614 
_atom_sites.fract_transf_matrix[1][2]   0.01153210 
_atom_sites.fract_transf_matrix[1][3]   -0.00690614 
_atom_sites.fract_transf_matrix[2][1]   0.00932060 
_atom_sites.fract_transf_matrix[2][2]   0.00706401 
_atom_sites.fract_transf_matrix[2][3]   0.00738770 
_atom_sites.fract_transf_matrix[3][1]   0.02158375 
_atom_sites.fract_transf_matrix[3][2]   -0.00648252 
_atom_sites.fract_transf_matrix[3][3]   -0.02103238 
_atom_sites.fract_transf_vector[1]      0.332520 
_atom_sites.fract_transf_vector[2]      -0.208932 
_atom_sites.fract_transf_vector[3]      0.127058 
# 
loop_
_atom_type.symbol 
C 
N 
O 
P 
S 
# 
loop_
_atom_site.group_PDB 
_atom_site.id 
_atom_site.type_symbol 
_atom_site.label_atom_id 
_atom_site.label_alt_id 
_atom_site.label_comp_id 
_atom_site.label_asym_id 
_atom_site.label_entity_id 
_atom_site.label_seq_id 
_atom_site.pdbx_PDB_ins_code 
_atom_site.Cartn_x 
_atom_site.Cartn_y 
_atom_site.Cartn_z 
_atom_site.occupancy 
_atom_site.B_iso_or_equiv 
_atom_site.pdbx_formal_charge 
_atom_site.auth_seq_id 
_atom_site.auth_comp_id 
_atom_site.auth_asym_id 
_atom_site.auth_atom_id 
_atom_site.pdbx_PDB_model_num 
ATOM   1    N N   . MET A 1 1   ? -2.937  -1.926  12.739  1.00 21.19 ? 1    MET A N   1 
ATOM   2    C CA  . MET A 1 1   ? -3.049  -2.557  11.387  1.00 19.78 ? 1    MET A CA  1 
ATOM   3    C C   . MET A 1 1   ? -4.498  -2.965  11.141  1.00 17.71 ? 1    MET A C   1 
ATOM   4    O O   . MET A 1 1   ? -5.173  -3.449  12.049  1.00 17.72 ? 1    MET A O   1 
ATOM   5    C CB  . MET A 1 1   ? -2.156  -3.791  11.316  1.00 23.27 ? 1    MET A CB  1 
ATOM   6    C CG  . MET A 1 1   ? -2.009  -4.387  9.940   1.00 25.41 ? 1    MET A CG  1 
ATOM   7    S SD  . MET A 1 1   ? -1.872  -6.193  9.998   1.00 25.18 ? 1    MET A SD  1 
ATOM   8    C CE  . MET A 1 1   ? -3.432  -6.602  9.307   1.00 27.38 ? 1    MET A CE  1 
ATOM   9    N N   . TYR A 1 2   ? -4.966  -2.776  9.910   1.00 16.27 ? 2    TYR A N   1 
ATOM   10   C CA  . TYR A 1 2   ? -6.342  -3.115  9.552   1.00 14.35 ? 2    TYR A CA  1 
ATOM   11   C C   . TYR A 1 2   ? -6.407  -3.857  8.226   1.00 13.40 ? 2    TYR A C   1 
ATOM   12   O O   . TYR A 1 2   ? -5.557  -3.666  7.365   1.00 12.17 ? 2    TYR A O   1 
ATOM   13   C CB  . TYR A 1 2   ? -7.190  -1.845  9.435   1.00 14.08 ? 2    TYR A CB  1 
ATOM   14   C CG  . TYR A 1 2   ? -6.639  -0.831  8.448   1.00 13.48 ? 2    TYR A CG  1 
ATOM   15   C CD1 . TYR A 1 2   ? -5.693  0.116   8.843   1.00 12.21 ? 2    TYR A CD1 1 
ATOM   16   C CD2 . TYR A 1 2   ? -7.045  -0.833  7.115   1.00 11.08 ? 2    TYR A CD2 1 
ATOM   17   C CE1 . TYR A 1 2   ? -5.164  1.035   7.937   1.00 11.88 ? 2    TYR A CE1 1 
ATOM   18   C CE2 . TYR A 1 2   ? -6.519  0.087   6.197   1.00 11.30 ? 2    TYR A CE2 1 
ATOM   19   C CZ  . TYR A 1 2   ? -5.581  1.015   6.614   1.00 12.18 ? 2    TYR A CZ  1 
ATOM   20   O OH  . TYR A 1 2   ? -5.060  1.921   5.721   1.00 11.74 ? 2    TYR A OH  1 
ATOM   21   N N   . TRP A 1 3   ? -7.416  -4.707  8.065   1.00 13.54 ? 3    TRP A N   1 
ATOM   22   C CA  . TRP A 1 3   ? -7.583  -5.436  6.811   1.00 13.47 ? 3    TRP A CA  1 
ATOM   23   C C   . TRP A 1 3   ? -8.709  -4.807  6.003   1.00 12.62 ? 3    TRP A C   1 
ATOM   24   O O   . TRP A 1 3   ? -9.768  -4.491  6.551   1.00 14.97 ? 3    TRP A O   1 
ATOM   25   C CB  . TRP A 1 3   ? -7.954  -6.904  7.061   1.00 13.45 ? 3    TRP A CB  1 
ATOM   26   C CG  . TRP A 1 3   ? -6.864  -7.762  7.626   1.00 14.62 ? 3    TRP A CG  1 
ATOM   27   C CD1 . TRP A 1 3   ? -6.806  -8.289  8.888   1.00 14.57 ? 3    TRP A CD1 1 
ATOM   28   C CD2 . TRP A 1 3   ? -5.682  -8.207  6.952   1.00 14.30 ? 3    TRP A CD2 1 
ATOM   29   N NE1 . TRP A 1 3   ? -5.662  -9.035  9.039   1.00 12.77 ? 3    TRP A NE1 1 
ATOM   30   C CE2 . TRP A 1 3   ? -4.951  -9.000  7.868   1.00 15.33 ? 3    TRP A CE2 1 
ATOM   31   C CE3 . TRP A 1 3   ? -5.165  -8.015  5.663   1.00 15.25 ? 3    TRP A CE3 1 
ATOM   32   C CZ2 . TRP A 1 3   ? -3.732  -9.596  7.538   1.00 15.62 ? 3    TRP A CZ2 1 
ATOM   33   C CZ3 . TRP A 1 3   ? -3.949  -8.609  5.334   1.00 13.01 ? 3    TRP A CZ3 1 
ATOM   34   C CH2 . TRP A 1 3   ? -3.246  -9.390  6.270   1.00 15.14 ? 3    TRP A CH2 1 
ATOM   35   N N   . VAL A 1 4   ? -8.483  -4.617  4.705   1.00 11.89 ? 4    VAL A N   1 
ATOM   36   C CA  . VAL A 1 4   ? -9.517  -4.081  3.822   1.00 12.59 ? 4    VAL A CA  1 
ATOM   37   C C   . VAL A 1 4   ? -10.238 -5.308  3.271   1.00 14.97 ? 4    VAL A C   1 
ATOM   38   O O   . VAL A 1 4   ? -11.454 -5.314  3.096   1.00 16.38 ? 4    VAL A O   1 
ATOM   39   C CB  . VAL A 1 4   ? -8.912  -3.263  2.660   1.00 13.23 ? 4    VAL A CB  1 
ATOM   40   C CG1 . VAL A 1 4   ? -9.982  -2.959  1.621   1.00 14.40 ? 4    VAL A CG1 1 
ATOM   41   C CG2 . VAL A 1 4   ? -8.336  -1.959  3.200   1.00 14.66 ? 4    VAL A CG2 1 
ATOM   42   N N   . ARG A 1 5   ? -9.459  -6.349  3.003   1.00 15.87 ? 5    ARG A N   1 
ATOM   43   C CA  . ARG A 1 5   ? -9.979  -7.624  2.527   1.00 16.81 ? 5    ARG A CA  1 
ATOM   44   C C   . ARG A 1 5   ? -9.271  -8.644  3.405   1.00 17.71 ? 5    ARG A C   1 
ATOM   45   O O   . ARG A 1 5   ? -8.068  -8.858  3.283   1.00 16.17 ? 5    ARG A O   1 
ATOM   46   C CB  . ARG A 1 5   ? -9.641  -7.837  1.052   1.00 16.56 ? 5    ARG A CB  1 
ATOM   47   C CG  . ARG A 1 5   ? -10.402 -6.907  0.108   1.00 18.24 ? 5    ARG A CG  1 
ATOM   48   C CD  . ARG A 1 5   ? -11.899 -7.154  0.194   1.00 17.43 ? 5    ARG A CD  1 
ATOM   49   N NE  . ARG A 1 5   ? -12.651 -6.330  -0.750  1.00 17.82 ? 5    ARG A NE  1 
ATOM   50   C CZ  . ARG A 1 5   ? -13.393 -5.282  -0.411  1.00 18.32 ? 5    ARG A CZ  1 
ATOM   51   N NH1 . ARG A 1 5   ? -13.490 -4.915  0.859   1.00 19.05 ? 5    ARG A NH1 1 
ATOM   52   N NH2 . ARG A 1 5   ? -14.054 -4.606  -1.342  1.00 19.62 ? 5    ARG A NH2 1 
ATOM   53   N N   . ARG A 1 6   ? -10.039 -9.252  4.305   1.00 20.17 ? 6    ARG A N   1 
ATOM   54   C CA  . ARG A 1 6   ? -9.534  -10.217 5.276   1.00 23.45 ? 6    ARG A CA  1 
ATOM   55   C C   . ARG A 1 6   ? -8.375  -11.108 4.843   1.00 24.23 ? 6    ARG A C   1 
ATOM   56   O O   . ARG A 1 6   ? -8.535  -12.017 4.033   1.00 24.85 ? 6    ARG A O   1 
ATOM   57   C CB  . ARG A 1 6   ? -10.680 -11.099 5.778   1.00 26.69 ? 6    ARG A CB  1 
ATOM   58   C CG  . ARG A 1 6   ? -10.447 -11.652 7.174   1.00 32.84 ? 6    ARG A CG  1 
ATOM   59   C CD  . ARG A 1 6   ? -10.775 -10.608 8.236   1.00 38.01 ? 6    ARG A CD  1 
ATOM   60   N NE  . ARG A 1 6   ? -10.193 -10.925 9.538   1.00 41.32 ? 6    ARG A NE  1 
ATOM   61   C CZ  . ARG A 1 6   ? -10.364 -12.075 10.184  1.00 42.66 ? 6    ARG A CZ  1 
ATOM   62   N NH1 . ARG A 1 6   ? -11.105 -13.038 9.656   1.00 43.73 ? 6    ARG A NH1 1 
ATOM   63   N NH2 . ARG A 1 6   ? -9.787  -12.261 11.365  1.00 44.56 ? 6    ARG A NH2 1 
ATOM   64   N N   . LYS A 1 7   ? -7.204  -10.830 5.409   1.00 25.07 ? 7    LYS A N   1 
ATOM   65   C CA  . LYS A 1 7   ? -5.989  -11.592 5.146   1.00 22.97 ? 7    LYS A CA  1 
ATOM   66   C C   . LYS A 1 7   ? -5.405  -11.498 3.731   1.00 20.36 ? 7    LYS A C   1 
ATOM   67   O O   . LYS A 1 7   ? -4.402  -12.147 3.447   1.00 20.05 ? 7    LYS A O   1 
ATOM   68   C CB  . LYS A 1 7   ? -6.209  -13.065 5.513   1.00 25.63 ? 7    LYS A CB  1 
ATOM   69   C CG  . LYS A 1 7   ? -6.827  -13.290 6.894   1.00 28.75 ? 7    LYS A CG  1 
ATOM   70   C CD  . LYS A 1 7   ? -5.949  -12.776 8.028   1.00 27.30 ? 7    LYS A CD  1 
ATOM   71   C CE  . LYS A 1 7   ? -6.609  -13.038 9.376   1.00 31.15 ? 7    LYS A CE  1 
ATOM   72   N NZ  . LYS A 1 7   ? -5.767  -12.620 10.530  1.00 30.75 ? 7    LYS A NZ  1 
ATOM   73   N N   . THR A 1 8   ? -6.012  -10.713 2.843   1.00 17.99 ? 8    THR A N   1 
ATOM   74   C CA  . THR A 1 8   ? -5.458  -10.574 1.494   1.00 17.28 ? 8    THR A CA  1 
ATOM   75   C C   . THR A 1 8   ? -4.738  -9.237  1.342   1.00 15.34 ? 8    THR A C   1 
ATOM   76   O O   . THR A 1 8   ? -3.645  -9.176  0.777   1.00 15.77 ? 8    THR A O   1 
ATOM   77   C CB  . THR A 1 8   ? -6.533  -10.721 0.389   1.00 18.94 ? 8    THR A CB  1 
ATOM   78   O OG1 . THR A 1 8   ? -7.621  -9.828  0.636   1.00 22.95 ? 8    THR A OG1 1 
ATOM   79   C CG2 . THR A 1 8   ? -7.047  -12.153 0.346   1.00 20.86 ? 8    THR A CG2 1 
ATOM   80   N N   . ILE A 1 9   ? -5.340  -8.165  1.842   1.00 13.47 ? 9    ILE A N   1 
ATOM   81   C CA  . ILE A 1 9   ? -4.687  -6.867  1.771   1.00 13.29 ? 9    ILE A CA  1 
ATOM   82   C C   . ILE A 1 9   ? -5.179  -5.929  2.865   1.00 11.89 ? 9    ILE A C   1 
ATOM   83   O O   . ILE A 1 9   ? -6.377  -5.817  3.118   1.00 11.99 ? 9    ILE A O   1 
ATOM   84   C CB  . ILE A 1 9   ? -4.868  -6.207  0.381   1.00 14.03 ? 9    ILE A CB  1 
ATOM   85   C CG1 . ILE A 1 9   ? -3.846  -5.078  0.220   1.00 16.21 ? 9    ILE A CG1 1 
ATOM   86   C CG2 . ILE A 1 9   ? -6.294  -5.690  0.212   1.00 15.16 ? 9    ILE A CG2 1 
ATOM   87   C CD1 . ILE A 1 9   ? -3.736  -4.549  -1.192  1.00 15.30 ? 9    ILE A CD1 1 
ATOM   88   N N   . GLY A 1 10  ? -4.229  -5.275  3.522   1.00 11.83 ? 10   GLY A N   1 
ATOM   89   C CA  . GLY A 1 10  ? -4.554  -4.353  4.593   1.00 12.35 ? 10   GLY A CA  1 
ATOM   90   C C   . GLY A 1 10  ? -3.549  -3.220  4.659   1.00 10.93 ? 10   GLY A C   1 
ATOM   91   O O   . GLY A 1 10  ? -2.625  -3.154  3.853   1.00 9.89  ? 10   GLY A O   1 
ATOM   92   N N   . GLY A 1 11  ? -3.733  -2.327  5.624   1.00 9.70  ? 11   GLY A N   1 
ATOM   93   C CA  . GLY A 1 11  ? -2.829  -1.205  5.765   1.00 10.62 ? 11   GLY A CA  1 
ATOM   94   C C   . GLY A 1 11  ? -2.424  -0.965  7.205   1.00 10.42 ? 11   GLY A C   1 
ATOM   95   O O   . GLY A 1 11  ? -2.978  -1.550  8.131   1.00 9.99  ? 11   GLY A O   1 
ATOM   96   N N   . SER A 1 12  ? -1.441  -0.095  7.393   1.00 11.14 ? 12   SER A N   1 
ATOM   97   C CA  . SER A 1 12  ? -0.974  0.235   8.730   1.00 11.51 ? 12   SER A CA  1 
ATOM   98   C C   . SER A 1 12  ? -0.020  1.407   8.650   1.00 11.24 ? 12   SER A C   1 
ATOM   99   O O   . SER A 1 12  ? 0.255   1.931   7.569   1.00 10.60 ? 12   SER A O   1 
ATOM   100  C CB  . SER A 1 12  ? -0.256  -0.962  9.355   1.00 15.64 ? 12   SER A CB  1 
ATOM   101  O OG  . SER A 1 12  ? 1.031   -1.135  8.794   1.00 20.62 ? 12   SER A OG  1 
ATOM   102  N N   . GLY A 1 13  ? 0.469   1.820   9.812   1.00 11.49 ? 13   GLY A N   1 
ATOM   103  C CA  . GLY A 1 13  ? 1.426   2.902   9.870   1.00 12.52 ? 13   GLY A CA  1 
ATOM   104  C C   . GLY A 1 13  ? 2.807   2.294   10.020  1.00 12.01 ? 13   GLY A C   1 
ATOM   105  O O   . GLY A 1 13  ? 2.980   1.077   9.906   1.00 12.72 ? 13   GLY A O   1 
ATOM   106  N N   . LEU A 1 14  ? 3.790   3.142   10.284  1.00 11.50 ? 14   LEU A N   1 
ATOM   107  C CA  . LEU A 1 14  ? 5.175   2.709   10.453  1.00 13.26 ? 14   LEU A CA  1 
ATOM   108  C C   . LEU A 1 14  ? 5.358   2.065   11.827  1.00 13.21 ? 14   LEU A C   1 
ATOM   109  O O   . LEU A 1 14  ? 5.008   2.659   12.844  1.00 15.00 ? 14   LEU A O   1 
ATOM   110  C CB  . LEU A 1 14  ? 6.092   3.927   10.322  1.00 13.59 ? 14   LEU A CB  1 
ATOM   111  C CG  . LEU A 1 14  ? 7.607   3.750   10.411  1.00 13.92 ? 14   LEU A CG  1 
ATOM   112  C CD1 . LEU A 1 14  ? 8.126   3.005   9.188   1.00 14.96 ? 14   LEU A CD1 1 
ATOM   113  C CD2 . LEU A 1 14  ? 8.252   5.134   10.504  1.00 14.64 ? 14   LEU A CD2 1 
ATOM   114  N N   . PRO A 1 15  ? 5.906   0.839   11.877  1.00 13.32 ? 15   PRO A N   1 
ATOM   115  C CA  . PRO A 1 15  ? 6.095   0.201   13.183  1.00 14.77 ? 15   PRO A CA  1 
ATOM   116  C C   . PRO A 1 15  ? 7.228   0.874   13.953  1.00 16.43 ? 15   PRO A C   1 
ATOM   117  O O   . PRO A 1 15  ? 8.181   1.358   13.350  1.00 14.18 ? 15   PRO A O   1 
ATOM   118  C CB  . PRO A 1 15  ? 6.413   -1.243  12.813  1.00 14.67 ? 15   PRO A CB  1 
ATOM   119  C CG  . PRO A 1 15  ? 7.177   -1.086  11.528  1.00 15.48 ? 15   PRO A CG  1 
ATOM   120  C CD  . PRO A 1 15  ? 6.385   -0.029  10.787  1.00 13.41 ? 15   PRO A CD  1 
ATOM   121  N N   . TYR A 1 16  ? 7.113   0.904   15.278  1.00 18.38 ? 16   TYR A N   1 
ATOM   122  C CA  . TYR A 1 16  ? 8.132   1.518   16.128  1.00 21.19 ? 16   TYR A CA  1 
ATOM   123  C C   . TYR A 1 16  ? 9.140   0.494   16.627  1.00 20.72 ? 16   TYR A C   1 
ATOM   124  O O   . TYR A 1 16  ? 10.291  0.827   16.909  1.00 20.42 ? 16   TYR A O   1 
ATOM   125  C CB  . TYR A 1 16  ? 7.485   2.193   17.344  1.00 24.67 ? 16   TYR A CB  1 
ATOM   126  C CG  . TYR A 1 16  ? 6.765   3.490   17.052  1.00 30.36 ? 16   TYR A CG  1 
ATOM   127  C CD1 . TYR A 1 16  ? 7.438   4.572   16.489  1.00 33.20 ? 16   TYR A CD1 1 
ATOM   128  C CD2 . TYR A 1 16  ? 5.413   3.643   17.362  1.00 33.39 ? 16   TYR A CD2 1 
ATOM   129  C CE1 . TYR A 1 16  ? 6.784   5.780   16.242  1.00 35.37 ? 16   TYR A CE1 1 
ATOM   130  C CE2 . TYR A 1 16  ? 4.749   4.846   17.118  1.00 35.36 ? 16   TYR A CE2 1 
ATOM   131  C CZ  . TYR A 1 16  ? 5.440   5.909   16.558  1.00 36.18 ? 16   TYR A CZ  1 
ATOM   132  O OH  . TYR A 1 16  ? 4.789   7.096   16.306  1.00 38.11 ? 16   TYR A OH  1 
ATOM   133  N N   . THR A 1 17  ? 8.701   -0.754  16.743  1.00 19.72 ? 17   THR A N   1 
ATOM   134  C CA  . THR A 1 17  ? 9.566   -1.817  17.230  1.00 19.46 ? 17   THR A CA  1 
ATOM   135  C C   . THR A 1 17  ? 9.431   -3.089  16.410  1.00 19.58 ? 17   THR A C   1 
ATOM   136  O O   . THR A 1 17  ? 8.520   -3.231  15.586  1.00 18.91 ? 17   THR A O   1 
ATOM   137  C CB  . THR A 1 17  ? 9.237   -2.173  18.688  1.00 20.69 ? 17   THR A CB  1 
ATOM   138  O OG1 . THR A 1 17  ? 7.903   -2.688  18.759  1.00 21.35 ? 17   THR A OG1 1 
ATOM   139  C CG2 . THR A 1 17  ? 9.348   -0.947  19.576  1.00 21.60 ? 17   THR A CG2 1 
ATOM   140  N N   . GLU A 1 18  ? 10.343  -4.020  16.650  1.00 19.29 ? 18   GLU A N   1 
ATOM   141  C CA  . GLU A 1 18  ? 10.329  -5.289  15.950  1.00 21.71 ? 18   GLU A CA  1 
ATOM   142  C C   . GLU A 1 18  ? 9.156   -6.122  16.462  1.00 21.36 ? 18   GLU A C   1 
ATOM   143  O O   . GLU A 1 18  ? 8.612   -6.957  15.742  1.00 21.09 ? 18   GLU A O   1 
ATOM   144  C CB  . GLU A 1 18  ? 11.651  -6.019  16.178  1.00 23.39 ? 18   GLU A CB  1 
ATOM   145  C CG  . GLU A 1 18  ? 11.792  -7.308  15.406  1.00 28.96 ? 18   GLU A CG  1 
ATOM   146  C CD  . GLU A 1 18  ? 13.229  -7.585  15.018  1.00 30.84 ? 18   GLU A CD  1 
ATOM   147  O OE1 . GLU A 1 18  ? 13.493  -8.667  14.456  1.00 34.75 ? 18   GLU A OE1 1 
ATOM   148  O OE2 . GLU A 1 18  ? 14.092  -6.716  15.268  1.00 33.61 ? 18   GLU A OE2 1 
ATOM   149  N N   . ASN A 1 19  ? 8.760   -5.893  17.709  1.00 21.87 ? 19   ASN A N   1 
ATOM   150  C CA  . ASN A 1 19  ? 7.633   -6.632  18.259  1.00 22.69 ? 19   ASN A CA  1 
ATOM   151  C C   . ASN A 1 19  ? 6.361   -6.294  17.483  1.00 20.99 ? 19   ASN A C   1 
ATOM   152  O O   . ASN A 1 19  ? 5.505   -7.152  17.273  1.00 20.64 ? 19   ASN A O   1 
ATOM   153  C CB  . ASN A 1 19  ? 7.452   -6.314  19.745  1.00 26.58 ? 19   ASN A CB  1 
ATOM   154  C CG  . ASN A 1 19  ? 8.567   -6.885  20.600  1.00 30.84 ? 19   ASN A CG  1 
ATOM   155  O OD1 . ASN A 1 19  ? 8.877   -8.073  20.516  1.00 32.87 ? 19   ASN A OD1 1 
ATOM   156  N ND2 . ASN A 1 19  ? 9.175   -6.041  21.428  1.00 35.00 ? 19   ASN A ND2 1 
ATOM   157  N N   . GLU A 1 20  ? 6.238   -5.043  17.050  1.00 18.80 ? 20   GLU A N   1 
ATOM   158  C CA  . GLU A 1 20  ? 5.066   -4.644  16.286  1.00 18.11 ? 20   GLU A CA  1 
ATOM   159  C C   . GLU A 1 20  ? 5.080   -5.326  14.925  1.00 16.61 ? 20   GLU A C   1 
ATOM   160  O O   . GLU A 1 20  ? 4.031   -5.625  14.357  1.00 15.84 ? 20   GLU A O   1 
ATOM   161  C CB  . GLU A 1 20  ? 5.022   -3.119  16.142  1.00 19.33 ? 20   GLU A CB  1 
ATOM   162  C CG  . GLU A 1 20  ? 4.763   -2.418  17.471  1.00 24.09 ? 20   GLU A CG  1 
ATOM   163  C CD  . GLU A 1 20  ? 4.600   -0.913  17.346  1.00 26.22 ? 20   GLU A CD  1 
ATOM   164  O OE1 . GLU A 1 20  ? 4.300   -0.265  18.371  1.00 30.62 ? 20   GLU A OE1 1 
ATOM   165  O OE2 . GLU A 1 20  ? 4.769   -0.375  16.234  1.00 26.50 ? 20   GLU A OE2 1 
ATOM   166  N N   . ILE A 1 21  ? 6.273   -5.581  14.403  1.00 15.83 ? 21   ILE A N   1 
ATOM   167  C CA  . ILE A 1 21  ? 6.393   -6.258  13.121  1.00 15.41 ? 21   ILE A CA  1 
ATOM   168  C C   . ILE A 1 21  ? 5.987   -7.724  13.308  1.00 16.17 ? 21   ILE A C   1 
ATOM   169  O O   . ILE A 1 21  ? 5.382   -8.324  12.425  1.00 16.01 ? 21   ILE A O   1 
ATOM   170  C CB  . ILE A 1 21  ? 7.832   -6.165  12.574  1.00 14.49 ? 21   ILE A CB  1 
ATOM   171  C CG1 . ILE A 1 21  ? 8.149   -4.705  12.227  1.00 14.85 ? 21   ILE A CG1 1 
ATOM   172  C CG2 . ILE A 1 21  ? 7.989   -7.061  11.354  1.00 15.92 ? 21   ILE A CG2 1 
ATOM   173  C CD1 . ILE A 1 21  ? 9.572   -4.466  11.762  1.00 12.93 ? 21   ILE A CD1 1 
ATOM   174  N N   . LEU A 1 22  ? 6.303   -8.293  14.466  1.00 18.19 ? 22   LEU A N   1 
ATOM   175  C CA  . LEU A 1 22  ? 5.933   -9.678  14.736  1.00 18.94 ? 22   LEU A CA  1 
ATOM   176  C C   . LEU A 1 22  ? 4.414   -9.756  14.891  1.00 19.16 ? 22   LEU A C   1 
ATOM   177  O O   . LEU A 1 22  ? 3.808   -10.794 14.613  1.00 18.81 ? 22   LEU A O   1 
ATOM   178  C CB  . LEU A 1 22  ? 6.644   -10.192 15.994  1.00 21.17 ? 22   LEU A CB  1 
ATOM   179  C CG  . LEU A 1 22  ? 8.162   -10.337 15.838  1.00 23.53 ? 22   LEU A CG  1 
ATOM   180  C CD1 . LEU A 1 22  ? 8.794   -10.770 17.151  1.00 26.02 ? 22   LEU A CD1 1 
ATOM   181  C CD2 . LEU A 1 22  ? 8.462   -11.346 14.743  1.00 24.91 ? 22   LEU A CD2 1 
ATOM   182  N N   . GLU A 1 23  ? 3.803   -8.653  15.323  1.00 19.33 ? 23   GLU A N   1 
ATOM   183  C CA  . GLU A 1 23  ? 2.350   -8.594  15.472  1.00 18.97 ? 23   GLU A CA  1 
ATOM   184  C C   . GLU A 1 23  ? 1.725   -8.711  14.079  1.00 18.71 ? 23   GLU A C   1 
ATOM   185  O O   . GLU A 1 23  ? 0.682   -9.348  13.907  1.00 16.48 ? 23   GLU A O   1 
ATOM   186  C CB  . GLU A 1 23  ? 1.909   -7.268  16.117  1.00 23.20 ? 23   GLU A CB  1 
ATOM   187  C CG  . GLU A 1 23  ? 2.374   -7.057  17.556  1.00 28.26 ? 23   GLU A CG  1 
ATOM   188  C CD  . GLU A 1 23  ? 2.031   -5.668  18.102  1.00 31.25 ? 23   GLU A CD  1 
ATOM   189  O OE1 . GLU A 1 23  ? 2.469   -5.350  19.230  1.00 33.29 ? 23   GLU A OE1 1 
ATOM   190  O OE2 . GLU A 1 23  ? 1.331   -4.891  17.413  1.00 30.96 ? 23   GLU A OE2 1 
ATOM   191  N N   . TRP A 1 24  ? 2.357   -8.087  13.086  1.00 15.88 ? 24   TRP A N   1 
ATOM   192  C CA  . TRP A 1 24  ? 1.844   -8.152  11.714  1.00 15.31 ? 24   TRP A CA  1 
ATOM   193  C C   . TRP A 1 24  ? 1.889   -9.594  11.243  1.00 14.67 ? 24   TRP A C   1 
ATOM   194  O O   . TRP A 1 24  ? 0.957   -10.092 10.614  1.00 15.16 ? 24   TRP A O   1 
ATOM   195  C CB  . TRP A 1 24  ? 2.707   -7.354  10.738  1.00 12.22 ? 24   TRP A CB  1 
ATOM   196  C CG  . TRP A 1 24  ? 2.685   -5.871  10.845  1.00 12.83 ? 24   TRP A CG  1 
ATOM   197  C CD1 . TRP A 1 24  ? 1.769   -5.085  11.491  1.00 11.62 ? 24   TRP A CD1 1 
ATOM   198  C CD2 . TRP A 1 24  ? 3.594   -4.982  10.198  1.00 12.56 ? 24   TRP A CD2 1 
ATOM   199  N NE1 . TRP A 1 24  ? 2.057   -3.756  11.279  1.00 13.73 ? 24   TRP A NE1 1 
ATOM   200  C CE2 . TRP A 1 24  ? 3.173   -3.666  10.487  1.00 13.12 ? 24   TRP A CE2 1 
ATOM   201  C CE3 . TRP A 1 24  ? 4.727   -5.172  9.395   1.00 10.80 ? 24   TRP A CE3 1 
ATOM   202  C CZ2 . TRP A 1 24  ? 3.848   -2.541  10.000  1.00 14.46 ? 24   TRP A CZ2 1 
ATOM   203  C CZ3 . TRP A 1 24  ? 5.397   -4.056  8.909   1.00 12.17 ? 24   TRP A CZ3 1 
ATOM   204  C CH2 . TRP A 1 24  ? 4.955   -2.755  9.215   1.00 13.06 ? 24   TRP A CH2 1 
ATOM   205  N N   . ARG A 1 25  ? 3.003   -10.251 11.542  1.00 15.53 ? 25   ARG A N   1 
ATOM   206  C CA  . ARG A 1 25  ? 3.222   -11.634 11.144  1.00 17.03 ? 25   ARG A CA  1 
ATOM   207  C C   . ARG A 1 25  ? 2.140   -12.541 11.740  1.00 18.02 ? 25   ARG A C   1 
ATOM   208  O O   . ARG A 1 25  ? 1.578   -13.390 11.046  1.00 16.87 ? 25   ARG A O   1 
ATOM   209  C CB  . ARG A 1 25  ? 4.621   -12.060 11.596  1.00 20.62 ? 25   ARG A CB  1 
ATOM   210  C CG  . ARG A 1 25  ? 5.201   -13.277 10.900  1.00 26.85 ? 25   ARG A CG  1 
ATOM   211  C CD  . ARG A 1 25  ? 6.669   -13.423 11.295  1.00 31.07 ? 25   ARG A CD  1 
ATOM   212  N NE  . ARG A 1 25  ? 7.237   -14.719 10.937  1.00 36.57 ? 25   ARG A NE  1 
ATOM   213  C CZ  . ARG A 1 25  ? 7.464   -15.125 9.694   1.00 39.14 ? 25   ARG A CZ  1 
ATOM   214  N NH1 . ARG A 1 25  ? 7.982   -16.325 9.475   1.00 39.95 ? 25   ARG A NH1 1 
ATOM   215  N NH2 . ARG A 1 25  ? 7.181   -14.328 8.672   1.00 42.03 ? 25   ARG A NH2 1 
ATOM   216  N N   . LYS A 1 26  ? 1.833   -12.337 13.019  1.00 17.49 ? 26   LYS A N   1 
ATOM   217  C CA  . LYS A 1 26  ? 0.816   -13.132 13.705  1.00 17.48 ? 26   LYS A CA  1 
ATOM   218  C C   . LYS A 1 26  ? -0.564  -12.869 13.093  1.00 18.17 ? 26   LYS A C   1 
ATOM   219  O O   . LYS A 1 26  ? -1.434  -13.739 13.102  1.00 16.21 ? 26   LYS A O   1 
ATOM   220  C CB  . LYS A 1 26  ? 0.809   -12.790 15.201  1.00 18.14 ? 26   LYS A CB  1 
ATOM   221  C CG  . LYS A 1 26  ? -0.011  -13.739 16.076  1.00 17.48 ? 26   LYS A CG  1 
ATOM   222  C CD  . LYS A 1 26  ? 0.114   -13.359 17.551  1.00 19.80 ? 26   LYS A CD  1 
ATOM   223  C CE  . LYS A 1 26  ? -0.649  -14.318 18.464  1.00 19.61 ? 26   LYS A CE  1 
ATOM   224  N NZ  . LYS A 1 26  ? -2.114  -14.280 18.232  1.00 19.78 ? 26   LYS A NZ  1 
ATOM   225  N N   . GLU A 1 27  ? -0.752  -11.665 12.556  1.00 18.13 ? 27   GLU A N   1 
ATOM   226  C CA  . GLU A 1 27  ? -2.013  -11.282 11.927  1.00 19.23 ? 27   GLU A CA  1 
ATOM   227  C C   . GLU A 1 27  ? -2.200  -11.897 10.541  1.00 18.90 ? 27   GLU A C   1 
ATOM   228  O O   . GLU A 1 27  ? -3.312  -11.916 10.011  1.00 20.63 ? 27   GLU A O   1 
ATOM   229  C CB  . GLU A 1 27  ? -2.109  -9.756  11.818  1.00 22.00 ? 27   GLU A CB  1 
ATOM   230  C CG  . GLU A 1 27  ? -2.903  -9.119  12.931  1.00 25.65 ? 27   GLU A CG  1 
ATOM   231  C CD  . GLU A 1 27  ? -4.342  -9.607  12.958  1.00 28.43 ? 27   GLU A CD  1 
ATOM   232  O OE1 . GLU A 1 27  ? -4.846  -9.906  14.058  1.00 27.81 ? 27   GLU A OE1 1 
ATOM   233  O OE2 . GLU A 1 27  ? -4.973  -9.687  11.881  1.00 28.72 ? 27   GLU A OE2 1 
ATOM   234  N N   . GLY A 1 28  ? -1.117  -12.390 9.951   1.00 16.74 ? 28   GLY A N   1 
ATOM   235  C CA  . GLY A 1 28  ? -1.217  -12.993 8.634   1.00 15.98 ? 28   GLY A CA  1 
ATOM   236  C C   . GLY A 1 28  ? -0.490  -12.242 7.534   1.00 15.33 ? 28   GLY A C   1 
ATOM   237  O O   . GLY A 1 28  ? -0.606  -12.592 6.353   1.00 15.94 ? 28   GLY A O   1 
ATOM   238  N N   . VAL A 1 29  ? 0.255   -11.204 7.909   1.00 14.90 ? 29   VAL A N   1 
ATOM   239  C CA  . VAL A 1 29  ? 1.014   -10.424 6.939   1.00 13.86 ? 29   VAL A CA  1 
ATOM   240  C C   . VAL A 1 29  ? 2.203   -11.260 6.462   1.00 14.72 ? 29   VAL A C   1 
ATOM   241  O O   . VAL A 1 29  ? 2.867   -11.924 7.265   1.00 13.46 ? 29   VAL A O   1 
ATOM   242  C CB  . VAL A 1 29  ? 1.521   -9.101  7.567   1.00 13.38 ? 29   VAL A CB  1 
ATOM   243  C CG1 . VAL A 1 29  ? 2.473   -8.384  6.606   1.00 12.42 ? 29   VAL A CG1 1 
ATOM   244  C CG2 . VAL A 1 29  ? 0.331   -8.207  7.908   1.00 12.52 ? 29   VAL A CG2 1 
ATOM   245  N N   . LYS A 1 30  ? 2.463   -11.228 5.157   1.00 15.80 ? 30   LYS A N   1 
ATOM   246  C CA  . LYS A 1 30  ? 3.558   -11.989 4.566   1.00 17.37 ? 30   LYS A CA  1 
ATOM   247  C C   . LYS A 1 30  ? 4.441   -11.149 3.646   1.00 16.59 ? 30   LYS A C   1 
ATOM   248  O O   . LYS A 1 30  ? 5.609   -11.470 3.430   1.00 16.51 ? 30   LYS A O   1 
ATOM   249  C CB  . LYS A 1 30  ? 2.991   -13.177 3.783   1.00 21.66 ? 30   LYS A CB  1 
ATOM   250  C CG  . LYS A 1 30  ? 2.319   -14.221 4.662   1.00 25.15 ? 30   LYS A CG  1 
ATOM   251  C CD  . LYS A 1 30  ? 1.495   -15.191 3.835   1.00 29.12 ? 30   LYS A CD  1 
ATOM   252  C CE  . LYS A 1 30  ? 1.009   -16.368 4.671   1.00 30.39 ? 30   LYS A CE  1 
ATOM   253  N NZ  . LYS A 1 30  ? 0.232   -15.932 5.864   1.00 32.76 ? 30   LYS A NZ  1 
ATOM   254  N N   . ARG A 1 31  ? 3.876   -10.068 3.114   1.00 15.17 ? 31   ARG A N   1 
ATOM   255  C CA  . ARG A 1 31  ? 4.601   -9.186  2.200   1.00 14.07 ? 31   ARG A CA  1 
ATOM   256  C C   . ARG A 1 31  ? 4.251   -7.755  2.575   1.00 12.26 ? 31   ARG A C   1 
ATOM   257  O O   . ARG A 1 31  ? 3.105   -7.458  2.910   1.00 11.67 ? 31   ARG A O   1 
ATOM   258  C CB  . ARG A 1 31  ? 4.164   -9.456  0.765   1.00 16.07 ? 31   ARG A CB  1 
ATOM   259  C CG  . ARG A 1 31  ? 3.894   -10.913 0.479   1.00 20.32 ? 31   ARG A CG  1 
ATOM   260  C CD  . ARG A 1 31  ? 3.254   -11.050 -0.874  1.00 16.59 ? 31   ARG A CD  1 
ATOM   261  N NE  . ARG A 1 31  ? 4.189   -10.690 -1.926  1.00 16.70 ? 31   ARG A NE  1 
ATOM   262  C CZ  . ARG A 1 31  ? 3.881   -9.938  -2.977  1.00 17.07 ? 31   ARG A CZ  1 
ATOM   263  N NH1 . ARG A 1 31  ? 2.653   -9.449  -3.120  1.00 16.46 ? 31   ARG A NH1 1 
ATOM   264  N NH2 . ARG A 1 31  ? 4.801   -9.690  -3.897  1.00 15.77 ? 31   ARG A NH2 1 
ATOM   265  N N   . VAL A 1 32  ? 5.233   -6.868  2.505   1.00 10.65 ? 32   VAL A N   1 
ATOM   266  C CA  . VAL A 1 32  ? 5.010   -5.487  2.891   1.00 11.36 ? 32   VAL A CA  1 
ATOM   267  C C   . VAL A 1 32  ? 5.438   -4.466  1.844   1.00 10.41 ? 32   VAL A C   1 
ATOM   268  O O   . VAL A 1 32  ? 6.582   -4.478  1.385   1.00 9.98  ? 32   VAL A O   1 
ATOM   269  C CB  . VAL A 1 32  ? 5.757   -5.184  4.217   1.00 10.03 ? 32   VAL A CB  1 
ATOM   270  C CG1 . VAL A 1 32  ? 5.510   -3.748  4.657   1.00 10.43 ? 32   VAL A CG1 1 
ATOM   271  C CG2 . VAL A 1 32  ? 5.305   -6.161  5.300   1.00 10.05 ? 32   VAL A CG2 1 
ATOM   272  N N   . LEU A 1 33  ? 4.505   -3.598  1.460   1.00 8.94  ? 33   LEU A N   1 
ATOM   273  C CA  . LEU A 1 33  ? 4.786   -2.530  0.508   1.00 8.82  ? 33   LEU A CA  1 
ATOM   274  C C   . LEU A 1 33  ? 5.045   -1.304  1.378   1.00 9.31  ? 33   LEU A C   1 
ATOM   275  O O   . LEU A 1 33  ? 4.154   -0.823  2.079   1.00 8.53  ? 33   LEU A O   1 
ATOM   276  C CB  . LEU A 1 33  ? 3.592   -2.295  -0.429  1.00 8.44  ? 33   LEU A CB  1 
ATOM   277  C CG  . LEU A 1 33  ? 3.682   -1.072  -1.355  1.00 9.89  ? 33   LEU A CG  1 
ATOM   278  C CD1 . LEU A 1 33  ? 4.910   -1.181  -2.249  1.00 12.06 ? 33   LEU A CD1 1 
ATOM   279  C CD2 . LEU A 1 33  ? 2.417   -0.967  -2.196  1.00 11.95 ? 33   LEU A CD2 1 
ATOM   280  N N   . VAL A 1 34  ? 6.283   -0.828  1.349   1.00 8.04  ? 34   VAL A N   1 
ATOM   281  C CA  . VAL A 1 34  ? 6.712   0.316   2.150   1.00 9.79  ? 34   VAL A CA  1 
ATOM   282  C C   . VAL A 1 34  ? 6.620   1.612   1.341   1.00 8.78  ? 34   VAL A C   1 
ATOM   283  O O   . VAL A 1 34  ? 7.358   1.803   0.375   1.00 10.31 ? 34   VAL A O   1 
ATOM   284  C CB  . VAL A 1 34  ? 8.168   0.084   2.635   1.00 9.49  ? 34   VAL A CB  1 
ATOM   285  C CG1 . VAL A 1 34  ? 8.617   1.218   3.529   1.00 12.53 ? 34   VAL A CG1 1 
ATOM   286  C CG2 . VAL A 1 34  ? 8.260   -1.238  3.387   1.00 11.52 ? 34   VAL A CG2 1 
ATOM   287  N N   . LEU A 1 35  ? 5.723   2.511   1.748   1.00 8.95  ? 35   LEU A N   1 
ATOM   288  C CA  . LEU A 1 35  ? 5.508   3.777   1.039   1.00 9.19  ? 35   LEU A CA  1 
ATOM   289  C C   . LEU A 1 35  ? 6.180   5.052   1.547   1.00 10.08 ? 35   LEU A C   1 
ATOM   290  O O   . LEU A 1 35  ? 6.306   6.007   0.789   1.00 10.52 ? 35   LEU A O   1 
ATOM   291  C CB  . LEU A 1 35  ? 4.008   4.072   0.938   1.00 9.24  ? 35   LEU A CB  1 
ATOM   292  C CG  . LEU A 1 35  ? 3.109   3.015   0.294   1.00 9.15  ? 35   LEU A CG  1 
ATOM   293  C CD1 . LEU A 1 35  ? 1.657   3.503   0.333   1.00 9.73  ? 35   LEU A CD1 1 
ATOM   294  C CD2 . LEU A 1 35  ? 3.548   2.756   -1.145  1.00 10.20 ? 35   LEU A CD2 1 
ATOM   295  N N   . PRO A 1 36  ? 6.598   5.109   2.824   1.00 11.79 ? 36   PRO A N   1 
ATOM   296  C CA  . PRO A 1 36  ? 7.220   6.377   3.224   1.00 12.19 ? 36   PRO A CA  1 
ATOM   297  C C   . PRO A 1 36  ? 8.589   6.642   2.615   1.00 11.49 ? 36   PRO A C   1 
ATOM   298  O O   . PRO A 1 36  ? 9.250   5.726   2.128   1.00 12.76 ? 36   PRO A O   1 
ATOM   299  C CB  . PRO A 1 36  ? 7.264   6.279   4.750   1.00 13.17 ? 36   PRO A CB  1 
ATOM   300  C CG  . PRO A 1 36  ? 7.364   4.816   5.001   1.00 17.15 ? 36   PRO A CG  1 
ATOM   301  C CD  . PRO A 1 36  ? 6.429   4.210   3.981   1.00 10.18 ? 36   PRO A CD  1 
ATOM   302  N N   . GLU A 1 37  ? 8.995   7.911   2.628   1.00 11.50 ? 37   GLU A N   1 
ATOM   303  C CA  . GLU A 1 37  ? 10.302  8.303   2.104   1.00 11.93 ? 37   GLU A CA  1 
ATOM   304  C C   . GLU A 1 37  ? 11.380  7.911   3.111   1.00 11.83 ? 37   GLU A C   1 
ATOM   305  O O   . GLU A 1 37  ? 11.087  7.672   4.276   1.00 12.41 ? 37   GLU A O   1 
ATOM   306  C CB  . GLU A 1 37  ? 10.345  9.814   1.877   1.00 12.29 ? 37   GLU A CB  1 
ATOM   307  C CG  . GLU A 1 37  ? 9.413   10.290  0.778   1.00 16.26 ? 37   GLU A CG  1 
ATOM   308  C CD  . GLU A 1 37  ? 9.634   11.746  0.435   1.00 17.17 ? 37   GLU A CD  1 
ATOM   309  O OE1 . GLU A 1 37  ? 9.237   12.617  1.234   1.00 20.10 ? 37   GLU A OE1 1 
ATOM   310  O OE2 . GLU A 1 37  ? 10.217  12.013  -0.635  1.00 21.81 ? 37   GLU A OE2 1 
ATOM   311  N N   . ASP A 1 38  ? 12.628  7.841   2.659   1.00 11.96 ? 38   ASP A N   1 
ATOM   312  C CA  . ASP A 1 38  ? 13.732  7.470   3.539   1.00 13.76 ? 38   ASP A CA  1 
ATOM   313  C C   . ASP A 1 38  ? 13.707  8.195   4.883   1.00 13.19 ? 38   ASP A C   1 
ATOM   314  O O   . ASP A 1 38  ? 13.781  7.559   5.934   1.00 12.04 ? 38   ASP A O   1 
ATOM   315  C CB  . ASP A 1 38  ? 15.080  7.746   2.859   1.00 16.75 ? 38   ASP A CB  1 
ATOM   316  C CG  . ASP A 1 38  ? 15.361  6.807   1.704   1.00 20.35 ? 38   ASP A CG  1 
ATOM   317  O OD1 . ASP A 1 38  ? 14.505  5.951   1.402   1.00 18.76 ? 38   ASP A OD1 1 
ATOM   318  O OD2 . ASP A 1 38  ? 16.447  6.923   1.095   1.00 22.94 ? 38   ASP A OD2 1 
ATOM   319  N N   . TRP A 1 39  ? 13.596  9.521   4.852   1.00 14.79 ? 39   TRP A N   1 
ATOM   320  C CA  . TRP A 1 39  ? 13.620  10.299  6.088   1.00 15.67 ? 39   TRP A CA  1 
ATOM   321  C C   . TRP A 1 39  ? 12.514  9.965   7.081   1.00 13.73 ? 39   TRP A C   1 
ATOM   322  O O   . TRP A 1 39  ? 12.715  10.047  8.289   1.00 14.80 ? 39   TRP A O   1 
ATOM   323  C CB  . TRP A 1 39  ? 13.611  11.805  5.789   1.00 15.89 ? 39   TRP A CB  1 
ATOM   324  C CG  . TRP A 1 39  ? 12.312  12.353  5.287   1.00 15.93 ? 39   TRP A CG  1 
ATOM   325  C CD1 . TRP A 1 39  ? 11.938  12.516  3.987   1.00 17.59 ? 39   TRP A CD1 1 
ATOM   326  C CD2 . TRP A 1 39  ? 11.237  12.864  6.084   1.00 17.18 ? 39   TRP A CD2 1 
ATOM   327  N NE1 . TRP A 1 39  ? 10.696  13.107  3.922   1.00 16.76 ? 39   TRP A NE1 1 
ATOM   328  C CE2 . TRP A 1 39  ? 10.243  13.329  5.195   1.00 17.00 ? 39   TRP A CE2 1 
ATOM   329  C CE3 . TRP A 1 39  ? 11.017  12.977  7.464   1.00 16.20 ? 39   TRP A CE3 1 
ATOM   330  C CZ2 . TRP A 1 39  ? 9.042   13.900  5.640   1.00 17.19 ? 39   TRP A CZ2 1 
ATOM   331  C CZ3 . TRP A 1 39  ? 9.823   13.544  7.908   1.00 18.57 ? 39   TRP A CZ3 1 
ATOM   332  C CH2 . TRP A 1 39  ? 8.852   13.999  6.995   1.00 17.41 ? 39   TRP A CH2 1 
ATOM   333  N N   . GLU A 1 40  ? 11.345  9.587   6.574   1.00 13.62 ? 40   GLU A N   1 
ATOM   334  C CA  . GLU A 1 40  ? 10.231  9.227   7.441   1.00 12.14 ? 40   GLU A CA  1 
ATOM   335  C C   . GLU A 1 40  ? 10.538  7.896   8.127   1.00 12.04 ? 40   GLU A C   1 
ATOM   336  O O   . GLU A 1 40  ? 10.294  7.726   9.327   1.00 13.27 ? 40   GLU A O   1 
ATOM   337  C CB  . GLU A 1 40  ? 8.948   9.125   6.611   1.00 12.20 ? 40   GLU A CB  1 
ATOM   338  C CG  . GLU A 1 40  ? 8.490   10.473  6.073   1.00 13.79 ? 40   GLU A CG  1 
ATOM   339  C CD  . GLU A 1 40  ? 7.289   10.369  5.165   1.00 15.48 ? 40   GLU A CD  1 
ATOM   340  O OE1 . GLU A 1 40  ? 7.408   9.745   4.091   1.00 16.16 ? 40   GLU A OE1 1 
ATOM   341  O OE2 . GLU A 1 40  ? 6.229   10.916  5.528   1.00 14.51 ? 40   GLU A OE2 1 
ATOM   342  N N   . ILE A 1 41  ? 11.084  6.954   7.362   1.00 12.84 ? 41   ILE A N   1 
ATOM   343  C CA  . ILE A 1 41  ? 11.445  5.648   7.902   1.00 12.72 ? 41   ILE A CA  1 
ATOM   344  C C   . ILE A 1 41  ? 12.547  5.804   8.946   1.00 14.53 ? 41   ILE A C   1 
ATOM   345  O O   . ILE A 1 41  ? 12.524  5.167   9.996   1.00 14.50 ? 41   ILE A O   1 
ATOM   346  C CB  . ILE A 1 41  ? 11.963  4.703   6.798   1.00 12.82 ? 41   ILE A CB  1 
ATOM   347  C CG1 . ILE A 1 41  ? 10.833  4.393   5.810   1.00 11.39 ? 41   ILE A CG1 1 
ATOM   348  C CG2 . ILE A 1 41  ? 12.505  3.413   7.419   1.00 13.26 ? 41   ILE A CG2 1 
ATOM   349  C CD1 . ILE A 1 41  ? 11.283  3.624   4.589   1.00 12.44 ? 41   ILE A CD1 1 
ATOM   350  N N   . GLU A 1 42  ? 13.507  6.666   8.648   1.00 16.38 ? 42   GLU A N   1 
ATOM   351  C CA  . GLU A 1 42  ? 14.627  6.897   9.544   1.00 17.93 ? 42   GLU A CA  1 
ATOM   352  C C   . GLU A 1 42  ? 14.256  7.503   10.892  1.00 18.96 ? 42   GLU A C   1 
ATOM   353  O O   . GLU A 1 42  ? 15.010  7.375   11.859  1.00 18.89 ? 42   GLU A O   1 
ATOM   354  C CB  . GLU A 1 42  ? 15.675  7.743   8.820   1.00 18.61 ? 42   GLU A CB  1 
ATOM   355  C CG  . GLU A 1 42  ? 16.572  6.885   7.940   1.00 24.49 ? 42   GLU A CG  1 
ATOM   356  C CD  . GLU A 1 42  ? 17.176  7.622   6.766   1.00 26.45 ? 42   GLU A CD  1 
ATOM   357  O OE1 . GLU A 1 42  ? 17.293  8.865   6.825   1.00 29.20 ? 42   GLU A OE1 1 
ATOM   358  O OE2 . GLU A 1 42  ? 17.548  6.940   5.782   1.00 30.65 ? 42   GLU A OE2 1 
ATOM   359  N N   . GLU A 1 43  ? 13.096  8.150   10.971  1.00 18.20 ? 43   GLU A N   1 
ATOM   360  C CA  . GLU A 1 43  ? 12.667  8.740   12.234  1.00 19.97 ? 43   GLU A CA  1 
ATOM   361  C C   . GLU A 1 43  ? 12.498  7.652   13.286  1.00 19.10 ? 43   GLU A C   1 
ATOM   362  O O   . GLU A 1 43  ? 12.699  7.891   14.476  1.00 20.57 ? 43   GLU A O   1 
ATOM   363  C CB  . GLU A 1 43  ? 11.346  9.493   12.065  1.00 22.21 ? 43   GLU A CB  1 
ATOM   364  C CG  . GLU A 1 43  ? 11.456  10.788  11.276  1.00 26.88 ? 43   GLU A CG  1 
ATOM   365  C CD  . GLU A 1 43  ? 10.145  11.553  11.235  1.00 31.55 ? 43   GLU A CD  1 
ATOM   366  O OE1 . GLU A 1 43  ? 10.134  12.697  10.735  1.00 35.56 ? 43   GLU A OE1 1 
ATOM   367  O OE2 . GLU A 1 43  ? 9.122   11.011  11.705  1.00 36.06 ? 43   GLU A OE2 1 
ATOM   368  N N   . SER A 1 44  ? 12.129  6.453   12.844  1.00 17.50 ? 44   SER A N   1 
ATOM   369  C CA  . SER A 1 44  ? 11.937  5.336   13.758  1.00 18.12 ? 44   SER A CA  1 
ATOM   370  C C   . SER A 1 44  ? 12.984  4.237   13.629  1.00 16.62 ? 44   SER A C   1 
ATOM   371  O O   . SER A 1 44  ? 13.190  3.474   14.570  1.00 18.16 ? 44   SER A O   1 
ATOM   372  C CB  . SER A 1 44  ? 10.554  4.710   13.560  1.00 18.64 ? 44   SER A CB  1 
ATOM   373  O OG  . SER A 1 44  ? 9.524   5.615   13.898  1.00 22.89 ? 44   SER A OG  1 
ATOM   374  N N   . TRP A 1 45  ? 13.651  4.153   12.479  1.00 15.75 ? 45   TRP A N   1 
ATOM   375  C CA  . TRP A 1 45  ? 14.631  3.092   12.276  1.00 15.36 ? 45   TRP A CA  1 
ATOM   376  C C   . TRP A 1 45  ? 16.056  3.505   11.921  1.00 15.82 ? 45   TRP A C   1 
ATOM   377  O O   . TRP A 1 45  ? 16.882  2.655   11.594  1.00 15.56 ? 45   TRP A O   1 
ATOM   378  C CB  . TRP A 1 45  ? 14.106  2.099   11.234  1.00 16.07 ? 45   TRP A CB  1 
ATOM   379  C CG  . TRP A 1 45  ? 12.875  1.385   11.705  1.00 16.08 ? 45   TRP A CG  1 
ATOM   380  C CD1 . TRP A 1 45  ? 11.577  1.792   11.551  1.00 14.79 ? 45   TRP A CD1 1 
ATOM   381  C CD2 . TRP A 1 45  ? 12.828  0.183   12.485  1.00 15.71 ? 45   TRP A CD2 1 
ATOM   382  N NE1 . TRP A 1 45  ? 10.728  0.919   12.194  1.00 15.21 ? 45   TRP A NE1 1 
ATOM   383  C CE2 . TRP A 1 45  ? 11.469  -0.077  12.774  1.00 16.03 ? 45   TRP A CE2 1 
ATOM   384  C CE3 . TRP A 1 45  ? 13.806  -0.700  12.972  1.00 17.25 ? 45   TRP A CE3 1 
ATOM   385  C CZ2 . TRP A 1 45  ? 11.060  -1.183  13.527  1.00 16.96 ? 45   TRP A CZ2 1 
ATOM   386  C CZ3 . TRP A 1 45  ? 13.399  -1.802  13.723  1.00 18.32 ? 45   TRP A CZ3 1 
ATOM   387  C CH2 . TRP A 1 45  ? 12.033  -2.031  13.992  1.00 17.93 ? 45   TRP A CH2 1 
ATOM   388  N N   . GLY A 1 46  ? 16.332  4.805   11.974  1.00 15.70 ? 46   GLY A N   1 
ATOM   389  C CA  . GLY A 1 46  ? 17.673  5.299   11.702  1.00 17.39 ? 46   GLY A CA  1 
ATOM   390  C C   . GLY A 1 46  ? 18.203  5.214   10.285  1.00 16.59 ? 46   GLY A C   1 
ATOM   391  O O   . GLY A 1 46  ? 18.845  6.153   9.808   1.00 18.29 ? 46   GLY A O   1 
ATOM   392  N N   . ASP A 1 47  ? 17.953  4.095   9.615   1.00 17.06 ? 47   ASP A N   1 
ATOM   393  C CA  . ASP A 1 47  ? 18.416  3.902   8.246   1.00 18.16 ? 47   ASP A CA  1 
ATOM   394  C C   . ASP A 1 47  ? 17.386  3.088   7.473   1.00 18.00 ? 47   ASP A C   1 
ATOM   395  O O   . ASP A 1 47  ? 16.937  2.045   7.942   1.00 17.27 ? 47   ASP A O   1 
ATOM   396  C CB  . ASP A 1 47  ? 19.771  3.185   8.250   1.00 20.98 ? 47   ASP A CB  1 
ATOM   397  C CG  . ASP A 1 47  ? 20.308  2.944   6.855   1.00 23.72 ? 47   ASP A CG  1 
ATOM   398  O OD1 . ASP A 1 47  ? 20.123  1.827   6.325   1.00 24.21 ? 47   ASP A OD1 1 
ATOM   399  O OD2 . ASP A 1 47  ? 20.904  3.877   6.283   1.00 26.19 ? 47   ASP A OD2 1 
ATOM   400  N N   . LYS A 1 48  ? 17.007  3.578   6.296   1.00 17.72 ? 48   LYS A N   1 
ATOM   401  C CA  . LYS A 1 48  ? 16.014  2.900   5.468   1.00 17.96 ? 48   LYS A CA  1 
ATOM   402  C C   . LYS A 1 48  ? 16.415  1.471   5.121   1.00 18.40 ? 48   LYS A C   1 
ATOM   403  O O   . LYS A 1 48  ? 15.591  0.565   5.182   1.00 14.95 ? 48   LYS A O   1 
ATOM   404  C CB  . LYS A 1 48  ? 15.752  3.711   4.193   1.00 19.10 ? 48   LYS A CB  1 
ATOM   405  C CG  . LYS A 1 48  ? 14.783  3.066   3.202   1.00 20.13 ? 48   LYS A CG  1 
ATOM   406  C CD  . LYS A 1 48  ? 15.511  2.225   2.155   1.00 20.53 ? 48   LYS A CD  1 
ATOM   407  C CE  . LYS A 1 48  ? 16.477  3.078   1.338   1.00 22.13 ? 48   LYS A CE  1 
ATOM   408  N NZ  . LYS A 1 48  ? 17.172  2.298   0.277   1.00 20.78 ? 48   LYS A NZ  1 
ATOM   409  N N   . ASP A 1 49  ? 17.672  1.261   4.748   1.00 17.24 ? 49   ASP A N   1 
ATOM   410  C CA  . ASP A 1 49  ? 18.121  -0.087  4.415   1.00 19.26 ? 49   ASP A CA  1 
ATOM   411  C C   . ASP A 1 49  ? 18.074  -0.999  5.636   1.00 17.66 ? 49   ASP A C   1 
ATOM   412  O O   . ASP A 1 49  ? 17.752  -2.183  5.523   1.00 17.08 ? 49   ASP A O   1 
ATOM   413  C CB  . ASP A 1 49  ? 19.535  -0.046  3.840   1.00 20.60 ? 49   ASP A CB  1 
ATOM   414  C CG  . ASP A 1 49  ? 19.562  0.426   2.400   1.00 24.51 ? 49   ASP A CG  1 
ATOM   415  O OD1 . ASP A 1 49  ? 20.663  0.747   1.904   1.00 28.53 ? 49   ASP A OD1 1 
ATOM   416  O OD2 . ASP A 1 49  ? 18.489  0.465   1.757   1.00 25.42 ? 49   ASP A OD2 1 
ATOM   417  N N   . TYR A 1 50  ? 18.396  -0.454  6.806   1.00 18.05 ? 50   TYR A N   1 
ATOM   418  C CA  . TYR A 1 50  ? 18.357  -1.249  8.025   1.00 17.09 ? 50   TYR A CA  1 
ATOM   419  C C   . TYR A 1 50  ? 16.925  -1.710  8.276   1.00 17.25 ? 50   TYR A C   1 
ATOM   420  O O   . TYR A 1 50  ? 16.684  -2.863  8.622   1.00 17.71 ? 50   TYR A O   1 
ATOM   421  C CB  . TYR A 1 50  ? 18.847  -0.438  9.229   1.00 18.61 ? 50   TYR A CB  1 
ATOM   422  C CG  . TYR A 1 50  ? 18.824  -1.231  10.516  1.00 18.98 ? 50   TYR A CG  1 
ATOM   423  C CD1 . TYR A 1 50  ? 18.139  -0.763  11.636  1.00 19.75 ? 50   TYR A CD1 1 
ATOM   424  C CD2 . TYR A 1 50  ? 19.469  -2.467  10.606  1.00 21.53 ? 50   TYR A CD2 1 
ATOM   425  C CE1 . TYR A 1 50  ? 18.094  -1.503  12.813  1.00 20.72 ? 50   TYR A CE1 1 
ATOM   426  C CE2 . TYR A 1 50  ? 19.432  -3.214  11.778  1.00 21.69 ? 50   TYR A CE2 1 
ATOM   427  C CZ  . TYR A 1 50  ? 18.741  -2.727  12.876  1.00 22.20 ? 50   TYR A CZ  1 
ATOM   428  O OH  . TYR A 1 50  ? 18.689  -3.465  14.033  1.00 24.37 ? 50   TYR A OH  1 
ATOM   429  N N   . TYR A 1 51  ? 15.974  -0.800  8.099   1.00 15.80 ? 51   TYR A N   1 
ATOM   430  C CA  . TYR A 1 51  ? 14.571  -1.143  8.308   1.00 14.05 ? 51   TYR A CA  1 
ATOM   431  C C   . TYR A 1 51  ? 14.144  -2.271  7.369   1.00 13.80 ? 51   TYR A C   1 
ATOM   432  O O   . TYR A 1 51  ? 13.476  -3.219  7.789   1.00 11.68 ? 51   TYR A O   1 
ATOM   433  C CB  . TYR A 1 51  ? 13.682  0.085   8.073   1.00 13.04 ? 51   TYR A CB  1 
ATOM   434  C CG  . TYR A 1 51  ? 12.204  -0.231  8.081   1.00 14.09 ? 51   TYR A CG  1 
ATOM   435  C CD1 . TYR A 1 51  ? 11.595  -0.778  9.209   1.00 13.02 ? 51   TYR A CD1 1 
ATOM   436  C CD2 . TYR A 1 51  ? 11.413  0.008   6.955   1.00 14.21 ? 51   TYR A CD2 1 
ATOM   437  C CE1 . TYR A 1 51  ? 10.235  -1.082  9.220   1.00 13.40 ? 51   TYR A CE1 1 
ATOM   438  C CE2 . TYR A 1 51  ? 10.049  -0.292  6.956   1.00 12.44 ? 51   TYR A CE2 1 
ATOM   439  C CZ  . TYR A 1 51  ? 9.471   -0.834  8.088   1.00 13.27 ? 51   TYR A CZ  1 
ATOM   440  O OH  . TYR A 1 51  ? 8.126   -1.123  8.099   1.00 10.59 ? 51   TYR A OH  1 
ATOM   441  N N   . LEU A 1 52  ? 14.531  -2.172  6.100   1.00 14.10 ? 52   LEU A N   1 
ATOM   442  C CA  . LEU A 1 52  ? 14.166  -3.199  5.133   1.00 13.80 ? 52   LEU A CA  1 
ATOM   443  C C   . LEU A 1 52  ? 14.777  -4.548  5.505   1.00 14.77 ? 52   LEU A C   1 
ATOM   444  O O   . LEU A 1 52  ? 14.160  -5.587  5.302   1.00 14.21 ? 52   LEU A O   1 
ATOM   445  C CB  . LEU A 1 52  ? 14.604  -2.788  3.723   1.00 15.65 ? 52   LEU A CB  1 
ATOM   446  C CG  . LEU A 1 52  ? 13.929  -1.526  3.171   1.00 16.23 ? 52   LEU A CG  1 
ATOM   447  C CD1 . LEU A 1 52  ? 14.401  -1.271  1.744   1.00 17.27 ? 52   LEU A CD1 1 
ATOM   448  C CD2 . LEU A 1 52  ? 12.411  -1.701  3.209   1.00 14.63 ? 52   LEU A CD2 1 
ATOM   449  N N   . SER A 1 53  ? 15.989  -4.532  6.054   1.00 15.43 ? 53   SER A N   1 
ATOM   450  C CA  . SER A 1 53  ? 16.636  -5.778  6.447   1.00 15.55 ? 53   SER A CA  1 
ATOM   451  C C   . SER A 1 53  ? 15.895  -6.373  7.639   1.00 15.26 ? 53   SER A C   1 
ATOM   452  O O   . SER A 1 53  ? 15.821  -7.594  7.783   1.00 15.84 ? 53   SER A O   1 
ATOM   453  C CB  . SER A 1 53  ? 18.112  -5.538  6.805   1.00 16.60 ? 53   SER A CB  1 
ATOM   454  O OG  . SER A 1 53  ? 18.256  -4.922  8.073   1.00 19.94 ? 53   SER A OG  1 
ATOM   455  N N   . ILE A 1 54  ? 15.347  -5.507  8.492   1.00 15.93 ? 54   ILE A N   1 
ATOM   456  C CA  . ILE A 1 54  ? 14.591  -5.951  9.667   1.00 16.17 ? 54   ILE A CA  1 
ATOM   457  C C   . ILE A 1 54  ? 13.302  -6.647  9.226   1.00 17.85 ? 54   ILE A C   1 
ATOM   458  O O   . ILE A 1 54  ? 12.865  -7.619  9.846   1.00 18.66 ? 54   ILE A O   1 
ATOM   459  C CB  . ILE A 1 54  ? 14.232  -4.758  10.594  1.00 16.99 ? 54   ILE A CB  1 
ATOM   460  C CG1 . ILE A 1 54  ? 15.493  -4.240  11.295  1.00 18.12 ? 54   ILE A CG1 1 
ATOM   461  C CG2 . ILE A 1 54  ? 13.196  -5.184  11.631  1.00 19.60 ? 54   ILE A CG2 1 
ATOM   462  C CD1 . ILE A 1 54  ? 16.169  -5.264  12.188  1.00 22.78 ? 54   ILE A CD1 1 
ATOM   463  N N   . LEU A 1 55  ? 12.691  -6.146  8.157   1.00 16.79 ? 55   LEU A N   1 
ATOM   464  C CA  . LEU A 1 55  ? 11.471  -6.757  7.647   1.00 16.98 ? 55   LEU A CA  1 
ATOM   465  C C   . LEU A 1 55  ? 11.790  -8.152  7.116   1.00 19.01 ? 55   LEU A C   1 
ATOM   466  O O   . LEU A 1 55  ? 11.056  -9.106  7.372   1.00 19.31 ? 55   LEU A O   1 
ATOM   467  C CB  . LEU A 1 55  ? 10.853  -5.888  6.541   1.00 14.44 ? 55   LEU A CB  1 
ATOM   468  C CG  . LEU A 1 55  ? 10.249  -4.557  7.011   1.00 14.56 ? 55   LEU A CG  1 
ATOM   469  C CD1 . LEU A 1 55  ? 9.609   -3.821  5.836   1.00 13.89 ? 55   LEU A CD1 1 
ATOM   470  C CD2 . LEU A 1 55  ? 9.205   -4.818  8.086   1.00 14.29 ? 55   LEU A CD2 1 
ATOM   471  N N   . LYS A 1 56  ? 12.896  -8.269  6.387   1.00 19.49 ? 56   LYS A N   1 
ATOM   472  C CA  . LYS A 1 56  ? 13.308  -9.555  5.829   1.00 22.86 ? 56   LYS A CA  1 
ATOM   473  C C   . LYS A 1 56  ? 13.722  -10.540 6.919   1.00 24.32 ? 56   LYS A C   1 
ATOM   474  O O   . LYS A 1 56  ? 13.439  -11.736 6.832   1.00 23.59 ? 56   LYS A O   1 
ATOM   475  C CB  . LYS A 1 56  ? 14.468  -9.359  4.851   1.00 24.20 ? 56   LYS A CB  1 
ATOM   476  C CG  . LYS A 1 56  ? 14.113  -8.536  3.632   1.00 27.73 ? 56   LYS A CG  1 
ATOM   477  C CD  . LYS A 1 56  ? 15.284  -8.439  2.668   1.00 29.98 ? 56   LYS A CD  1 
ATOM   478  C CE  . LYS A 1 56  ? 14.932  -7.567  1.476   1.00 30.99 ? 56   LYS A CE  1 
ATOM   479  N NZ  . LYS A 1 56  ? 16.083  -7.405  0.551   1.00 32.68 ? 56   LYS A NZ  1 
ATOM   480  N N   . LYS A 1 57  ? 14.391  -10.032 7.947   1.00 25.61 ? 57   LYS A N   1 
ATOM   481  C CA  . LYS A 1 57  ? 14.841  -10.870 9.049   1.00 28.50 ? 57   LYS A CA  1 
ATOM   482  C C   . LYS A 1 57  ? 13.641  -11.474 9.770   1.00 28.97 ? 57   LYS A C   1 
ATOM   483  O O   . LYS A 1 57  ? 13.739  -12.544 10.373  1.00 29.11 ? 57   LYS A O   1 
ATOM   484  C CB  . LYS A 1 57  ? 15.663  -10.042 10.036  1.00 29.31 ? 57   LYS A CB  1 
ATOM   485  C CG  . LYS A 1 57  ? 16.360  -10.862 11.111  1.00 33.68 ? 57   LYS A CG  1 
ATOM   486  C CD  . LYS A 1 57  ? 17.088  -9.971  12.105  1.00 35.98 ? 57   LYS A CD  1 
ATOM   487  C CE  . LYS A 1 57  ? 16.115  -9.265  13.030  1.00 36.77 ? 57   LYS A CE  1 
ATOM   488  N NZ  . LYS A 1 57  ? 15.416  -10.244 13.914  1.00 39.40 ? 57   LYS A NZ  1 
ATOM   489  N N   . ASN A 1 58  ? 12.508  -10.784 9.702   1.00 29.86 ? 58   ASN A N   1 
ATOM   490  C CA  . ASN A 1 58  ? 11.295  -11.251 10.358  1.00 30.28 ? 58   ASN A CA  1 
ATOM   491  C C   . ASN A 1 58  ? 10.369  -12.044 9.440   1.00 29.31 ? 58   ASN A C   1 
ATOM   492  O O   . ASN A 1 58  ? 9.184   -12.203 9.730   1.00 30.59 ? 58   ASN A O   1 
ATOM   493  C CB  . ASN A 1 58  ? 10.551  -10.068 10.977  1.00 32.18 ? 58   ASN A CB  1 
ATOM   494  C CG  . ASN A 1 58  ? 11.207  -9.574  12.253  1.00 35.71 ? 58   ASN A CG  1 
ATOM   495  O OD1 . ASN A 1 58  ? 10.918  -8.480  12.730  1.00 39.73 ? 58   ASN A OD1 1 
ATOM   496  N ND2 . ASN A 1 58  ? 12.089  -10.390 12.819  1.00 38.24 ? 58   ASN A ND2 1 
ATOM   497  N N   . GLY A 1 59  ? 10.918  -12.541 8.337   1.00 27.24 ? 59   GLY A N   1 
ATOM   498  C CA  . GLY A 1 59  ? 10.137  -13.342 7.411   1.00 26.21 ? 59   GLY A CA  1 
ATOM   499  C C   . GLY A 1 59  ? 9.174   -12.620 6.488   1.00 25.48 ? 59   GLY A C   1 
ATOM   500  O O   . GLY A 1 59  ? 8.277   -13.242 5.919   1.00 25.89 ? 59   GLY A O   1 
ATOM   501  N N   . LEU A 1 60  ? 9.353   -11.314 6.330   1.00 22.68 ? 60   LEU A N   1 
ATOM   502  C CA  . LEU A 1 60  ? 8.480   -10.538 5.461   1.00 22.17 ? 60   LEU A CA  1 
ATOM   503  C C   . LEU A 1 60  ? 9.258   -10.033 4.255   1.00 21.83 ? 60   LEU A C   1 
ATOM   504  O O   . LEU A 1 60  ? 10.385  -9.559  4.385   1.00 25.42 ? 60   LEU A O   1 
ATOM   505  C CB  . LEU A 1 60  ? 7.890   -9.355  6.234   1.00 19.37 ? 60   LEU A CB  1 
ATOM   506  C CG  . LEU A 1 60  ? 7.124   -9.735  7.501   1.00 19.20 ? 60   LEU A CG  1 
ATOM   507  C CD1 . LEU A 1 60  ? 6.703   -8.481  8.247   1.00 17.04 ? 60   LEU A CD1 1 
ATOM   508  C CD2 . LEU A 1 60  ? 5.912   -10.572 7.131   1.00 18.68 ? 60   LEU A CD2 1 
ATOM   509  N N   . GLN A 1 61  ? 8.654   -10.146 3.078   1.00 21.06 ? 61   GLN A N   1 
ATOM   510  C CA  . GLN A 1 61  ? 9.290   -9.696  1.850   1.00 20.86 ? 61   GLN A CA  1 
ATOM   511  C C   . GLN A 1 61  ? 8.844   -8.260  1.612   1.00 18.57 ? 61   GLN A C   1 
ATOM   512  O O   . GLN A 1 61  ? 7.655   -7.995  1.420   1.00 18.78 ? 61   GLN A O   1 
ATOM   513  C CB  . GLN A 1 61  ? 8.856   -10.579 0.682   1.00 24.22 ? 61   GLN A CB  1 
ATOM   514  C CG  . GLN A 1 61  ? 9.073   -12.060 0.936   1.00 29.37 ? 61   GLN A CG  1 
ATOM   515  C CD  . GLN A 1 61  ? 7.849   -12.886 0.602   1.00 32.53 ? 61   GLN A CD  1 
ATOM   516  O OE1 . GLN A 1 61  ? 7.440   -12.969 -0.557  1.00 36.33 ? 61   GLN A OE1 1 
ATOM   517  N NE2 . GLN A 1 61  ? 7.249   -13.494 1.618   1.00 34.97 ? 61   GLN A NE2 1 
ATOM   518  N N   . PRO A 1 62  ? 9.789   -7.312  1.649   1.00 15.19 ? 62   PRO A N   1 
ATOM   519  C CA  . PRO A 1 62  ? 9.417   -5.914  1.432   1.00 13.70 ? 62   PRO A CA  1 
ATOM   520  C C   . PRO A 1 62  ? 9.734   -5.355  0.050   1.00 11.43 ? 62   PRO A C   1 
ATOM   521  O O   . PRO A 1 62  ? 10.593  -5.869  -0.666  1.00 14.18 ? 62   PRO A O   1 
ATOM   522  C CB  . PRO A 1 62  ? 10.217  -5.195  2.501   1.00 14.82 ? 62   PRO A CB  1 
ATOM   523  C CG  . PRO A 1 62  ? 11.527  -5.935  2.437   1.00 14.92 ? 62   PRO A CG  1 
ATOM   524  C CD  . PRO A 1 62  ? 11.106  -7.401  2.313   1.00 17.02 ? 62   PRO A CD  1 
ATOM   525  N N   . LEU A 1 63  ? 9.016   -4.296  -0.308  1.00 11.19 ? 63   LEU A N   1 
ATOM   526  C CA  . LEU A 1 63  ? 9.233   -3.566  -1.553  1.00 11.12 ? 63   LEU A CA  1 
ATOM   527  C C   . LEU A 1 63  ? 9.092   -2.105  -1.151  1.00 11.74 ? 63   LEU A C   1 
ATOM   528  O O   . LEU A 1 63  ? 8.069   -1.710  -0.589  1.00 12.91 ? 63   LEU A O   1 
ATOM   529  C CB  . LEU A 1 63  ? 8.180   -3.895  -2.615  1.00 11.36 ? 63   LEU A CB  1 
ATOM   530  C CG  . LEU A 1 63  ? 8.360   -3.047  -3.882  1.00 14.98 ? 63   LEU A CG  1 
ATOM   531  C CD1 . LEU A 1 63  ? 9.718   -3.345  -4.506  1.00 17.07 ? 63   LEU A CD1 1 
ATOM   532  C CD2 . LEU A 1 63  ? 7.238   -3.326  -4.862  1.00 14.86 ? 63   LEU A CD2 1 
ATOM   533  N N   . HIS A 1 64  ? 10.116  -1.305  -1.423  1.00 10.93 ? 64   HIS A N   1 
ATOM   534  C CA  . HIS A 1 64  ? 10.076  0.102   -1.057  1.00 11.44 ? 64   HIS A CA  1 
ATOM   535  C C   . HIS A 1 64  ? 9.774   0.979   -2.270  1.00 12.92 ? 64   HIS A C   1 
ATOM   536  O O   . HIS A 1 64  ? 10.554  1.034   -3.216  1.00 12.82 ? 64   HIS A O   1 
ATOM   537  C CB  . HIS A 1 64  ? 11.418  0.488   -0.413  1.00 11.95 ? 64   HIS A CB  1 
ATOM   538  C CG  . HIS A 1 64  ? 11.504  1.915   0.032   1.00 13.37 ? 64   HIS A CG  1 
ATOM   539  N ND1 . HIS A 1 64  ? 10.440  2.593   0.587   1.00 15.10 ? 64   HIS A ND1 1 
ATOM   540  C CD2 . HIS A 1 64  ? 12.548  2.778   0.046   1.00 12.10 ? 64   HIS A CD2 1 
ATOM   541  C CE1 . HIS A 1 64  ? 10.825  3.812   0.922   1.00 12.07 ? 64   HIS A CE1 1 
ATOM   542  N NE2 . HIS A 1 64  ? 12.099  3.948   0.605   1.00 16.08 ? 64   HIS A NE2 1 
ATOM   543  N N   . ILE A 1 65  ? 8.623   1.648   -2.239  1.00 12.87 ? 65   ILE A N   1 
ATOM   544  C CA  . ILE A 1 65  ? 8.209   2.545   -3.314  1.00 11.63 ? 65   ILE A CA  1 
ATOM   545  C C   . ILE A 1 65  ? 7.844   3.860   -2.622  1.00 12.31 ? 65   ILE A C   1 
ATOM   546  O O   . ILE A 1 65  ? 6.689   4.096   -2.259  1.00 10.47 ? 65   ILE A O   1 
ATOM   547  C CB  . ILE A 1 65  ? 6.985   1.984   -4.089  1.00 12.76 ? 65   ILE A CB  1 
ATOM   548  C CG1 . ILE A 1 65  ? 7.335   0.628   -4.721  1.00 13.20 ? 65   ILE A CG1 1 
ATOM   549  C CG2 . ILE A 1 65  ? 6.562   2.966   -5.180  1.00 13.35 ? 65   ILE A CG2 1 
ATOM   550  C CD1 . ILE A 1 65  ? 8.430   0.691   -5.784  1.00 11.58 ? 65   ILE A CD1 1 
ATOM   551  N N   . PRO A 1 66  ? 8.843   4.731   -2.419  1.00 12.51 ? 66   PRO A N   1 
ATOM   552  C CA  . PRO A 1 66  ? 8.701   6.037   -1.764  1.00 13.05 ? 66   PRO A CA  1 
ATOM   553  C C   . PRO A 1 66  ? 7.745   7.014   -2.432  1.00 12.82 ? 66   PRO A C   1 
ATOM   554  O O   . PRO A 1 66  ? 7.945   7.399   -3.581  1.00 12.81 ? 66   PRO A O   1 
ATOM   555  C CB  . PRO A 1 66  ? 10.128  6.593   -1.765  1.00 14.55 ? 66   PRO A CB  1 
ATOM   556  C CG  . PRO A 1 66  ? 10.998  5.392   -1.960  1.00 19.36 ? 66   PRO A CG  1 
ATOM   557  C CD  . PRO A 1 66  ? 10.220  4.535   -2.902  1.00 13.71 ? 66   PRO A CD  1 
ATOM   558  N N   . ILE A 1 67  ? 6.731   7.434   -1.684  1.00 11.74 ? 67   ILE A N   1 
ATOM   559  C CA  . ILE A 1 67  ? 5.748   8.400   -2.163  1.00 12.43 ? 67   ILE A CA  1 
ATOM   560  C C   . ILE A 1 67  ? 5.754   9.565   -1.179  1.00 12.70 ? 67   ILE A C   1 
ATOM   561  O O   . ILE A 1 67  ? 5.628   9.362   0.026   1.00 12.87 ? 67   ILE A O   1 
ATOM   562  C CB  . ILE A 1 67  ? 4.330   7.802   -2.192  1.00 11.86 ? 67   ILE A CB  1 
ATOM   563  C CG1 . ILE A 1 67  ? 4.277   6.623   -3.166  1.00 10.81 ? 67   ILE A CG1 1 
ATOM   564  C CG2 . ILE A 1 67  ? 3.316   8.873   -2.588  1.00 12.78 ? 67   ILE A CG2 1 
ATOM   565  C CD1 . ILE A 1 67  ? 2.920   5.934   -3.220  1.00 11.51 ? 67   ILE A CD1 1 
ATOM   566  N N   . PRO A 1 68  ? 5.912   10.801  -1.677  1.00 14.12 ? 68   PRO A N   1 
ATOM   567  C CA  . PRO A 1 68  ? 5.925   11.956  -0.778  1.00 15.66 ? 68   PRO A CA  1 
ATOM   568  C C   . PRO A 1 68  ? 4.586   12.115  -0.072  1.00 14.83 ? 68   PRO A C   1 
ATOM   569  O O   . PRO A 1 68  ? 3.530   11.867  -0.659  1.00 14.23 ? 68   PRO A O   1 
ATOM   570  C CB  . PRO A 1 68  ? 6.219   13.128  -1.718  1.00 15.99 ? 68   PRO A CB  1 
ATOM   571  C CG  . PRO A 1 68  ? 6.990   12.492  -2.828  1.00 18.76 ? 68   PRO A CG  1 
ATOM   572  C CD  . PRO A 1 68  ? 6.223   11.212  -3.057  1.00 16.36 ? 68   PRO A CD  1 
ATOM   573  N N   . ASP A 1 69  ? 4.634   12.534  1.187   1.00 14.92 ? 69   ASP A N   1 
ATOM   574  C CA  . ASP A 1 69  ? 3.426   12.729  1.977   1.00 14.95 ? 69   ASP A CA  1 
ATOM   575  C C   . ASP A 1 69  ? 2.449   13.632  1.227   1.00 15.84 ? 69   ASP A C   1 
ATOM   576  O O   . ASP A 1 69  ? 2.832   14.694  0.729   1.00 16.12 ? 69   ASP A O   1 
ATOM   577  C CB  . ASP A 1 69  ? 3.793   13.343  3.332   1.00 16.44 ? 69   ASP A CB  1 
ATOM   578  C CG  . ASP A 1 69  ? 2.619   13.406  4.283   1.00 18.21 ? 69   ASP A CG  1 
ATOM   579  O OD1 . ASP A 1 69  ? 1.633   12.676  4.069   1.00 19.71 ? 69   ASP A OD1 1 
ATOM   580  O OD2 . ASP A 1 69  ? 2.688   14.178  5.261   1.00 21.60 ? 69   ASP A OD2 1 
ATOM   581  N N   . GLY A 1 70  ? 1.197   13.190  1.142   1.00 15.62 ? 70   GLY A N   1 
ATOM   582  C CA  . GLY A 1 70  ? 0.169   13.950  0.449   1.00 16.33 ? 70   GLY A CA  1 
ATOM   583  C C   . GLY A 1 70  ? 0.137   13.699  -1.049  1.00 17.93 ? 70   GLY A C   1 
ATOM   584  O O   . GLY A 1 70  ? -0.778  14.149  -1.746  1.00 17.37 ? 70   GLY A O   1 
ATOM   585  N N   . GLY A 1 71  ? 1.128   12.964  -1.543  1.00 16.33 ? 71   GLY A N   1 
ATOM   586  C CA  . GLY A 1 71  ? 1.208   12.692  -2.965  1.00 16.50 ? 71   GLY A CA  1 
ATOM   587  C C   . GLY A 1 71  ? 0.671   11.352  -3.422  1.00 16.81 ? 71   GLY A C   1 
ATOM   588  O O   . GLY A 1 71  ? 0.001   10.634  -2.674  1.00 15.59 ? 71   GLY A O   1 
ATOM   589  N N   . VAL A 1 72  ? 0.978   11.022  -4.671  1.00 14.87 ? 72   VAL A N   1 
ATOM   590  C CA  . VAL A 1 72  ? 0.543   9.776   -5.272  1.00 12.67 ? 72   VAL A CA  1 
ATOM   591  C C   . VAL A 1 72  ? 1.712   9.145   -6.015  1.00 12.50 ? 72   VAL A C   1 
ATOM   592  O O   . VAL A 1 72  ? 2.696   9.814   -6.338  1.00 11.82 ? 72   VAL A O   1 
ATOM   593  C CB  . VAL A 1 72  ? -0.608  10.016  -6.273  1.00 13.60 ? 72   VAL A CB  1 
ATOM   594  C CG1 . VAL A 1 72  ? -1.772  10.692  -5.567  1.00 11.99 ? 72   VAL A CG1 1 
ATOM   595  C CG2 . VAL A 1 72  ? -0.117  10.874  -7.441  1.00 15.30 ? 72   VAL A CG2 1 
ATOM   596  N N   . PRO A 1 73  ? 1.626   7.841   -6.289  1.00 13.98 ? 73   PRO A N   1 
ATOM   597  C CA  . PRO A 1 73  ? 2.739   7.230   -7.008  1.00 12.97 ? 73   PRO A CA  1 
ATOM   598  C C   . PRO A 1 73  ? 2.754   7.767   -8.436  1.00 13.69 ? 73   PRO A C   1 
ATOM   599  O O   . PRO A 1 73  ? 1.719   8.184   -8.965  1.00 13.17 ? 73   PRO A O   1 
ATOM   600  C CB  . PRO A 1 73  ? 2.404   5.743   -6.953  1.00 13.54 ? 73   PRO A CB  1 
ATOM   601  C CG  . PRO A 1 73  ? 0.908   5.740   -6.998  1.00 14.48 ? 73   PRO A CG  1 
ATOM   602  C CD  . PRO A 1 73  ? 0.550   6.863   -6.042  1.00 12.31 ? 73   PRO A CD  1 
ATOM   603  N N   . SER A 1 74  ? 3.930   7.800   -9.048  1.00 13.67 ? 74   SER A N   1 
ATOM   604  C CA  . SER A 1 74  ? 4.026   8.243   -10.429 1.00 13.03 ? 74   SER A CA  1 
ATOM   605  C C   . SER A 1 74  ? 3.442   7.068   -11.215 1.00 13.58 ? 74   SER A C   1 
ATOM   606  O O   . SER A 1 74  ? 3.234   5.994   -10.650 1.00 11.97 ? 74   SER A O   1 
ATOM   607  C CB  . SER A 1 74  ? 5.490   8.447   -10.817 1.00 13.31 ? 74   SER A CB  1 
ATOM   608  O OG  . SER A 1 74  ? 6.193   7.220   -10.738 1.00 15.03 ? 74   SER A OG  1 
ATOM   609  N N   . ASP A 1 75  ? 3.174   7.251   -12.503 1.00 14.40 ? 75   ASP A N   1 
ATOM   610  C CA  . ASP A 1 75  ? 2.626   6.148   -13.287 1.00 15.38 ? 75   ASP A CA  1 
ATOM   611  C C   . ASP A 1 75  ? 3.573   4.951   -13.292 1.00 15.68 ? 75   ASP A C   1 
ATOM   612  O O   . ASP A 1 75  ? 3.134   3.802   -13.231 1.00 15.76 ? 75   ASP A O   1 
ATOM   613  C CB  . ASP A 1 75  ? 2.335   6.599   -14.721 1.00 17.80 ? 75   ASP A CB  1 
ATOM   614  C CG  . ASP A 1 75  ? 1.037   7.385   -14.832 1.00 19.99 ? 75   ASP A CG  1 
ATOM   615  O OD1 . ASP A 1 75  ? 0.408   7.666   -13.788 1.00 19.86 ? 75   ASP A OD1 1 
ATOM   616  O OD2 . ASP A 1 75  ? 0.645   7.724   -15.970 1.00 22.19 ? 75   ASP A OD2 1 
ATOM   617  N N   . SER A 1 76  ? 4.876   5.214   -13.354 1.00 16.17 ? 76   SER A N   1 
ATOM   618  C CA  . SER A 1 76  ? 5.849   4.129   -13.347 1.00 15.01 ? 76   SER A CA  1 
ATOM   619  C C   . SER A 1 76  ? 5.809   3.402   -11.998 1.00 14.23 ? 76   SER A C   1 
ATOM   620  O O   . SER A 1 76  ? 5.834   2.178   -11.947 1.00 12.96 ? 76   SER A O   1 
ATOM   621  C CB  . SER A 1 76  ? 7.259   4.666   -13.623 1.00 17.37 ? 76   SER A CB  1 
ATOM   622  O OG  . SER A 1 76  ? 7.601   5.715   -12.738 1.00 22.66 ? 76   SER A OG  1 
ATOM   623  N N   . GLN A 1 77  ? 5.739   4.157   -10.907 1.00 12.06 ? 77   GLN A N   1 
ATOM   624  C CA  . GLN A 1 77  ? 5.680   3.537   -9.584  1.00 12.38 ? 77   GLN A CA  1 
ATOM   625  C C   . GLN A 1 77  ? 4.397   2.731   -9.405  1.00 10.70 ? 77   GLN A C   1 
ATOM   626  O O   . GLN A 1 77  ? 4.397   1.684   -8.757  1.00 10.65 ? 77   GLN A O   1 
ATOM   627  C CB  . GLN A 1 77  ? 5.728   4.596   -8.484  1.00 13.57 ? 77   GLN A CB  1 
ATOM   628  C CG  . GLN A 1 77  ? 7.059   5.291   -8.316  1.00 15.54 ? 77   GLN A CG  1 
ATOM   629  C CD  . GLN A 1 77  ? 7.025   6.282   -7.174  1.00 14.81 ? 77   GLN A CD  1 
ATOM   630  O OE1 . GLN A 1 77  ? 6.157   7.156   -7.125  1.00 14.74 ? 77   GLN A OE1 1 
ATOM   631  N NE2 . GLN A 1 77  ? 7.966   6.151   -6.244  1.00 14.17 ? 77   GLN A NE2 1 
ATOM   632  N N   . PHE A 1 78  ? 3.302   3.233   -9.964  1.00 11.88 ? 78   PHE A N   1 
ATOM   633  C CA  . PHE A 1 78  ? 2.020   2.555   -9.826  1.00 10.51 ? 78   PHE A CA  1 
ATOM   634  C C   . PHE A 1 78  ? 2.058   1.206   -10.528 1.00 11.79 ? 78   PHE A C   1 
ATOM   635  O O   . PHE A 1 78  ? 1.494   0.231   -10.047 1.00 11.89 ? 78   PHE A O   1 
ATOM   636  C CB  . PHE A 1 78  ? 0.893   3.417   -10.394 1.00 12.29 ? 78   PHE A CB  1 
ATOM   637  C CG  . PHE A 1 78  ? -0.478  2.874   -10.107 1.00 13.08 ? 78   PHE A CG  1 
ATOM   638  C CD1 . PHE A 1 78  ? -0.923  2.741   -8.794  1.00 15.58 ? 78   PHE A CD1 1 
ATOM   639  C CD2 . PHE A 1 78  ? -1.315  2.476   -11.143 1.00 14.79 ? 78   PHE A CD2 1 
ATOM   640  C CE1 . PHE A 1 78  ? -2.186  2.223   -8.516  1.00 15.59 ? 78   PHE A CE1 1 
ATOM   641  C CE2 . PHE A 1 78  ? -2.580  1.955   -10.876 1.00 13.43 ? 78   PHE A CE2 1 
ATOM   642  C CZ  . PHE A 1 78  ? -3.017  1.828   -9.559  1.00 15.05 ? 78   PHE A CZ  1 
ATOM   643  N N   . LEU A 1 79  ? 2.724   1.157   -11.673 1.00 12.39 ? 79   LEU A N   1 
ATOM   644  C CA  . LEU A 1 79  ? 2.837   -0.093  -12.405 1.00 12.66 ? 79   LEU A CA  1 
ATOM   645  C C   . LEU A 1 79  ? 3.589   -1.098  -11.533 1.00 11.46 ? 79   LEU A C   1 
ATOM   646  O O   . LEU A 1 79  ? 3.195   -2.261  -11.427 1.00 12.02 ? 79   LEU A O   1 
ATOM   647  C CB  . LEU A 1 79  ? 3.592   0.132   -13.718 1.00 12.83 ? 79   LEU A CB  1 
ATOM   648  C CG  . LEU A 1 79  ? 3.690   -1.077  -14.648 1.00 15.52 ? 79   LEU A CG  1 
ATOM   649  C CD1 . LEU A 1 79  ? 2.305   -1.414  -15.186 1.00 17.49 ? 79   LEU A CD1 1 
ATOM   650  C CD2 . LEU A 1 79  ? 4.648   -0.762  -15.794 1.00 17.78 ? 79   LEU A CD2 1 
ATOM   651  N N   . THR A 1 80  ? 4.663   -0.635  -10.899 1.00 10.80 ? 80   THR A N   1 
ATOM   652  C CA  . THR A 1 80  ? 5.487   -1.480  -10.039 1.00 11.66 ? 80   THR A CA  1 
ATOM   653  C C   . THR A 1 80  ? 4.712   -1.953  -8.812  1.00 10.46 ? 80   THR A C   1 
ATOM   654  O O   . THR A 1 80  ? 4.783   -3.123  -8.433  1.00 12.49 ? 80   THR A O   1 
ATOM   655  C CB  . THR A 1 80  ? 6.748   -0.717  -9.582  1.00 11.79 ? 80   THR A CB  1 
ATOM   656  O OG1 . THR A 1 80  ? 7.484   -0.289  -10.732 1.00 13.11 ? 80   THR A OG1 1 
ATOM   657  C CG2 . THR A 1 80  ? 7.636   -1.616  -8.720  1.00 11.56 ? 80   THR A CG2 1 
ATOM   658  N N   . ILE A 1 81  ? 3.978   -1.032  -8.197  1.00 10.79 ? 81   ILE A N   1 
ATOM   659  C CA  . ILE A 1 81  ? 3.173   -1.333  -7.020  1.00 9.56  ? 81   ILE A CA  1 
ATOM   660  C C   . ILE A 1 81  ? 2.123   -2.393  -7.337  1.00 10.80 ? 81   ILE A C   1 
ATOM   661  O O   . ILE A 1 81  ? 1.977   -3.369  -6.612  1.00 10.40 ? 81   ILE A O   1 
ATOM   662  C CB  . ILE A 1 81  ? 2.445   -0.063  -6.511  1.00 9.91  ? 81   ILE A CB  1 
ATOM   663  C CG1 . ILE A 1 81  ? 3.438   0.840   -5.777  1.00 9.43  ? 81   ILE A CG1 1 
ATOM   664  C CG2 . ILE A 1 81  ? 1.262   -0.449  -5.616  1.00 8.78  ? 81   ILE A CG2 1 
ATOM   665  C CD1 . ILE A 1 81  ? 2.865   2.202   -5.415  1.00 11.61 ? 81   ILE A CD1 1 
ATOM   666  N N   . MET A 1 82  ? 1.393   -2.206  -8.430  1.00 12.65 ? 82   MET A N   1 
ATOM   667  C CA  . MET A 1 82  ? 0.355   -3.170  -8.773  1.00 12.24 ? 82   MET A CA  1 
ATOM   668  C C   . MET A 1 82  ? 0.891   -4.524  -9.247  1.00 12.84 ? 82   MET A C   1 
ATOM   669  O O   . MET A 1 82  ? 0.264   -5.552  -9.013  1.00 13.59 ? 82   MET A O   1 
ATOM   670  C CB  . MET A 1 82  ? -0.599  -2.566  -9.806  1.00 10.74 ? 82   MET A CB  1 
ATOM   671  C CG  . MET A 1 82  ? -1.461  -1.442  -9.237  1.00 12.42 ? 82   MET A CG  1 
ATOM   672  S SD  . MET A 1 82  ? -2.390  -2.011  -7.788  1.00 15.62 ? 82   MET A SD  1 
ATOM   673  C CE  . MET A 1 82  ? -2.648  -0.513  -6.903  1.00 18.15 ? 82   MET A CE  1 
ATOM   674  N N   . LYS A 1 83  ? 2.039   -4.539  -9.913  1.00 13.18 ? 83   LYS A N   1 
ATOM   675  C CA  . LYS A 1 83  ? 2.598   -5.819  -10.334 1.00 16.10 ? 83   LYS A CA  1 
ATOM   676  C C   . LYS A 1 83  ? 2.946   -6.590  -9.056  1.00 15.88 ? 83   LYS A C   1 
ATOM   677  O O   . LYS A 1 83  ? 2.712   -7.797  -8.953  1.00 15.19 ? 83   LYS A O   1 
ATOM   678  C CB  . LYS A 1 83  ? 3.850   -5.615  -11.189 1.00 17.15 ? 83   LYS A CB  1 
ATOM   679  C CG  . LYS A 1 83  ? 4.508   -6.925  -11.617 1.00 20.99 ? 83   LYS A CG  1 
ATOM   680  C CD  . LYS A 1 83  ? 5.622   -6.700  -12.623 1.00 26.34 ? 83   LYS A CD  1 
ATOM   681  C CE  . LYS A 1 83  ? 6.294   -8.014  -13.021 1.00 29.85 ? 83   LYS A CE  1 
ATOM   682  N NZ  . LYS A 1 83  ? 7.100   -8.605  -11.914 1.00 29.67 ? 83   LYS A NZ  1 
ATOM   683  N N   . TRP A 1 84  ? 3.487   -5.872  -8.074  1.00 14.68 ? 84   TRP A N   1 
ATOM   684  C CA  . TRP A 1 84  ? 3.864   -6.468  -6.793  1.00 14.56 ? 84   TRP A CA  1 
ATOM   685  C C   . TRP A 1 84  ? 2.661   -6.986  -6.006  1.00 13.99 ? 84   TRP A C   1 
ATOM   686  O O   . TRP A 1 84  ? 2.637   -8.138  -5.588  1.00 14.46 ? 84   TRP A O   1 
ATOM   687  C CB  . TRP A 1 84  ? 4.637   -5.439  -5.950  1.00 15.47 ? 84   TRP A CB  1 
ATOM   688  C CG  . TRP A 1 84  ? 4.779   -5.781  -4.479  1.00 17.36 ? 84   TRP A CG  1 
ATOM   689  C CD1 . TRP A 1 84  ? 3.916   -5.448  -3.471  1.00 17.02 ? 84   TRP A CD1 1 
ATOM   690  C CD2 . TRP A 1 84  ? 5.856   -6.497  -3.862  1.00 18.04 ? 84   TRP A CD2 1 
ATOM   691  N NE1 . TRP A 1 84  ? 4.391   -5.907  -2.265  1.00 18.58 ? 84   TRP A NE1 1 
ATOM   692  C CE2 . TRP A 1 84  ? 5.579   -6.558  -2.476  1.00 16.86 ? 84   TRP A CE2 1 
ATOM   693  C CE3 . TRP A 1 84  ? 7.028   -7.096  -4.345  1.00 18.45 ? 84   TRP A CE3 1 
ATOM   694  C CZ2 . TRP A 1 84  ? 6.433   -7.193  -1.567  1.00 19.48 ? 84   TRP A CZ2 1 
ATOM   695  C CZ3 . TRP A 1 84  ? 7.877   -7.727  -3.443  1.00 19.20 ? 84   TRP A CZ3 1 
ATOM   696  C CH2 . TRP A 1 84  ? 7.574   -7.770  -2.068  1.00 21.38 ? 84   TRP A CH2 1 
ATOM   697  N N   . LEU A 1 85  ? 1.662   -6.131  -5.808  1.00 15.23 ? 85   LEU A N   1 
ATOM   698  C CA  . LEU A 1 85  ? 0.471   -6.513  -5.053  1.00 14.65 ? 85   LEU A CA  1 
ATOM   699  C C   . LEU A 1 85  ? -0.311  -7.648  -5.696  1.00 17.07 ? 85   LEU A C   1 
ATOM   700  O O   . LEU A 1 85  ? -0.897  -8.472  -5.002  1.00 18.38 ? 85   LEU A O   1 
ATOM   701  C CB  . LEU A 1 85  ? -0.446  -5.298  -4.856  1.00 13.18 ? 85   LEU A CB  1 
ATOM   702  C CG  . LEU A 1 85  ? 0.056   -4.215  -3.898  1.00 10.49 ? 85   LEU A CG  1 
ATOM   703  C CD1 . LEU A 1 85  ? -0.889  -3.008  -3.934  1.00 11.39 ? 85   LEU A CD1 1 
ATOM   704  C CD2 . LEU A 1 85  ? 0.150   -4.785  -2.478  1.00 12.66 ? 85   LEU A CD2 1 
ATOM   705  N N   . LEU A 1 86  ? -0.309  -7.701  -7.022  1.00 18.19 ? 86   LEU A N   1 
ATOM   706  C CA  . LEU A 1 86  ? -1.047  -8.737  -7.740  1.00 20.17 ? 86   LEU A CA  1 
ATOM   707  C C   . LEU A 1 86  ? -0.289  -10.059 -7.907  1.00 22.83 ? 86   LEU A C   1 
ATOM   708  O O   . LEU A 1 86  ? -0.884  -11.074 -8.270  1.00 23.21 ? 86   LEU A O   1 
ATOM   709  C CB  . LEU A 1 86  ? -1.482  -8.198  -9.109  1.00 19.99 ? 86   LEU A CB  1 
ATOM   710  C CG  . LEU A 1 86  ? -2.662  -7.210  -9.132  1.00 19.71 ? 86   LEU A CG  1 
ATOM   711  C CD1 . LEU A 1 86  ? -2.510  -6.147  -8.055  1.00 22.82 ? 86   LEU A CD1 1 
ATOM   712  C CD2 . LEU A 1 86  ? -2.750  -6.572  -10.502 1.00 20.50 ? 86   LEU A CD2 1 
ATOM   713  N N   . SER A 1 87  ? 1.012   -10.053 -7.629  1.00 23.47 ? 87   SER A N   1 
ATOM   714  C CA  . SER A 1 87  ? 1.838   -11.258 -7.764  1.00 23.88 ? 87   SER A CA  1 
ATOM   715  C C   . SER A 1 87  ? 1.476   -12.352 -6.758  1.00 24.37 ? 87   SER A C   1 
ATOM   716  O O   . SER A 1 87  ? 1.583   -13.541 -7.057  1.00 24.41 ? 87   SER A O   1 
ATOM   717  C CB  . SER A 1 87  ? 3.315   -10.902 -7.605  1.00 24.70 ? 87   SER A CB  1 
ATOM   718  O OG  . SER A 1 87  ? 3.594   -10.508 -6.275  1.00 30.09 ? 87   SER A OG  1 
ATOM   719  N N   . GLU A 1 88  ? 1.073   -11.940 -5.561  1.00 23.81 ? 88   GLU A N   1 
ATOM   720  C CA  . GLU A 1 88  ? 0.672   -12.861 -4.496  1.00 26.56 ? 88   GLU A CA  1 
ATOM   721  C C   . GLU A 1 88  ? -0.526  -12.226 -3.810  1.00 26.40 ? 88   GLU A C   1 
ATOM   722  O O   . GLU A 1 88  ? -0.454  -11.082 -3.374  1.00 26.92 ? 88   GLU A O   1 
ATOM   723  C CB  . GLU A 1 88  ? 1.808   -13.055 -3.487  1.00 28.81 ? 88   GLU A CB  1 
ATOM   724  C CG  . GLU A 1 88  ? 2.970   -13.894 -4.000  1.00 35.39 ? 88   GLU A CG  1 
ATOM   725  C CD  . GLU A 1 88  ? 2.629   -15.372 -4.100  1.00 38.28 ? 88   GLU A CD  1 
ATOM   726  O OE1 . GLU A 1 88  ? 1.644   -15.716 -4.784  1.00 41.13 ? 88   GLU A OE1 1 
ATOM   727  O OE2 . GLU A 1 88  ? 3.354   -16.191 -3.493  1.00 41.81 ? 88   GLU A OE2 1 
ATOM   728  N N   . LYS A 1 89  ? -1.623  -12.963 -3.700  1.00 26.08 ? 89   LYS A N   1 
ATOM   729  C CA  . LYS A 1 89  ? -2.824  -12.400 -3.100  1.00 26.97 ? 89   LYS A CA  1 
ATOM   730  C C   . LYS A 1 89  ? -2.910  -12.456 -1.576  1.00 25.31 ? 89   LYS A C   1 
ATOM   731  O O   . LYS A 1 89  ? -3.583  -11.624 -0.965  1.00 26.55 ? 89   LYS A O   1 
ATOM   732  C CB  . LYS A 1 89  ? -4.063  -13.057 -3.716  1.00 27.77 ? 89   LYS A CB  1 
ATOM   733  C CG  . LYS A 1 89  ? -5.338  -12.264 -3.498  1.00 30.61 ? 89   LYS A CG  1 
ATOM   734  C CD  . LYS A 1 89  ? -6.417  -12.666 -4.483  1.00 32.36 ? 89   LYS A CD  1 
ATOM   735  C CE  . LYS A 1 89  ? -7.632  -11.762 -4.352  1.00 34.32 ? 89   LYS A CE  1 
ATOM   736  N NZ  . LYS A 1 89  ? -8.659  -12.052 -5.393  1.00 35.21 ? 89   LYS A NZ  1 
ATOM   737  N N   . GLU A 1 90  ? -2.214  -13.404 -0.959  1.00 23.73 ? 90   GLU A N   1 
ATOM   738  C CA  . GLU A 1 90  ? -2.268  -13.552 0.493   1.00 24.35 ? 90   GLU A CA  1 
ATOM   739  C C   . GLU A 1 90  ? -1.285  -12.735 1.327   1.00 21.93 ? 90   GLU A C   1 
ATOM   740  O O   . GLU A 1 90  ? -0.099  -12.651 1.013   1.00 21.09 ? 90   GLU A O   1 
ATOM   741  C CB  . GLU A 1 90  ? -2.092  -15.021 0.884   1.00 27.26 ? 90   GLU A CB  1 
ATOM   742  C CG  . GLU A 1 90  ? -3.173  -15.956 0.386   1.00 33.26 ? 90   GLU A CG  1 
ATOM   743  C CD  . GLU A 1 90  ? -3.071  -17.332 1.022   1.00 36.00 ? 90   GLU A CD  1 
ATOM   744  O OE1 . GLU A 1 90  ? -3.904  -18.206 0.702   1.00 39.53 ? 90   GLU A OE1 1 
ATOM   745  O OE2 . GLU A 1 90  ? -2.157  -17.536 1.849   1.00 39.88 ? 90   GLU A OE2 1 
ATOM   746  N N   . GLY A 1 91  ? -1.807  -12.153 2.406   1.00 18.76 ? 91   GLY A N   1 
ATOM   747  C CA  . GLY A 1 91  ? -0.997  -11.402 3.347   1.00 16.87 ? 91   GLY A CA  1 
ATOM   748  C C   . GLY A 1 91  ? -0.322  -10.108 2.941   1.00 14.19 ? 91   GLY A C   1 
ATOM   749  O O   . GLY A 1 91  ? 0.755   -9.800  3.447   1.00 15.74 ? 91   GLY A O   1 
ATOM   750  N N   . ASN A 1 92  ? -0.942  -9.338  2.056   1.00 14.07 ? 92   ASN A N   1 
ATOM   751  C CA  . ASN A 1 92  ? -0.351  -8.072  1.645   1.00 12.50 ? 92   ASN A CA  1 
ATOM   752  C C   . ASN A 1 92  ? -0.624  -6.928  2.612   1.00 12.79 ? 92   ASN A C   1 
ATOM   753  O O   . ASN A 1 92  ? -1.774  -6.644  2.942   1.00 12.05 ? 92   ASN A O   1 
ATOM   754  C CB  . ASN A 1 92  ? -0.871  -7.654  0.274   1.00 12.97 ? 92   ASN A CB  1 
ATOM   755  C CG  . ASN A 1 92  ? -0.277  -8.472  -0.835  1.00 13.32 ? 92   ASN A CG  1 
ATOM   756  O OD1 . ASN A 1 92  ? 0.933   -8.463  -1.044  1.00 14.71 ? 92   ASN A OD1 1 
ATOM   757  N ND2 . ASN A 1 92  ? -1.125  -9.194  -1.554  1.00 16.69 ? 92   ASN A ND2 1 
ATOM   758  N N   . LEU A 1 93  ? 0.439   -6.267  3.053   1.00 11.15 ? 93   LEU A N   1 
ATOM   759  C CA  . LEU A 1 93  ? 0.291   -5.115  3.931   1.00 11.31 ? 93   LEU A CA  1 
ATOM   760  C C   . LEU A 1 93  ? 0.905   -3.916  3.230   1.00 10.60 ? 93   LEU A C   1 
ATOM   761  O O   . LEU A 1 93  ? 1.994   -4.017  2.667   1.00 11.76 ? 93   LEU A O   1 
ATOM   762  C CB  . LEU A 1 93  ? 1.010   -5.320  5.263   1.00 12.03 ? 93   LEU A CB  1 
ATOM   763  C CG  . LEU A 1 93  ? 0.863   -4.128  6.215   1.00 12.67 ? 93   LEU A CG  1 
ATOM   764  C CD1 . LEU A 1 93  ? -0.561  -4.087  6.763   1.00 13.40 ? 93   LEU A CD1 1 
ATOM   765  C CD2 . LEU A 1 93  ? 1.869   -4.245  7.356   1.00 13.66 ? 93   LEU A CD2 1 
ATOM   766  N N   . VAL A 1 94  ? 0.193   -2.796  3.245   1.00 9.32  ? 94   VAL A N   1 
ATOM   767  C CA  . VAL A 1 94  ? 0.686   -1.555  2.655   1.00 9.60  ? 94   VAL A CA  1 
ATOM   768  C C   . VAL A 1 94  ? 0.803   -0.583  3.828   1.00 9.58  ? 94   VAL A C   1 
ATOM   769  O O   . VAL A 1 94  ? -0.111  -0.493  4.643   1.00 10.30 ? 94   VAL A O   1 
ATOM   770  C CB  . VAL A 1 94  ? -0.310  -0.991  1.618   1.00 9.98  ? 94   VAL A CB  1 
ATOM   771  C CG1 . VAL A 1 94  ? 0.230   0.309   1.014   1.00 9.36  ? 94   VAL A CG1 1 
ATOM   772  C CG2 . VAL A 1 94  ? -0.552  -2.031  0.518   1.00 8.02  ? 94   VAL A CG2 1 
ATOM   773  N N   . HIS A 1 95  ? 1.924   0.128   3.943   1.00 10.48 ? 95   HIS A N   1 
ATOM   774  C CA  . HIS A 1 95  ? 2.054   1.073   5.047   1.00 8.92  ? 95   HIS A CA  1 
ATOM   775  C C   . HIS A 1 95  ? 2.782   2.359   4.694   1.00 11.35 ? 95   HIS A C   1 
ATOM   776  O O   . HIS A 1 95  ? 3.596   2.395   3.764   1.00 8.79  ? 95   HIS A O   1 
ATOM   777  C CB  . HIS A 1 95  ? 2.729   0.393   6.267   1.00 10.42 ? 95   HIS A CB  1 
ATOM   778  C CG  . HIS A 1 95  ? 4.229   0.495   6.300   1.00 9.87  ? 95   HIS A CG  1 
ATOM   779  N ND1 . HIS A 1 95  ? 4.894   1.653   6.645   1.00 9.87  ? 95   HIS A ND1 1 
ATOM   780  C CD2 . HIS A 1 95  ? 5.189   -0.432  6.063   1.00 9.45  ? 95   HIS A CD2 1 
ATOM   781  C CE1 . HIS A 1 95  ? 6.198   1.436   6.620   1.00 11.11 ? 95   HIS A CE1 1 
ATOM   782  N NE2 . HIS A 1 95  ? 6.404   0.179   6.268   1.00 10.25 ? 95   HIS A NE2 1 
ATOM   783  N N   . CYS A 1 96  ? 2.440   3.423   5.417   1.00 11.35 ? 96   CYS A N   1 
ATOM   784  C CA  . CYS A 1 96  ? 3.088   4.718   5.258   1.00 12.64 ? 96   CYS A CA  1 
ATOM   785  C C   . CYS A 1 96  ? 3.460   5.116   6.685   1.00 14.72 ? 96   CYS A C   1 
ATOM   786  O O   . CYS A 1 96  ? 4.006   4.295   7.419   1.00 13.22 ? 96   CYS A O   1 
ATOM   787  C CB  . CYS A 1 96  ? 2.160   5.752   4.582   1.00 12.35 ? 96   CYS A CB  1 
ATOM   788  S SG  . CYS A 1 96  ? 0.622   6.205   5.423   1.00 16.28 ? 96   CYS A SG  1 
ATOM   789  N N   . VAL A 1 97  ? 3.175   6.342   7.102   1.00 15.05 ? 97   VAL A N   1 
ATOM   790  C CA  . VAL A 1 97  ? 3.520   6.723   8.471   1.00 14.59 ? 97   VAL A CA  1 
ATOM   791  C C   . VAL A 1 97  ? 2.434   6.356   9.483   1.00 15.08 ? 97   VAL A C   1 
ATOM   792  O O   . VAL A 1 97  ? 2.722   5.728   10.507  1.00 15.27 ? 97   VAL A O   1 
ATOM   793  C CB  . VAL A 1 97  ? 3.832   8.238   8.575   1.00 15.16 ? 97   VAL A CB  1 
ATOM   794  C CG1 . VAL A 1 97  ? 4.006   8.638   10.036  1.00 17.46 ? 97   VAL A CG1 1 
ATOM   795  C CG2 . VAL A 1 97  ? 5.107   8.555   7.813   1.00 16.39 ? 97   VAL A CG2 1 
ATOM   796  N N   . GLY A 1 98  ? 1.190   6.730   9.190   1.00 18.04 ? 98   GLY A N   1 
ATOM   797  C CA  . GLY A 1 98  ? 0.087   6.433   10.094  1.00 16.82 ? 98   GLY A CA  1 
ATOM   798  C C   . GLY A 1 98  ? -0.964  5.490   9.533   1.00 18.87 ? 98   GLY A C   1 
ATOM   799  O O   . GLY A 1 98  ? -1.875  5.073   10.257  1.00 19.84 ? 98   GLY A O   1 
ATOM   800  N N   . GLY A 1 99  ? -0.844  5.168   8.246   1.00 16.27 ? 99   GLY A N   1 
ATOM   801  C CA  . GLY A 1 99  ? -1.772  4.256   7.588   1.00 17.06 ? 99   GLY A CA  1 
ATOM   802  C C   . GLY A 1 99  ? -3.024  4.892   7.007   1.00 15.56 ? 99   GLY A C   1 
ATOM   803  O O   . GLY A 1 99  ? -3.976  4.193   6.657   1.00 15.55 ? 99   GLY A O   1 
ATOM   804  N N   . ILE A 1 100 ? -3.014  6.211   6.857   1.00 15.42 ? 100  ILE A N   1 
ATOM   805  C CA  . ILE A 1 100 ? -4.189  6.923   6.371   1.00 15.37 ? 100  ILE A CA  1 
ATOM   806  C C   . ILE A 1 100 ? -4.196  7.452   4.933   1.00 15.85 ? 100  ILE A C   1 
ATOM   807  O O   . ILE A 1 100 ? -4.924  6.942   4.082   1.00 16.28 ? 100  ILE A O   1 
ATOM   808  C CB  . ILE A 1 100 ? -4.515  8.096   7.332   1.00 16.57 ? 100  ILE A CB  1 
ATOM   809  C CG1 . ILE A 1 100 ? -4.675  7.558   8.759   1.00 17.77 ? 100  ILE A CG1 1 
ATOM   810  C CG2 . ILE A 1 100 ? -5.779  8.800   6.897   1.00 15.94 ? 100  ILE A CG2 1 
ATOM   811  C CD1 . ILE A 1 100 ? -4.846  8.642   9.821   1.00 19.75 ? 100  ILE A CD1 1 
ATOM   812  N N   . GLY A 1 101 ? -3.393  8.474   4.660   1.00 15.27 ? 101  GLY A N   1 
ATOM   813  C CA  . GLY A 1 101 ? -3.392  9.077   3.335   1.00 13.16 ? 101  GLY A CA  1 
ATOM   814  C C   . GLY A 1 101 ? -2.874  8.282   2.153   1.00 12.02 ? 101  GLY A C   1 
ATOM   815  O O   . GLY A 1 101 ? -3.646  7.855   1.291   1.00 11.89 ? 101  GLY A O   1 
ATOM   816  N N   . ARG A 1 102 ? -1.560  8.103   2.099   1.00 10.84 ? 102  ARG A N   1 
ATOM   817  C CA  . ARG A 1 102 ? -0.930  7.376   1.007   1.00 9.04  ? 102  ARG A CA  1 
ATOM   818  C C   . ARG A 1 102 ? -1.374  5.924   0.962   1.00 9.17  ? 102  ARG A C   1 
ATOM   819  O O   . ARG A 1 102 ? -1.665  5.388   -0.113  1.00 9.49  ? 102  ARG A O   1 
ATOM   820  C CB  . ARG A 1 102 ? 0.594   7.460   1.144   1.00 11.08 ? 102  ARG A CB  1 
ATOM   821  C CG  . ARG A 1 102 ? 1.172   8.822   0.773   1.00 11.11 ? 102  ARG A CG  1 
ATOM   822  C CD  . ARG A 1 102 ? 2.610   8.964   1.259   1.00 11.71 ? 102  ARG A CD  1 
ATOM   823  N NE  . ARG A 1 102 ? 2.664   9.204   2.699   1.00 11.60 ? 102  ARG A NE  1 
ATOM   824  C CZ  . ARG A 1 102 ? 3.785   9.426   3.378   1.00 13.36 ? 102  ARG A CZ  1 
ATOM   825  N NH1 . ARG A 1 102 ? 4.954   9.434   2.751   1.00 12.31 ? 102  ARG A NH1 1 
ATOM   826  N NH2 . ARG A 1 102 ? 3.736   9.645   4.684   1.00 13.64 ? 102  ARG A NH2 1 
ATOM   827  N N   . THR A 1 103 ? -1.427  5.285   2.127   1.00 7.90  ? 103  THR A N   1 
ATOM   828  C CA  . THR A 1 103 ? -1.835  3.894   2.197   1.00 8.02  ? 103  THR A CA  1 
ATOM   829  C C   . THR A 1 103 ? -3.282  3.751   1.737   1.00 7.37  ? 103  THR A C   1 
ATOM   830  O O   . THR A 1 103 ? -3.604  2.861   0.954   1.00 9.29  ? 103  THR A O   1 
ATOM   831  C CB  . THR A 1 103 ? -1.670  3.340   3.632   1.00 9.66  ? 103  THR A CB  1 
ATOM   832  O OG1 . THR A 1 103 ? -0.285  3.367   3.989   1.00 10.51 ? 103  THR A OG1 1 
ATOM   833  C CG2 . THR A 1 103 ? -2.167  1.911   3.722   1.00 10.18 ? 103  THR A CG2 1 
ATOM   834  N N   . GLY A 1 104 ? -4.148  4.642   2.209   1.00 9.88  ? 104  GLY A N   1 
ATOM   835  C CA  . GLY A 1 104 ? -5.545  4.572   1.811   1.00 10.88 ? 104  GLY A CA  1 
ATOM   836  C C   . GLY A 1 104 ? -5.722  4.701   0.312   1.00 11.31 ? 104  GLY A C   1 
ATOM   837  O O   . GLY A 1 104 ? -6.566  4.024   -0.284  1.00 10.50 ? 104  GLY A O   1 
ATOM   838  N N   . THR A 1 105 ? -4.927  5.575   -0.298  1.00 10.84 ? 105  THR A N   1 
ATOM   839  C CA  . THR A 1 105 ? -4.990  5.797   -1.738  1.00 12.19 ? 105  THR A CA  1 
ATOM   840  C C   . THR A 1 105 ? -4.596  4.529   -2.495  1.00 10.08 ? 105  THR A C   1 
ATOM   841  O O   . THR A 1 105 ? -5.244  4.150   -3.463  1.00 9.98  ? 105  THR A O   1 
ATOM   842  C CB  . THR A 1 105 ? -4.055  6.952   -2.167  1.00 12.39 ? 105  THR A CB  1 
ATOM   843  O OG1 . THR A 1 105 ? -4.430  8.147   -1.472  1.00 13.91 ? 105  THR A OG1 1 
ATOM   844  C CG2 . THR A 1 105 ? -4.162  7.201   -3.671  1.00 14.04 ? 105  THR A CG2 1 
ATOM   845  N N   . ILE A 1 106 ? -3.527  3.879   -2.056  1.00 9.09  ? 106  ILE A N   1 
ATOM   846  C CA  . ILE A 1 106 ? -3.089  2.656   -2.718  1.00 9.91  ? 106  ILE A CA  1 
ATOM   847  C C   . ILE A 1 106 ? -4.111  1.540   -2.539  1.00 11.02 ? 106  ILE A C   1 
ATOM   848  O O   . ILE A 1 106 ? -4.415  0.816   -3.488  1.00 10.40 ? 106  ILE A O   1 
ATOM   849  C CB  . ILE A 1 106 ? -1.712  2.193   -2.192  1.00 9.49  ? 106  ILE A CB  1 
ATOM   850  C CG1 . ILE A 1 106 ? -0.642  3.211   -2.604  1.00 10.45 ? 106  ILE A CG1 1 
ATOM   851  C CG2 . ILE A 1 106 ? -1.373  0.803   -2.740  1.00 10.67 ? 106  ILE A CG2 1 
ATOM   852  C CD1 . ILE A 1 106 ? -0.590  3.467   -4.100  1.00 12.09 ? 106  ILE A CD1 1 
ATOM   853  N N   . LEU A 1 107 ? -4.650  1.401   -1.330  1.00 10.73 ? 107  LEU A N   1 
ATOM   854  C CA  . LEU A 1 107 ? -5.645  0.364   -1.072  1.00 10.46 ? 107  LEU A CA  1 
ATOM   855  C C   . LEU A 1 107 ? -6.897  0.577   -1.920  1.00 11.00 ? 107  LEU A C   1 
ATOM   856  O O   . LEU A 1 107 ? -7.431  -0.371  -2.497  1.00 10.54 ? 107  LEU A O   1 
ATOM   857  C CB  . LEU A 1 107 ? -6.009  0.331   0.416   1.00 9.41  ? 107  LEU A CB  1 
ATOM   858  C CG  . LEU A 1 107 ? -4.869  -0.145  1.322   1.00 10.49 ? 107  LEU A CG  1 
ATOM   859  C CD1 . LEU A 1 107 ? -5.302  -0.050  2.787   1.00 12.15 ? 107  LEU A CD1 1 
ATOM   860  C CD2 . LEU A 1 107 ? -4.488  -1.571  0.964   1.00 10.36 ? 107  LEU A CD2 1 
ATOM   861  N N   . ALA A 1 108 ? -7.373  1.816   -2.001  1.00 9.27  ? 108  ALA A N   1 
ATOM   862  C CA  . ALA A 1 108 ? -8.553  2.093   -2.813  1.00 9.20  ? 108  ALA A CA  1 
ATOM   863  C C   . ALA A 1 108 ? -8.270  1.768   -4.280  1.00 10.90 ? 108  ALA A C   1 
ATOM   864  O O   . ALA A 1 108 ? -9.128  1.218   -4.972  1.00 10.19 ? 108  ALA A O   1 
ATOM   865  C CB  . ALA A 1 108 ? -8.970  3.563   -2.667  1.00 10.38 ? 108  ALA A CB  1 
ATOM   866  N N   . SER A 1 109 ? -7.071  2.112   -4.749  1.00 9.66  ? 109  SER A N   1 
ATOM   867  C CA  . SER A 1 109 ? -6.669  1.848   -6.134  1.00 11.41 ? 109  SER A CA  1 
ATOM   868  C C   . SER A 1 109 ? -6.672  0.355   -6.415  1.00 10.97 ? 109  SER A C   1 
ATOM   869  O O   . SER A 1 109 ? -7.031  -0.091  -7.510  1.00 9.90  ? 109  SER A O   1 
ATOM   870  C CB  . SER A 1 109 ? -5.264  2.394   -6.404  1.00 14.27 ? 109  SER A CB  1 
ATOM   871  O OG  . SER A 1 109 ? -5.258  3.808   -6.423  1.00 20.71 ? 109  SER A OG  1 
ATOM   872  N N   . TYR A 1 110 ? -6.259  -0.415  -5.417  1.00 10.21 ? 110  TYR A N   1 
ATOM   873  C CA  . TYR A 1 110 ? -6.214  -1.862  -5.537  1.00 10.72 ? 110  TYR A CA  1 
ATOM   874  C C   . TYR A 1 110 ? -7.625  -2.416  -5.738  1.00 11.11 ? 110  TYR A C   1 
ATOM   875  O O   . TYR A 1 110 ? -7.842  -3.296  -6.570  1.00 12.20 ? 110  TYR A O   1 
ATOM   876  C CB  . TYR A 1 110 ? -5.589  -2.455  -4.276  1.00 10.17 ? 110  TYR A CB  1 
ATOM   877  C CG  . TYR A 1 110 ? -5.553  -3.959  -4.255  1.00 12.10 ? 110  TYR A CG  1 
ATOM   878  C CD1 . TYR A 1 110 ? -4.484  -4.663  -4.814  1.00 11.91 ? 110  TYR A CD1 1 
ATOM   879  C CD2 . TYR A 1 110 ? -6.590  -4.685  -3.670  1.00 10.55 ? 110  TYR A CD2 1 
ATOM   880  C CE1 . TYR A 1 110 ? -4.450  -6.054  -4.782  1.00 11.45 ? 110  TYR A CE1 1 
ATOM   881  C CE2 . TYR A 1 110 ? -6.566  -6.071  -3.640  1.00 12.18 ? 110  TYR A CE2 1 
ATOM   882  C CZ  . TYR A 1 110 ? -5.497  -6.747  -4.194  1.00 13.89 ? 110  TYR A CZ  1 
ATOM   883  O OH  . TYR A 1 110 ? -5.477  -8.125  -4.143  1.00 16.68 ? 110  TYR A OH  1 
ATOM   884  N N   . LEU A 1 111 ? -8.582  -1.903  -4.969  1.00 11.54 ? 111  LEU A N   1 
ATOM   885  C CA  . LEU A 1 111 ? -9.969  -2.348  -5.085  1.00 10.91 ? 111  LEU A CA  1 
ATOM   886  C C   . LEU A 1 111 ? -10.544 -1.965  -6.446  1.00 11.96 ? 111  LEU A C   1 
ATOM   887  O O   . LEU A 1 111 ? -11.278 -2.739  -7.069  1.00 11.79 ? 111  LEU A O   1 
ATOM   888  C CB  . LEU A 1 111 ? -10.823 -1.720  -3.981  1.00 8.94  ? 111  LEU A CB  1 
ATOM   889  C CG  . LEU A 1 111 ? -10.463 -2.115  -2.548  1.00 10.06 ? 111  LEU A CG  1 
ATOM   890  C CD1 . LEU A 1 111 ? -11.399 -1.400  -1.593  1.00 9.99  ? 111  LEU A CD1 1 
ATOM   891  C CD2 . LEU A 1 111 ? -10.563 -3.623  -2.379  1.00 12.36 ? 111  LEU A CD2 1 
ATOM   892  N N   . ILE A 1 112 ? -10.227 -0.759  -6.903  1.00 10.72 ? 112  ILE A N   1 
ATOM   893  C CA  . ILE A 1 112 ? -10.725 -0.309  -8.195  1.00 11.82 ? 112  ILE A CA  1 
ATOM   894  C C   . ILE A 1 112 ? -10.284 -1.263  -9.303  1.00 11.54 ? 112  ILE A C   1 
ATOM   895  O O   . ILE A 1 112 ? -11.091 -1.680  -10.133 1.00 11.80 ? 112  ILE A O   1 
ATOM   896  C CB  . ILE A 1 112 ? -10.220 1.117   -8.518  1.00 12.58 ? 112  ILE A CB  1 
ATOM   897  C CG1 . ILE A 1 112 ? -10.900 2.123   -7.590  1.00 13.07 ? 112  ILE A CG1 1 
ATOM   898  C CG2 . ILE A 1 112 ? -10.501 1.463   -9.977  1.00 14.41 ? 112  ILE A CG2 1 
ATOM   899  C CD1 . ILE A 1 112 ? -10.385 3.547   -7.737  1.00 11.87 ? 112  ILE A CD1 1 
ATOM   900  N N   . LEU A 1 113 ? -9.003  -1.615  -9.312  1.00 11.02 ? 113  LEU A N   1 
ATOM   901  C CA  . LEU A 1 113 ? -8.490  -2.516  -10.339 1.00 10.60 ? 113  LEU A CA  1 
ATOM   902  C C   . LEU A 1 113 ? -8.950  -3.963  -10.193 1.00 11.97 ? 113  LEU A C   1 
ATOM   903  O O   . LEU A 1 113 ? -9.388  -4.578  -11.168 1.00 13.02 ? 113  LEU A O   1 
ATOM   904  C CB  . LEU A 1 113 ? -6.959  -2.490  -10.363 1.00 12.37 ? 113  LEU A CB  1 
ATOM   905  C CG  . LEU A 1 113 ? -6.273  -1.165  -10.710 1.00 11.97 ? 113  LEU A CG  1 
ATOM   906  C CD1 . LEU A 1 113 ? -4.775  -1.390  -10.733 1.00 12.95 ? 113  LEU A CD1 1 
ATOM   907  C CD2 . LEU A 1 113 ? -6.758  -0.646  -12.060 1.00 14.43 ? 113  LEU A CD2 1 
ATOM   908  N N   . THR A 1 114 ? -8.862  -4.510  -8.982  1.00 11.62 ? 114  THR A N   1 
ATOM   909  C CA  . THR A 1 114 ? -9.230  -5.910  -8.763  1.00 12.68 ? 114  THR A CA  1 
ATOM   910  C C   . THR A 1 114 ? -10.717 -6.235  -8.716  1.00 14.41 ? 114  THR A C   1 
ATOM   911  O O   . THR A 1 114 ? -11.110 -7.348  -9.070  1.00 14.31 ? 114  THR A O   1 
ATOM   912  C CB  . THR A 1 114 ? -8.589  -6.472  -7.472  1.00 13.02 ? 114  THR A CB  1 
ATOM   913  O OG1 . THR A 1 114 ? -9.096  -5.766  -6.335  1.00 12.86 ? 114  THR A OG1 1 
ATOM   914  C CG2 . THR A 1 114 ? -7.079  -6.339  -7.521  1.00 12.81 ? 114  THR A CG2 1 
ATOM   915  N N   . GLU A 1 115 ? -11.546 -5.285  -8.289  1.00 13.69 ? 115  GLU A N   1 
ATOM   916  C CA  . GLU A 1 115 ? -12.982 -5.537  -8.192  1.00 13.82 ? 115  GLU A CA  1 
ATOM   917  C C   . GLU A 1 115 ? -13.847 -4.655  -9.090  1.00 13.65 ? 115  GLU A C   1 
ATOM   918  O O   . GLU A 1 115 ? -15.068 -4.808  -9.128  1.00 15.11 ? 115  GLU A O   1 
ATOM   919  C CB  . GLU A 1 115 ? -13.430 -5.405  -6.736  1.00 14.55 ? 115  GLU A CB  1 
ATOM   920  C CG  . GLU A 1 115 ? -12.752 -6.412  -5.818  1.00 14.60 ? 115  GLU A CG  1 
ATOM   921  C CD  . GLU A 1 115 ? -13.069 -6.202  -4.354  1.00 17.60 ? 115  GLU A CD  1 
ATOM   922  O OE1 . GLU A 1 115 ? -14.045 -5.487  -4.046  1.00 18.48 ? 115  GLU A OE1 1 
ATOM   923  O OE2 . GLU A 1 115 ? -12.342 -6.772  -3.507  1.00 17.27 ? 115  GLU A OE2 1 
ATOM   924  N N   . GLY A 1 116 ? -13.211 -3.745  -9.820  1.00 13.53 ? 116  GLY A N   1 
ATOM   925  C CA  . GLY A 1 116 ? -13.943 -2.866  -10.716 1.00 14.04 ? 116  GLY A CA  1 
ATOM   926  C C   . GLY A 1 116 ? -14.856 -1.891  -9.998  1.00 15.85 ? 116  GLY A C   1 
ATOM   927  O O   . GLY A 1 116 ? -15.863 -1.451  -10.551 1.00 14.86 ? 116  GLY A O   1 
ATOM   928  N N   . LEU A 1 117 ? -14.512 -1.545  -8.763  1.00 14.78 ? 117  LEU A N   1 
ATOM   929  C CA  . LEU A 1 117 ? -15.332 -0.615  -7.997  1.00 14.59 ? 117  LEU A CA  1 
ATOM   930  C C   . LEU A 1 117 ? -15.225 0.796   -8.540  1.00 15.32 ? 117  LEU A C   1 
ATOM   931  O O   . LEU A 1 117 ? -14.195 1.183   -9.105  1.00 15.49 ? 117  LEU A O   1 
ATOM   932  C CB  . LEU A 1 117 ? -14.910 -0.592  -6.525  1.00 15.78 ? 117  LEU A CB  1 
ATOM   933  C CG  . LEU A 1 117 ? -14.955 -1.879  -5.703  1.00 17.09 ? 117  LEU A CG  1 
ATOM   934  C CD1 . LEU A 1 117 ? -14.675 -1.535  -4.241  1.00 16.98 ? 117  LEU A CD1 1 
ATOM   935  C CD2 . LEU A 1 117 ? -16.320 -2.539  -5.833  1.00 18.77 ? 117  LEU A CD2 1 
ATOM   936  N N   . GLU A 1 118 ? -16.298 1.563   -8.380  1.00 15.55 ? 118  GLU A N   1 
ATOM   937  C CA  . GLU A 1 118 ? -16.285 2.948   -8.820  1.00 15.26 ? 118  GLU A CA  1 
ATOM   938  C C   . GLU A 1 118 ? -15.499 3.664   -7.727  1.00 15.03 ? 118  GLU A C   1 
ATOM   939  O O   . GLU A 1 118 ? -15.464 3.207   -6.582  1.00 14.11 ? 118  GLU A O   1 
ATOM   940  C CB  . GLU A 1 118 ? -17.711 3.493   -8.937  1.00 15.95 ? 118  GLU A CB  1 
ATOM   941  C CG  . GLU A 1 118 ? -18.612 2.617   -9.807  1.00 20.92 ? 118  GLU A CG  1 
ATOM   942  C CD  . GLU A 1 118 ? -19.840 3.342   -10.322 1.00 21.85 ? 118  GLU A CD  1 
ATOM   943  O OE1 . GLU A 1 118 ? -20.358 4.225   -9.612  1.00 21.77 ? 118  GLU A OE1 1 
ATOM   944  O OE2 . GLU A 1 118 ? -20.295 3.013   -11.439 1.00 25.26 ? 118  GLU A OE2 1 
ATOM   945  N N   . VAL A 1 119 ? -14.862 4.773   -8.079  1.00 13.89 ? 119  VAL A N   1 
ATOM   946  C CA  . VAL A 1 119 ? -14.039 5.500   -7.124  1.00 14.72 ? 119  VAL A CA  1 
ATOM   947  C C   . VAL A 1 119 ? -14.703 5.780   -5.775  1.00 15.19 ? 119  VAL A C   1 
ATOM   948  O O   . VAL A 1 119 ? -14.080 5.588   -4.726  1.00 13.26 ? 119  VAL A O   1 
ATOM   949  C CB  . VAL A 1 119 ? -13.524 6.827   -7.743  1.00 14.85 ? 119  VAL A CB  1 
ATOM   950  C CG1 . VAL A 1 119 ? -14.681 7.772   -8.012  1.00 14.86 ? 119  VAL A CG1 1 
ATOM   951  C CG2 . VAL A 1 119 ? -12.493 7.460   -6.819  1.00 14.18 ? 119  VAL A CG2 1 
ATOM   952  N N   . GLU A 1 120 ? -15.963 6.209   -5.788  1.00 15.44 ? 120  GLU A N   1 
ATOM   953  C CA  . GLU A 1 120 ? -16.651 6.518   -4.539  1.00 16.81 ? 120  GLU A CA  1 
ATOM   954  C C   . GLU A 1 120 ? -16.823 5.297   -3.637  1.00 16.83 ? 120  GLU A C   1 
ATOM   955  O O   . GLU A 1 120 ? -16.725 5.403   -2.413  1.00 15.41 ? 120  GLU A O   1 
ATOM   956  C CB  . GLU A 1 120 ? -18.019 7.169   -4.818  1.00 18.77 ? 120  GLU A CB  1 
ATOM   957  C CG  . GLU A 1 120 ? -19.108 6.235   -5.343  1.00 20.52 ? 120  GLU A CG  1 
ATOM   958  C CD  . GLU A 1 120 ? -19.048 5.996   -6.841  1.00 19.94 ? 120  GLU A CD  1 
ATOM   959  O OE1 . GLU A 1 120 ? -19.945 5.293   -7.357  1.00 21.34 ? 120  GLU A OE1 1 
ATOM   960  O OE2 . GLU A 1 120 ? -18.122 6.501   -7.506  1.00 21.59 ? 120  GLU A OE2 1 
ATOM   961  N N   . SER A 1 121 ? -17.083 4.140   -4.234  1.00 14.63 ? 121  SER A N   1 
ATOM   962  C CA  . SER A 1 121 ? -17.251 2.924   -3.451  1.00 14.36 ? 121  SER A CA  1 
ATOM   963  C C   . SER A 1 121 ? -15.910 2.490   -2.872  1.00 12.76 ? 121  SER A C   1 
ATOM   964  O O   . SER A 1 121 ? -15.828 2.079   -1.712  1.00 12.92 ? 121  SER A O   1 
ATOM   965  C CB  . SER A 1 121 ? -17.825 1.807   -4.322  1.00 15.81 ? 121  SER A CB  1 
ATOM   966  O OG  . SER A 1 121 ? -19.126 2.151   -4.771  1.00 21.16 ? 121  SER A OG  1 
ATOM   967  N N   . ALA A 1 122 ? -14.859 2.579   -3.682  1.00 12.55 ? 122  ALA A N   1 
ATOM   968  C CA  . ALA A 1 122 ? -13.525 2.195   -3.228  1.00 12.44 ? 122  ALA A CA  1 
ATOM   969  C C   . ALA A 1 122 ? -13.100 3.045   -2.031  1.00 14.25 ? 122  ALA A C   1 
ATOM   970  O O   . ALA A 1 122 ? -12.558 2.526   -1.055  1.00 13.34 ? 122  ALA A O   1 
ATOM   971  C CB  . ALA A 1 122 ? -12.516 2.342   -4.363  1.00 11.93 ? 122  ALA A CB  1 
ATOM   972  N N   . ILE A 1 123 ? -13.346 4.349   -2.107  1.00 13.46 ? 123  ILE A N   1 
ATOM   973  C CA  . ILE A 1 123 ? -12.985 5.238   -1.009  1.00 14.91 ? 123  ILE A CA  1 
ATOM   974  C C   . ILE A 1 123 ? -13.788 4.925   0.253   1.00 15.22 ? 123  ILE A C   1 
ATOM   975  O O   . ILE A 1 123 ? -13.221 4.830   1.341   1.00 14.98 ? 123  ILE A O   1 
ATOM   976  C CB  . ILE A 1 123 ? -13.190 6.717   -1.398  1.00 14.87 ? 123  ILE A CB  1 
ATOM   977  C CG1 . ILE A 1 123 ? -12.196 7.095   -2.500  1.00 14.65 ? 123  ILE A CG1 1 
ATOM   978  C CG2 . ILE A 1 123 ? -13.007 7.610   -0.175  1.00 16.43 ? 123  ILE A CG2 1 
ATOM   979  C CD1 . ILE A 1 123 ? -12.422 8.473   -3.086  1.00 15.84 ? 123  ILE A CD1 1 
ATOM   980  N N   . ASP A 1 124 ? -15.102 4.760   0.117   1.00 16.92 ? 124  ASP A N   1 
ATOM   981  C CA  . ASP A 1 124 ? -15.941 4.446   1.277   1.00 17.51 ? 124  ASP A CA  1 
ATOM   982  C C   . ASP A 1 124 ? -15.493 3.132   1.907   1.00 17.30 ? 124  ASP A C   1 
ATOM   983  O O   . ASP A 1 124 ? -15.449 3.005   3.130   1.00 15.85 ? 124  ASP A O   1 
ATOM   984  C CB  . ASP A 1 124 ? -17.422 4.339   0.873   1.00 19.89 ? 124  ASP A CB  1 
ATOM   985  C CG  . ASP A 1 124 ? -18.343 4.068   2.068   1.00 22.17 ? 124  ASP A CG  1 
ATOM   986  O OD1 . ASP A 1 124 ? -18.482 4.955   2.937   1.00 22.38 ? 124  ASP A OD1 1 
ATOM   987  O OD2 . ASP A 1 124 ? -18.931 2.966   2.142   1.00 22.78 ? 124  ASP A OD2 1 
ATOM   988  N N   . GLU A 1 125 ? -15.165 2.158   1.061   1.00 16.37 ? 125  GLU A N   1 
ATOM   989  C CA  . GLU A 1 125 ? -14.712 0.843   1.509   1.00 18.09 ? 125  GLU A CA  1 
ATOM   990  C C   . GLU A 1 125 ? -13.501 0.942   2.430   1.00 15.92 ? 125  GLU A C   1 
ATOM   991  O O   . GLU A 1 125 ? -13.454 0.318   3.493   1.00 14.71 ? 125  GLU A O   1 
ATOM   992  C CB  . GLU A 1 125 ? -14.334 -0.022  0.305   1.00 22.91 ? 125  GLU A CB  1 
ATOM   993  C CG  . GLU A 1 125 ? -15.500 -0.591  -0.473  1.00 30.38 ? 125  GLU A CG  1 
ATOM   994  C CD  . GLU A 1 125 ? -16.077 -1.830  0.174   1.00 35.90 ? 125  GLU A CD  1 
ATOM   995  O OE1 . GLU A 1 125 ? -15.323 -2.806  0.373   1.00 37.98 ? 125  GLU A OE1 1 
ATOM   996  O OE2 . GLU A 1 125 ? -17.285 -1.827  0.482   1.00 39.81 ? 125  GLU A OE2 1 
ATOM   997  N N   . VAL A 1 126 ? -12.510 1.718   2.014   1.00 13.00 ? 126  VAL A N   1 
ATOM   998  C CA  . VAL A 1 126 ? -11.314 1.859   2.829   1.00 12.85 ? 126  VAL A CA  1 
ATOM   999  C C   . VAL A 1 126 ? -11.586 2.708   4.069   1.00 14.19 ? 126  VAL A C   1 
ATOM   1000 O O   . VAL A 1 126 ? -11.090 2.406   5.153   1.00 16.77 ? 126  VAL A O   1 
ATOM   1001 C CB  . VAL A 1 126 ? -10.156 2.464   2.013   1.00 12.36 ? 126  VAL A CB  1 
ATOM   1002 C CG1 . VAL A 1 126 ? -8.899  2.549   2.879   1.00 12.81 ? 126  VAL A CG1 1 
ATOM   1003 C CG2 . VAL A 1 126 ? -9.892  1.595   0.788   1.00 12.63 ? 126  VAL A CG2 1 
ATOM   1004 N N   . ARG A 1 127 ? -12.390 3.754   3.927   1.00 15.03 ? 127  ARG A N   1 
ATOM   1005 C CA  . ARG A 1 127 ? -12.692 4.600   5.078   1.00 15.98 ? 127  ARG A CA  1 
ATOM   1006 C C   . ARG A 1 127 ? -13.452 3.861   6.176   1.00 17.02 ? 127  ARG A C   1 
ATOM   1007 O O   . ARG A 1 127 ? -13.384 4.241   7.347   1.00 18.00 ? 127  ARG A O   1 
ATOM   1008 C CB  . ARG A 1 127 ? -13.455 5.848   4.622   1.00 15.29 ? 127  ARG A CB  1 
ATOM   1009 C CG  . ARG A 1 127 ? -12.548 6.805   3.869   1.00 17.29 ? 127  ARG A CG  1 
ATOM   1010 C CD  . ARG A 1 127 ? -13.249 8.048   3.347   1.00 19.38 ? 127  ARG A CD  1 
ATOM   1011 N NE  . ARG A 1 127 ? -12.272 8.954   2.749   1.00 19.70 ? 127  ARG A NE  1 
ATOM   1012 C CZ  . ARG A 1 127 ? -12.574 10.068  2.091   1.00 24.14 ? 127  ARG A CZ  1 
ATOM   1013 N NH1 . ARG A 1 127 ? -13.842 10.432  1.935   1.00 24.71 ? 127  ARG A NH1 1 
ATOM   1014 N NH2 . ARG A 1 127 ? -11.606 10.820  1.585   1.00 24.40 ? 127  ARG A NH2 1 
ATOM   1015 N N   . LEU A 1 128 ? -14.163 2.799   5.808   1.00 16.06 ? 128  LEU A N   1 
ATOM   1016 C CA  . LEU A 1 128 ? -14.909 2.021   6.792   1.00 16.69 ? 128  LEU A CA  1 
ATOM   1017 C C   . LEU A 1 128 ? -13.983 1.279   7.748   1.00 17.18 ? 128  LEU A C   1 
ATOM   1018 O O   . LEU A 1 128 ? -14.353 1.019   8.890   1.00 18.87 ? 128  LEU A O   1 
ATOM   1019 C CB  . LEU A 1 128 ? -15.850 1.029   6.104   1.00 14.85 ? 128  LEU A CB  1 
ATOM   1020 C CG  . LEU A 1 128 ? -17.137 1.646   5.543   1.00 16.07 ? 128  LEU A CG  1 
ATOM   1021 C CD1 . LEU A 1 128 ? -17.901 0.595   4.759   1.00 17.69 ? 128  LEU A CD1 1 
ATOM   1022 C CD2 . LEU A 1 128 ? -17.995 2.189   6.687   1.00 16.33 ? 128  LEU A CD2 1 
ATOM   1023 N N   . VAL A 1 129 ? -12.777 0.948   7.289   1.00 15.81 ? 129  VAL A N   1 
ATOM   1024 C CA  . VAL A 1 129 ? -11.813 0.248   8.138   1.00 16.24 ? 129  VAL A CA  1 
ATOM   1025 C C   . VAL A 1 129 ? -10.700 1.192   8.581   1.00 15.38 ? 129  VAL A C   1 
ATOM   1026 O O   . VAL A 1 129 ? -9.966  0.902   9.525   1.00 16.48 ? 129  VAL A O   1 
ATOM   1027 C CB  . VAL A 1 129 ? -11.191 -0.982  7.422   1.00 16.65 ? 129  VAL A CB  1 
ATOM   1028 C CG1 . VAL A 1 129 ? -12.259 -2.049  7.204   1.00 19.27 ? 129  VAL A CG1 1 
ATOM   1029 C CG2 . VAL A 1 129 ? -10.578 -0.573  6.098   1.00 15.49 ? 129  VAL A CG2 1 
ATOM   1030 N N   . ARG A 1 130 ? -10.581 2.321   7.894   1.00 14.87 ? 130  ARG A N   1 
ATOM   1031 C CA  . ARG A 1 130 ? -9.570  3.322   8.224   1.00 16.60 ? 130  ARG A CA  1 
ATOM   1032 C C   . ARG A 1 130 ? -10.101 4.728   7.996   1.00 16.09 ? 130  ARG A C   1 
ATOM   1033 O O   . ARG A 1 130 ? -9.969  5.295   6.913   1.00 14.82 ? 130  ARG A O   1 
ATOM   1034 C CB  . ARG A 1 130 ? -8.285  3.086   7.407   1.00 15.52 ? 130  ARG A CB  1 
ATOM   1035 C CG  . ARG A 1 130 ? -7.333  4.287   7.294   1.00 20.48 ? 130  ARG A CG  1 
ATOM   1036 C CD  . ARG A 1 130 ? -7.346  5.206   8.520   1.00 25.63 ? 130  ARG A CD  1 
ATOM   1037 N NE  . ARG A 1 130 ? -6.713  4.621   9.689   1.00 27.34 ? 130  ARG A NE  1 
ATOM   1038 C CZ  . ARG A 1 130 ? -6.731  5.171   10.900  1.00 26.08 ? 130  ARG A CZ  1 
ATOM   1039 N NH1 . ARG A 1 130 ? -7.362  6.323   11.106  1.00 25.96 ? 130  ARG A NH1 1 
ATOM   1040 N NH2 . ARG A 1 130 ? -6.089  4.583   11.898  1.00 26.36 ? 130  ARG A NH2 1 
ATOM   1041 N N   . PRO A 1 131 ? -10.716 5.316   9.031   1.00 16.61 ? 131  PRO A N   1 
ATOM   1042 C CA  . PRO A 1 131 ? -11.258 6.671   8.917   1.00 16.88 ? 131  PRO A CA  1 
ATOM   1043 C C   . PRO A 1 131 ? -10.183 7.626   8.403   1.00 16.06 ? 131  PRO A C   1 
ATOM   1044 O O   . PRO A 1 131 ? -9.034  7.557   8.836   1.00 15.65 ? 131  PRO A O   1 
ATOM   1045 C CB  . PRO A 1 131 ? -11.674 6.996   10.350  1.00 17.21 ? 131  PRO A CB  1 
ATOM   1046 C CG  . PRO A 1 131 ? -12.033 5.649   10.911  1.00 16.95 ? 131  PRO A CG  1 
ATOM   1047 C CD  . PRO A 1 131 ? -10.920 4.772   10.386  1.00 16.26 ? 131  PRO A CD  1 
ATOM   1048 N N   . GLY A 1 132 ? -10.552 8.502   7.474   1.00 16.24 ? 132  GLY A N   1 
ATOM   1049 C CA  . GLY A 1 132 ? -9.590  9.451   6.947   1.00 17.18 ? 132  GLY A CA  1 
ATOM   1050 C C   . GLY A 1 132 ? -8.807  8.998   5.725   1.00 16.51 ? 132  GLY A C   1 
ATOM   1051 O O   . GLY A 1 132 ? -8.098  9.800   5.112   1.00 15.15 ? 132  GLY A O   1 
ATOM   1052 N N   . ALA A 1 133 ? -8.923  7.722   5.366   1.00 16.19 ? 133  ALA A N   1 
ATOM   1053 C CA  . ALA A 1 133 ? -8.209  7.198   4.199   1.00 16.39 ? 133  ALA A CA  1 
ATOM   1054 C C   . ALA A 1 133 ? -8.412  8.117   2.999   1.00 17.32 ? 133  ALA A C   1 
ATOM   1055 O O   . ALA A 1 133 ? -9.524  8.591   2.758   1.00 18.17 ? 133  ALA A O   1 
ATOM   1056 C CB  . ALA A 1 133 ? -8.699  5.798   3.871   1.00 15.80 ? 133  ALA A CB  1 
ATOM   1057 N N   . VAL A 1 134 ? -7.333  8.344   2.248   1.00 15.89 ? 134  VAL A N   1 
ATOM   1058 C CA  . VAL A 1 134 ? -7.342  9.218   1.077   1.00 17.23 ? 134  VAL A CA  1 
ATOM   1059 C C   . VAL A 1 134 ? -7.489  10.643  1.612   1.00 18.84 ? 134  VAL A C   1 
ATOM   1060 O O   . VAL A 1 134 ? -8.599  11.126  1.861   1.00 20.06 ? 134  VAL A O   1 
ATOM   1061 C CB  . VAL A 1 134 ? -8.503  8.877   0.119   1.00 17.02 ? 134  VAL A CB  1 
ATOM   1062 C CG1 . VAL A 1 134 ? -8.319  9.613   -1.197  1.00 16.76 ? 134  VAL A CG1 1 
ATOM   1063 C CG2 . VAL A 1 134 ? -8.550  7.372   -0.129  1.00 16.54 ? 134  VAL A CG2 1 
ATOM   1064 N N   . GLN A 1 135 ? -6.347  11.305  1.786   1.00 18.82 ? 135  GLN A N   1 
ATOM   1065 C CA  . GLN A 1 135 ? -6.289  12.647  2.360   1.00 19.63 ? 135  GLN A CA  1 
ATOM   1066 C C   . GLN A 1 135 ? -6.351  13.876  1.459   1.00 20.47 ? 135  GLN A C   1 
ATOM   1067 O O   . GLN A 1 135 ? -7.045  14.844  1.780   1.00 21.28 ? 135  GLN A O   1 
ATOM   1068 C CB  . GLN A 1 135 ? -5.025  12.765  3.217   1.00 21.42 ? 135  GLN A CB  1 
ATOM   1069 C CG  . GLN A 1 135 ? -5.123  12.152  4.604   1.00 24.76 ? 135  GLN A CG  1 
ATOM   1070 C CD  . GLN A 1 135 ? -6.067  12.924  5.505   1.00 27.37 ? 135  GLN A CD  1 
ATOM   1071 O OE1 . GLN A 1 135 ? -7.255  12.615  5.593   1.00 28.28 ? 135  GLN A OE1 1 
ATOM   1072 N NE2 . GLN A 1 135 ? -5.544  13.950  6.165   1.00 28.51 ? 135  GLN A NE2 1 
ATOM   1073 N N   . THR A 1 136 ? -5.619  13.857  0.352   1.00 18.47 ? 136  THR A N   1 
ATOM   1074 C CA  . THR A 1 136 ? -5.564  15.023  -0.524  1.00 17.70 ? 136  THR A CA  1 
ATOM   1075 C C   . THR A 1 136 ? -6.361  14.956  -1.816  1.00 18.34 ? 136  THR A C   1 
ATOM   1076 O O   . THR A 1 136 ? -6.777  13.881  -2.255  1.00 17.00 ? 136  THR A O   1 
ATOM   1077 C CB  . THR A 1 136 ? -4.111  15.338  -0.905  1.00 16.91 ? 136  THR A CB  1 
ATOM   1078 O OG1 . THR A 1 136 ? -3.583  14.254  -1.678  1.00 15.02 ? 136  THR A OG1 1 
ATOM   1079 C CG2 . THR A 1 136 ? -3.258  15.519  0.350   1.00 14.98 ? 136  THR A CG2 1 
ATOM   1080 N N   . TYR A 1 137 ? -6.552  16.125  -2.423  1.00 18.71 ? 137  TYR A N   1 
ATOM   1081 C CA  . TYR A 1 137 ? -7.273  16.236  -3.687  1.00 17.49 ? 137  TYR A CA  1 
ATOM   1082 C C   . TYR A 1 137 ? -6.507  15.491  -4.764  1.00 16.97 ? 137  TYR A C   1 
ATOM   1083 O O   . TYR A 1 137 ? -7.105  14.845  -5.625  1.00 16.89 ? 137  TYR A O   1 
ATOM   1084 C CB  . TYR A 1 137 ? -7.411  17.702  -4.099  1.00 18.99 ? 137  TYR A CB  1 
ATOM   1085 C CG  . TYR A 1 137 ? -8.379  18.494  -3.256  1.00 21.29 ? 137  TYR A CG  1 
ATOM   1086 C CD1 . TYR A 1 137 ? -8.027  19.748  -2.756  1.00 24.00 ? 137  TYR A CD1 1 
ATOM   1087 C CD2 . TYR A 1 137 ? -9.650  17.999  -2.963  1.00 22.22 ? 137  TYR A CD2 1 
ATOM   1088 C CE1 . TYR A 1 137 ? -8.916  20.491  -1.985  1.00 26.20 ? 137  TYR A CE1 1 
ATOM   1089 C CE2 . TYR A 1 137 ? -10.550 18.734  -2.193  1.00 24.88 ? 137  TYR A CE2 1 
ATOM   1090 C CZ  . TYR A 1 137 ? -10.173 19.979  -1.708  1.00 25.78 ? 137  TYR A CZ  1 
ATOM   1091 O OH  . TYR A 1 137 ? -11.049 20.713  -0.945  1.00 28.14 ? 137  TYR A OH  1 
ATOM   1092 N N   . GLU A 1 138 ? -5.180  15.591  -4.718  1.00 16.56 ? 138  GLU A N   1 
ATOM   1093 C CA  . GLU A 1 138 ? -4.327  14.915  -5.686  1.00 16.66 ? 138  GLU A CA  1 
ATOM   1094 C C   . GLU A 1 138 ? -4.602  13.413  -5.625  1.00 15.99 ? 138  GLU A C   1 
ATOM   1095 O O   . GLU A 1 138 ? -4.713  12.744  -6.653  1.00 15.71 ? 138  GLU A O   1 
ATOM   1096 C CB  . GLU A 1 138 ? -2.852  15.190  -5.375  1.00 20.25 ? 138  GLU A CB  1 
ATOM   1097 C CG  . GLU A 1 138 ? -1.884  14.652  -6.424  1.00 25.20 ? 138  GLU A CG  1 
ATOM   1098 C CD  . GLU A 1 138 ? -0.430  14.916  -6.075  1.00 28.11 ? 138  GLU A CD  1 
ATOM   1099 O OE1 . GLU A 1 138 ? 0.446   14.597  -6.904  1.00 30.29 ? 138  GLU A OE1 1 
ATOM   1100 O OE2 . GLU A 1 138 ? -0.161  15.440  -4.974  1.00 30.86 ? 138  GLU A OE2 1 
ATOM   1101 N N   . GLN A 1 139 ? -4.714  12.882  -4.413  1.00 14.51 ? 139  GLN A N   1 
ATOM   1102 C CA  . GLN A 1 139 ? -4.985  11.459  -4.245  1.00 14.04 ? 139  GLN A CA  1 
ATOM   1103 C C   . GLN A 1 139 ? -6.380  11.105  -4.758  1.00 14.36 ? 139  GLN A C   1 
ATOM   1104 O O   . GLN A 1 139 ? -6.566  10.077  -5.409  1.00 14.23 ? 139  GLN A O   1 
ATOM   1105 C CB  . GLN A 1 139 ? -4.820  11.072  -2.772  1.00 12.63 ? 139  GLN A CB  1 
ATOM   1106 C CG  . GLN A 1 139 ? -3.397  11.316  -2.284  1.00 14.58 ? 139  GLN A CG  1 
ATOM   1107 C CD  . GLN A 1 139 ? -3.231  11.118  -0.794  1.00 13.06 ? 139  GLN A CD  1 
ATOM   1108 O OE1 . GLN A 1 139 ? -4.187  11.241  -0.032  1.00 14.76 ? 139  GLN A OE1 1 
ATOM   1109 N NE2 . GLN A 1 139 ? -2.005  10.830  -0.367  1.00 15.06 ? 139  GLN A NE2 1 
ATOM   1110 N N   . GLU A 1 140 ? -7.358  11.961  -4.474  1.00 14.54 ? 140  GLU A N   1 
ATOM   1111 C CA  . GLU A 1 140 ? -8.726  11.740  -4.939  1.00 15.42 ? 140  GLU A CA  1 
ATOM   1112 C C   . GLU A 1 140 ? -8.779  11.768  -6.468  1.00 15.10 ? 140  GLU A C   1 
ATOM   1113 O O   . GLU A 1 140 ? -9.450  10.940  -7.084  1.00 15.41 ? 140  GLU A O   1 
ATOM   1114 C CB  . GLU A 1 140 ? -9.660  12.815  -4.378  1.00 19.01 ? 140  GLU A CB  1 
ATOM   1115 C CG  . GLU A 1 140 ? -9.778  12.791  -2.869  1.00 24.35 ? 140  GLU A CG  1 
ATOM   1116 C CD  . GLU A 1 140 ? -10.698 13.871  -2.332  1.00 26.78 ? 140  GLU A CD  1 
ATOM   1117 O OE1 . GLU A 1 140 ? -10.910 13.904  -1.103  1.00 29.29 ? 140  GLU A OE1 1 
ATOM   1118 O OE2 . GLU A 1 140 ? -11.206 14.686  -3.133  1.00 27.50 ? 140  GLU A OE2 1 
ATOM   1119 N N   . MET A 1 141 ? -8.076  12.725  -7.072  1.00 15.89 ? 141  MET A N   1 
ATOM   1120 C CA  . MET A 1 141 ? -8.038  12.854  -8.530  1.00 17.39 ? 141  MET A CA  1 
ATOM   1121 C C   . MET A 1 141 ? -7.361  11.634  -9.137  1.00 16.40 ? 141  MET A C   1 
ATOM   1122 O O   . MET A 1 141 ? -7.765  11.136  -10.183 1.00 15.32 ? 141  MET A O   1 
ATOM   1123 C CB  . MET A 1 141 ? -7.257  14.102  -8.952  1.00 21.40 ? 141  MET A CB  1 
ATOM   1124 C CG  . MET A 1 141 ? -7.886  15.424  -8.557  1.00 26.98 ? 141  MET A CG  1 
ATOM   1125 S SD  . MET A 1 141 ? -6.986  16.815  -9.286  1.00 35.57 ? 141  MET A SD  1 
ATOM   1126 C CE  . MET A 1 141 ? -5.687  17.033  -8.118  1.00 31.99 ? 141  MET A CE  1 
ATOM   1127 N N   . PHE A 1 142 ? -6.306  11.177  -8.477  1.00 13.59 ? 142  PHE A N   1 
ATOM   1128 C CA  . PHE A 1 142 ? -5.560  10.015  -8.929  1.00 13.87 ? 142  PHE A CA  1 
ATOM   1129 C C   . PHE A 1 142 ? -6.457  8.773   -8.998  1.00 12.78 ? 142  PHE A C   1 
ATOM   1130 O O   . PHE A 1 142 ? -6.360  7.987   -9.942  1.00 13.14 ? 142  PHE A O   1 
ATOM   1131 C CB  . PHE A 1 142 ? -4.389  9.771   -7.976  1.00 11.16 ? 142  PHE A CB  1 
ATOM   1132 C CG  . PHE A 1 142 ? -3.694  8.460   -8.184  1.00 14.04 ? 142  PHE A CG  1 
ATOM   1133 C CD1 . PHE A 1 142 ? -2.841  8.270   -9.267  1.00 16.15 ? 142  PHE A CD1 1 
ATOM   1134 C CD2 . PHE A 1 142 ? -3.900  7.410   -7.298  1.00 14.37 ? 142  PHE A CD2 1 
ATOM   1135 C CE1 . PHE A 1 142 ? -2.199  7.047   -9.461  1.00 16.17 ? 142  PHE A CE1 1 
ATOM   1136 C CE2 . PHE A 1 142 ? -3.264  6.185   -7.485  1.00 15.23 ? 142  PHE A CE2 1 
ATOM   1137 C CZ  . PHE A 1 142 ? -2.413  6.008   -8.570  1.00 14.99 ? 142  PHE A CZ  1 
ATOM   1138 N N   . LEU A 1 143 ? -7.326  8.603   -8.002  1.00 12.99 ? 143  LEU A N   1 
ATOM   1139 C CA  . LEU A 1 143 ? -8.226  7.447   -7.954  1.00 12.32 ? 143  LEU A CA  1 
ATOM   1140 C C   . LEU A 1 143 ? -9.286  7.450   -9.051  1.00 12.86 ? 143  LEU A C   1 
ATOM   1141 O O   . LEU A 1 143 ? -9.636  6.396   -9.580  1.00 13.68 ? 143  LEU A O   1 
ATOM   1142 C CB  . LEU A 1 143 ? -8.906  7.353   -6.586  1.00 12.55 ? 143  LEU A CB  1 
ATOM   1143 C CG  . LEU A 1 143 ? -7.952  7.041   -5.427  1.00 14.12 ? 143  LEU A CG  1 
ATOM   1144 C CD1 . LEU A 1 143 ? -8.710  7.061   -4.116  1.00 16.18 ? 143  LEU A CD1 1 
ATOM   1145 C CD2 . LEU A 1 143 ? -7.301  5.680   -5.650  1.00 14.14 ? 143  LEU A CD2 1 
ATOM   1146 N N   . LEU A 1 144 ? -9.804  8.625   -9.390  1.00 13.64 ? 144  LEU A N   1 
ATOM   1147 C CA  . LEU A 1 144 ? -10.794 8.692   -10.456 1.00 12.54 ? 144  LEU A CA  1 
ATOM   1148 C C   . LEU A 1 144 ? -10.081 8.332   -11.754 1.00 11.88 ? 144  LEU A C   1 
ATOM   1149 O O   . LEU A 1 144 ? -10.647 7.669   -12.629 1.00 12.03 ? 144  LEU A O   1 
ATOM   1150 C CB  . LEU A 1 144 ? -11.388 10.099  -10.562 1.00 14.15 ? 144  LEU A CB  1 
ATOM   1151 C CG  . LEU A 1 144 ? -12.400 10.250  -11.697 1.00 13.57 ? 144  LEU A CG  1 
ATOM   1152 C CD1 . LEU A 1 144 ? -13.603 9.347   -11.456 1.00 13.28 ? 144  LEU A CD1 1 
ATOM   1153 C CD2 . LEU A 1 144 ? -12.831 11.711  -11.785 1.00 14.19 ? 144  LEU A CD2 1 
ATOM   1154 N N   . ARG A 1 145 ? -8.832  8.771   -11.875 1.00 10.40 ? 145  ARG A N   1 
ATOM   1155 C CA  . ARG A 1 145 ? -8.035  8.479   -13.061 1.00 11.97 ? 145  ARG A CA  1 
ATOM   1156 C C   . ARG A 1 145 ? -7.775  6.975   -13.157 1.00 12.97 ? 145  ARG A C   1 
ATOM   1157 O O   . ARG A 1 145 ? -7.806  6.398   -14.250 1.00 14.01 ? 145  ARG A O   1 
ATOM   1158 C CB  . ARG A 1 145 ? -6.713  9.248   -13.007 1.00 14.43 ? 145  ARG A CB  1 
ATOM   1159 C CG  . ARG A 1 145 ? -5.777  8.986   -14.178 1.00 15.29 ? 145  ARG A CG  1 
ATOM   1160 C CD  . ARG A 1 145 ? -4.725  10.078  -14.265 1.00 17.47 ? 145  ARG A CD  1 
ATOM   1161 N NE  . ARG A 1 145 ? -3.759  9.848   -15.335 1.00 20.86 ? 145  ARG A NE  1 
ATOM   1162 C CZ  . ARG A 1 145 ? -2.633  9.156   -15.196 1.00 22.50 ? 145  ARG A CZ  1 
ATOM   1163 N NH1 . ARG A 1 145 ? -2.319  8.615   -14.025 1.00 21.22 ? 145  ARG A NH1 1 
ATOM   1164 N NH2 . ARG A 1 145 ? -1.815  9.009   -16.230 1.00 22.20 ? 145  ARG A NH2 1 
ATOM   1165 N N   . VAL A 1 146 ? -7.528  6.335   -12.016 1.00 12.84 ? 146  VAL A N   1 
ATOM   1166 C CA  . VAL A 1 146 ? -7.288  4.896   -12.010 1.00 13.22 ? 146  VAL A CA  1 
ATOM   1167 C C   . VAL A 1 146 ? -8.540  4.174   -12.497 1.00 12.81 ? 146  VAL A C   1 
ATOM   1168 O O   . VAL A 1 146 ? -8.444  3.207   -13.250 1.00 14.01 ? 146  VAL A O   1 
ATOM   1169 C CB  . VAL A 1 146 ? -6.913  4.363   -10.600 1.00 11.87 ? 146  VAL A CB  1 
ATOM   1170 C CG1 . VAL A 1 146 ? -6.828  2.834   -10.624 1.00 11.94 ? 146  VAL A CG1 1 
ATOM   1171 C CG2 . VAL A 1 146 ? -5.571  4.947   -10.163 1.00 12.94 ? 146  VAL A CG2 1 
ATOM   1172 N N   . GLU A 1 147 ? -9.714  4.643   -12.081 1.00 13.01 ? 147  GLU A N   1 
ATOM   1173 C CA  . GLU A 1 147 ? -10.956 4.006   -12.517 1.00 11.95 ? 147  GLU A CA  1 
ATOM   1174 C C   . GLU A 1 147 ? -11.120 4.168   -14.024 1.00 13.09 ? 147  GLU A C   1 
ATOM   1175 O O   . GLU A 1 147 ? -11.473 3.220   -14.727 1.00 12.81 ? 147  GLU A O   1 
ATOM   1176 C CB  . GLU A 1 147 ? -12.180 4.601   -11.809 1.00 12.27 ? 147  GLU A CB  1 
ATOM   1177 C CG  . GLU A 1 147 ? -13.485 4.006   -12.352 1.00 12.89 ? 147  GLU A CG  1 
ATOM   1178 C CD  . GLU A 1 147 ? -14.752 4.517   -11.692 1.00 14.56 ? 147  GLU A CD  1 
ATOM   1179 O OE1 . GLU A 1 147 ? -15.833 4.002   -12.050 1.00 14.03 ? 147  GLU A OE1 1 
ATOM   1180 O OE2 . GLU A 1 147 ? -14.691 5.419   -10.831 1.00 13.66 ? 147  GLU A OE2 1 
ATOM   1181 N N   . GLY A 1 148 ? -10.853 5.369   -14.527 1.00 12.31 ? 148  GLY A N   1 
ATOM   1182 C CA  . GLY A 1 148 ? -10.992 5.604   -15.952 1.00 13.19 ? 148  GLY A CA  1 
ATOM   1183 C C   . GLY A 1 148 ? -9.985  4.847   -16.792 1.00 14.55 ? 148  GLY A C   1 
ATOM   1184 O O   . GLY A 1 148 ? -10.272 4.474   -17.930 1.00 17.30 ? 148  GLY A O   1 
ATOM   1185 N N   . MET A 1 149 ? -8.805  4.612   -16.233 1.00 12.77 ? 149  MET A N   1 
ATOM   1186 C CA  . MET A 1 149 ? -7.744  3.909   -16.946 1.00 13.98 ? 149  MET A CA  1 
ATOM   1187 C C   . MET A 1 149 ? -7.641  2.433   -16.559 1.00 13.15 ? 149  MET A C   1 
ATOM   1188 O O   . MET A 1 149 ? -6.673  1.772   -16.927 1.00 15.00 ? 149  MET A O   1 
ATOM   1189 C CB  . MET A 1 149 ? -6.391  4.578   -16.667 1.00 16.45 ? 149  MET A CB  1 
ATOM   1190 C CG  . MET A 1 149 ? -6.223  5.985   -17.223 1.00 18.50 ? 149  MET A CG  1 
ATOM   1191 S SD  . MET A 1 149 ? -4.631  6.706   -16.733 1.00 22.77 ? 149  MET A SD  1 
ATOM   1192 C CE  . MET A 1 149 ? -3.508  5.755   -17.701 1.00 22.05 ? 149  MET A CE  1 
ATOM   1193 N N   . ARG A 1 150 ? -8.631  1.919   -15.834 1.00 11.93 ? 150  ARG A N   1 
ATOM   1194 C CA  . ARG A 1 150 ? -8.586  0.526   -15.383 1.00 11.93 ? 150  ARG A CA  1 
ATOM   1195 C C   . ARG A 1 150 ? -8.139  -0.505  -16.418 1.00 13.05 ? 150  ARG A C   1 
ATOM   1196 O O   . ARG A 1 150 ? -7.211  -1.269  -16.166 1.00 11.30 ? 150  ARG A O   1 
ATOM   1197 C CB  . ARG A 1 150 ? -9.936  0.098   -14.802 1.00 11.52 ? 150  ARG A CB  1 
ATOM   1198 C CG  . ARG A 1 150 ? -9.942  -1.350  -14.322 1.00 11.42 ? 150  ARG A CG  1 
ATOM   1199 C CD  . ARG A 1 150 ? -11.175 -1.683  -13.494 1.00 10.46 ? 150  ARG A CD  1 
ATOM   1200 N NE  . ARG A 1 150 ? -11.131 -3.075  -13.047 1.00 10.72 ? 150  ARG A NE  1 
ATOM   1201 C CZ  . ARG A 1 150 ? -11.399 -4.116  -13.826 1.00 12.92 ? 150  ARG A CZ  1 
ATOM   1202 N NH1 . ARG A 1 150 ? -11.751 -3.930  -15.095 1.00 13.41 ? 150  ARG A NH1 1 
ATOM   1203 N NH2 . ARG A 1 150 ? -11.279 -5.348  -13.346 1.00 11.79 ? 150  ARG A NH2 1 
ATOM   1204 N N   . LYS A 1 151 ? -8.798  -0.536  -17.571 1.00 14.42 ? 151  LYS A N   1 
ATOM   1205 C CA  . LYS A 1 151 ? -8.454  -1.501  -18.614 1.00 15.28 ? 151  LYS A CA  1 
ATOM   1206 C C   . LYS A 1 151 ? -7.014  -1.343  -19.093 1.00 14.51 ? 151  LYS A C   1 
ATOM   1207 O O   . LYS A 1 151 ? -6.325  -2.332  -19.338 1.00 14.65 ? 151  LYS A O   1 
ATOM   1208 C CB  . LYS A 1 151 ? -9.418  -1.357  -19.791 1.00 16.83 ? 151  LYS A CB  1 
ATOM   1209 C CG  . LYS A 1 151 ? -10.876 -1.471  -19.389 1.00 20.00 ? 151  LYS A CG  1 
ATOM   1210 C CD  . LYS A 1 151 ? -11.218 -2.862  -18.885 1.00 24.36 ? 151  LYS A CD  1 
ATOM   1211 C CE  . LYS A 1 151 ? -11.223 -3.874  -20.023 1.00 27.24 ? 151  LYS A CE  1 
ATOM   1212 N NZ  . LYS A 1 151 ? -11.701 -5.208  -19.572 1.00 29.21 ? 151  LYS A NZ  1 
ATOM   1213 N N   . SER A 1 152 ? -6.565  -0.100  -19.227 1.00 14.20 ? 152  SER A N   1 
ATOM   1214 C CA  . SER A 1 152 ? -5.205  0.182   -19.664 1.00 15.96 ? 152  SER A CA  1 
ATOM   1215 C C   . SER A 1 152 ? -4.185  -0.309  -18.634 1.00 15.17 ? 152  SER A C   1 
ATOM   1216 O O   . SER A 1 152 ? -3.153  -0.877  -18.987 1.00 15.15 ? 152  SER A O   1 
ATOM   1217 C CB  . SER A 1 152 ? -5.027  1.687   -19.893 1.00 19.30 ? 152  SER A CB  1 
ATOM   1218 O OG  . SER A 1 152 ? -3.702  1.978   -20.297 1.00 25.94 ? 152  SER A OG  1 
ATOM   1219 N N   . TRP A 1 153 ? -4.474  -0.086  -17.356 1.00 14.88 ? 153  TRP A N   1 
ATOM   1220 C CA  . TRP A 1 153 ? -3.567  -0.528  -16.306 1.00 15.18 ? 153  TRP A CA  1 
ATOM   1221 C C   . TRP A 1 153 ? -3.435  -2.045  -16.292 1.00 14.24 ? 153  TRP A C   1 
ATOM   1222 O O   . TRP A 1 153 ? -2.325  -2.573  -16.224 1.00 14.95 ? 153  TRP A O   1 
ATOM   1223 C CB  . TRP A 1 153 ? -4.041  -0.032  -14.938 1.00 14.94 ? 153  TRP A CB  1 
ATOM   1224 C CG  . TRP A 1 153 ? -3.635  1.385   -14.676 1.00 16.24 ? 153  TRP A CG  1 
ATOM   1225 C CD1 . TRP A 1 153 ? -4.455  2.435   -14.403 1.00 14.89 ? 153  TRP A CD1 1 
ATOM   1226 C CD2 . TRP A 1 153 ? -2.298  1.909   -14.692 1.00 15.74 ? 153  TRP A CD2 1 
ATOM   1227 N NE1 . TRP A 1 153 ? -3.714  3.589   -14.248 1.00 15.52 ? 153  TRP A NE1 1 
ATOM   1228 C CE2 . TRP A 1 153 ? -2.388  3.293   -14.421 1.00 17.13 ? 153  TRP A CE2 1 
ATOM   1229 C CE3 . TRP A 1 153 ? -1.034  1.343   -14.909 1.00 16.52 ? 153  TRP A CE3 1 
ATOM   1230 C CZ2 . TRP A 1 153 ? -1.260  4.125   -14.361 1.00 16.75 ? 153  TRP A CZ2 1 
ATOM   1231 C CZ3 . TRP A 1 153 ? 0.090   2.171   -14.851 1.00 16.82 ? 153  TRP A CZ3 1 
ATOM   1232 C CH2 . TRP A 1 153 ? -0.035  3.546   -14.579 1.00 17.28 ? 153  TRP A CH2 1 
ATOM   1233 N N   . LEU A 1 154 ? -4.565  -2.746  -16.359 1.00 13.29 ? 154  LEU A N   1 
ATOM   1234 C CA  . LEU A 1 154 ? -4.537  -4.207  -16.357 1.00 11.93 ? 154  LEU A CA  1 
ATOM   1235 C C   . LEU A 1 154 ? -3.755  -4.737  -17.556 1.00 12.34 ? 154  LEU A C   1 
ATOM   1236 O O   . LEU A 1 154 ? -2.984  -5.684  -17.432 1.00 13.12 ? 154  LEU A O   1 
ATOM   1237 C CB  . LEU A 1 154 ? -5.961  -4.771  -16.366 1.00 12.45 ? 154  LEU A CB  1 
ATOM   1238 C CG  . LEU A 1 154 ? -6.786  -4.479  -15.108 1.00 11.65 ? 154  LEU A CG  1 
ATOM   1239 C CD1 . LEU A 1 154 ? -8.169  -5.106  -15.248 1.00 13.24 ? 154  LEU A CD1 1 
ATOM   1240 C CD2 . LEU A 1 154 ? -6.071  -5.042  -13.880 1.00 12.55 ? 154  LEU A CD2 1 
ATOM   1241 N N   . LYS A 1 155 ? -3.948  -4.125  -18.716 1.00 11.89 ? 155  LYS A N   1 
ATOM   1242 C CA  . LYS A 1 155 ? -3.229  -4.565  -19.903 1.00 15.18 ? 155  LYS A CA  1 
ATOM   1243 C C   . LYS A 1 155 ? -1.720  -4.392  -19.727 1.00 15.53 ? 155  LYS A C   1 
ATOM   1244 O O   . LYS A 1 155 ? -0.941  -5.277  -20.082 1.00 16.74 ? 155  LYS A O   1 
ATOM   1245 C CB  . LYS A 1 155 ? -3.711  -3.784  -21.131 1.00 16.23 ? 155  LYS A CB  1 
ATOM   1246 C CG  . LYS A 1 155 ? -2.916  -4.047  -22.399 1.00 21.34 ? 155  LYS A CG  1 
ATOM   1247 C CD  . LYS A 1 155 ? -2.031  -2.855  -22.742 1.00 27.73 ? 155  LYS A CD  1 
ATOM   1248 C CE  . LYS A 1 155 ? -2.860  -1.589  -22.920 1.00 29.73 ? 155  LYS A CE  1 
ATOM   1249 N NZ  . LYS A 1 155 ? -2.019  -0.381  -23.154 1.00 33.15 ? 155  LYS A NZ  1 
ATOM   1250 N N   . ASN A 1 156 ? -1.304  -3.263  -19.162 1.00 15.78 ? 156  ASN A N   1 
ATOM   1251 C CA  . ASN A 1 156 ? 0.121   -3.012  -18.976 1.00 15.96 ? 156  ASN A CA  1 
ATOM   1252 C C   . ASN A 1 156 ? 0.739   -3.824  -17.845 1.00 16.49 ? 156  ASN A C   1 
ATOM   1253 O O   . ASN A 1 156 ? 1.924   -4.148  -17.884 1.00 16.95 ? 156  ASN A O   1 
ATOM   1254 C CB  . ASN A 1 156 ? 0.376   -1.521  -18.748 1.00 17.91 ? 156  ASN A CB  1 
ATOM   1255 C CG  . ASN A 1 156 ? 0.150   -0.697  -20.000 1.00 21.97 ? 156  ASN A CG  1 
ATOM   1256 O OD1 . ASN A 1 156 ? 0.592   -1.071  -21.086 1.00 25.07 ? 156  ASN A OD1 1 
ATOM   1257 N ND2 . ASN A 1 156 ? -0.530  0.433   -19.853 1.00 25.38 ? 156  ASN A ND2 1 
ATOM   1258 N N   . ILE A 1 157 ? -0.060  -4.150  -16.838 1.00 14.01 ? 157  ILE A N   1 
ATOM   1259 C CA  . ILE A 1 157 ? 0.427   -4.938  -15.710 1.00 17.10 ? 157  ILE A CA  1 
ATOM   1260 C C   . ILE A 1 157 ? 0.695   -6.381  -16.121 1.00 18.68 ? 157  ILE A C   1 
ATOM   1261 O O   . ILE A 1 157 ? 1.671   -6.992  -15.678 1.00 18.70 ? 157  ILE A O   1 
ATOM   1262 C CB  . ILE A 1 157 ? -0.595  -4.945  -14.554 1.00 16.37 ? 157  ILE A CB  1 
ATOM   1263 C CG1 . ILE A 1 157 ? -0.647  -3.565  -13.900 1.00 17.78 ? 157  ILE A CG1 1 
ATOM   1264 C CG2 . ILE A 1 157 ? -0.235  -6.021  -13.533 1.00 17.71 ? 157  ILE A CG2 1 
ATOM   1265 C CD1 . ILE A 1 157 ? -1.775  -3.408  -12.909 1.00 18.70 ? 157  ILE A CD1 1 
ATOM   1266 N N   . TYR A 1 158 ? -0.166  -6.918  -16.981 1.00 20.49 ? 158  TYR A N   1 
ATOM   1267 C CA  . TYR A 1 158 ? -0.039  -8.301  -17.416 1.00 23.39 ? 158  TYR A CA  1 
ATOM   1268 C C   . TYR A 1 158 ? 0.577   -8.521  -18.791 1.00 28.45 ? 158  TYR A C   1 
ATOM   1269 O O   . TYR A 1 158 ? 0.443   -9.600  -19.363 1.00 28.83 ? 158  TYR A O   1 
ATOM   1270 C CB  . TYR A 1 158 ? -1.400  -8.992  -17.361 1.00 21.10 ? 158  TYR A CB  1 
ATOM   1271 C CG  . TYR A 1 158 ? -1.986  -9.080  -15.973 1.00 16.72 ? 158  TYR A CG  1 
ATOM   1272 C CD1 . TYR A 1 158 ? -2.994  -8.210  -15.562 1.00 17.63 ? 158  TYR A CD1 1 
ATOM   1273 C CD2 . TYR A 1 158 ? -1.539  -10.044 -15.071 1.00 18.13 ? 158  TYR A CD2 1 
ATOM   1274 C CE1 . TYR A 1 158 ? -3.547  -8.301  -14.289 1.00 18.89 ? 158  TYR A CE1 1 
ATOM   1275 C CE2 . TYR A 1 158 ? -2.087  -10.141 -13.791 1.00 17.98 ? 158  TYR A CE2 1 
ATOM   1276 C CZ  . TYR A 1 158 ? -3.091  -9.267  -13.411 1.00 19.01 ? 158  TYR A CZ  1 
ATOM   1277 O OH  . TYR A 1 158 ? -3.640  -9.360  -12.151 1.00 23.41 ? 158  TYR A OH  1 
ATOM   1278 N N   . SER A 1 159 ? 1.241   -7.506  -19.328 1.00 33.45 ? 159  SER A N   1 
ATOM   1279 C CA  . SER A 1 159 ? 1.881   -7.662  -20.628 1.00 39.54 ? 159  SER A CA  1 
ATOM   1280 C C   . SER A 1 159 ? 2.914   -8.778  -20.471 1.00 43.53 ? 159  SER A C   1 
ATOM   1281 O O   . SER A 1 159 ? 3.847   -8.657  -19.676 1.00 43.92 ? 159  SER A O   1 
ATOM   1282 C CB  . SER A 1 159 ? 2.569   -6.362  -21.043 1.00 40.42 ? 159  SER A CB  1 
ATOM   1283 O OG  . SER A 1 159 ? 1.638   -5.296  -21.129 1.00 41.57 ? 159  SER A OG  1 
ATOM   1284 N N   . ASN A 1 160 ? 2.742   -9.864  -21.221 1.00 48.41 ? 160  ASN A N   1 
ATOM   1285 C CA  . ASN A 1 160 ? 3.661   -10.994 -21.131 1.00 52.73 ? 160  ASN A CA  1 
ATOM   1286 C C   . ASN A 1 160 ? 4.209   -11.425 -22.490 1.00 55.17 ? 160  ASN A C   1 
ATOM   1287 O O   . ASN A 1 160 ? 3.953   -10.786 -23.511 1.00 55.31 ? 160  ASN A O   1 
ATOM   1288 C CB  . ASN A 1 160 ? 2.958   -12.187 -20.487 1.00 54.53 ? 160  ASN A CB  1 
ATOM   1289 C CG  . ASN A 1 160 ? 2.252   -13.058 -21.506 1.00 56.30 ? 160  ASN A CG  1 
ATOM   1290 O OD1 . ASN A 1 160 ? 1.537   -12.558 -22.377 1.00 57.18 ? 160  ASN A OD1 1 
ATOM   1291 N ND2 . ASN A 1 160 ? 2.449   -14.369 -21.404 1.00 57.06 ? 160  ASN A ND2 1 
ATOM   1292 N N   . SER A 1 161 ? 4.957   -12.528 -22.485 1.00 57.48 ? 161  SER A N   1 
ATOM   1293 C CA  . SER A 1 161 ? 5.554   -13.074 -23.700 1.00 59.43 ? 161  SER A CA  1 
ATOM   1294 C C   . SER A 1 161 ? 4.510   -13.774 -24.560 1.00 60.12 ? 161  SER A C   1 
ATOM   1295 O O   . SER A 1 161 ? 4.681   -14.983 -24.829 1.00 60.72 ? 161  SER A O   1 
ATOM   1296 C CB  . SER A 1 161 ? 6.676   -14.057 -23.345 1.00 59.94 ? 161  SER A CB  1 
ATOM   1297 O OG  . SER A 1 161 ? 6.199   -15.138 -22.562 1.00 60.28 ? 161  SER A OG  1 
ATOM   1298 O OXT . SER A 1 161 ? 3.531   -13.103 -24.956 1.00 61.12 ? 161  SER A OXT 1 
HETATM 1299 P P   . PO4 B 2 .   ? -0.068  10.294  5.450   1.00 20.61 ? 2902 PO4 A P   1 
HETATM 1300 O O1  . PO4 B 2 .   ? -1.271  9.669   6.068   1.00 20.23 ? 2902 PO4 A O1  1 
HETATM 1301 O O2  . PO4 B 2 .   ? -0.217  11.776  5.473   1.00 21.00 ? 2902 PO4 A O2  1 
HETATM 1302 O O3  . PO4 B 2 .   ? 0.068   9.829   4.044   1.00 18.07 ? 2902 PO4 A O3  1 
HETATM 1303 O O4  . PO4 B 2 .   ? 1.146   9.905   6.221   1.00 19.15 ? 2902 PO4 A O4  1 
HETATM 1304 O O   . HOH C 3 .   ? -0.891  11.614  2.349   1.00 18.08 ? 5201 HOH A O   1 
HETATM 1305 O O   . HOH C 3 .   ? -1.864  13.882  3.473   1.00 21.32 ? 5202 HOH A O   1 
HETATM 1306 O O   . HOH C 3 .   ? -3.721  0.766   15.292  1.00 40.53 ? 5203 HOH A O   1 
HETATM 1307 O O   . HOH C 3 .   ? 12.673  -2.296  -2.145  1.00 16.06 ? 5204 HOH A O   1 
HETATM 1308 O O   . HOH C 3 .   ? 5.523   9.428   -5.751  1.00 18.29 ? 5205 HOH A O   1 
HETATM 1309 O O   . HOH C 3 .   ? -13.243 9.129   6.870   1.00 28.47 ? 5206 HOH A O   1 
HETATM 1310 O O   . HOH C 3 .   ? -8.893  -5.285  10.451  1.00 24.07 ? 5207 HOH A O   1 
HETATM 1311 O O   . HOH C 3 .   ? 5.560   14.534  6.327   1.00 41.63 ? 5208 HOH A O   1 
HETATM 1312 O O   . HOH C 3 .   ? 5.655   12.282  7.673   1.00 23.41 ? 5209 HOH A O   1 
HETATM 1313 O O   . HOH C 3 .   ? -9.856  -7.442  -4.208  1.00 20.48 ? 5210 HOH A O   1 
HETATM 1314 O O   . HOH C 3 .   ? 0.527   1.130   12.648  1.00 26.99 ? 5211 HOH A O   1 
HETATM 1315 O O   . HOH C 3 .   ? 10.256  4.214   -6.679  1.00 19.75 ? 5212 HOH A O   1 
HETATM 1316 O O   . HOH C 3 .   ? -14.854 -2.047  4.220   1.00 29.45 ? 5213 HOH A O   1 
HETATM 1317 O O   . HOH C 3 .   ? 12.700  -3.106  18.125  1.00 24.96 ? 5214 HOH A O   1 
HETATM 1318 O O   . HOH C 3 .   ? -6.964  22.257  7.200   1.00 34.83 ? 5215 HOH A O   1 
HETATM 1319 O O   . HOH C 3 .   ? 18.869  8.737   11.158  1.00 20.32 ? 5216 HOH A O   1 
HETATM 1320 O O   . HOH C 3 .   ? -3.632  17.158  4.189   1.00 44.78 ? 5217 HOH A O   1 
HETATM 1321 O O   . HOH C 3 .   ? -2.417  1.141   11.429  1.00 28.78 ? 5218 HOH A O   1 
HETATM 1322 O O   . HOH C 3 .   ? 9.816   9.401   -4.167  1.00 26.91 ? 5219 HOH A O   1 
HETATM 1323 O O   . HOH C 3 .   ? 4.367   14.609  -4.628  1.00 41.59 ? 5220 HOH A O   1 
HETATM 1324 O O   . HOH C 3 .   ? 1.685   -4.112  14.750  1.00 20.34 ? 5221 HOH A O   1 
HETATM 1325 O O   . HOH C 3 .   ? 1.561   9.161   16.714  1.00 58.87 ? 5222 HOH A O   1 
HETATM 1326 O O   . HOH C 3 .   ? 2.545   -6.065  0.018   1.00 14.80 ? 5223 HOH A O   1 
HETATM 1327 O O   . HOH C 3 .   ? 19.302  -8.227  4.065   1.00 43.83 ? 5224 HOH A O   1 
HETATM 1328 O O   . HOH C 3 .   ? -0.357  13.953  -9.366  1.00 34.04 ? 5225 HOH A O   1 
HETATM 1329 O O   . HOH C 3 .   ? 0.574   9.167   -11.112 1.00 25.67 ? 5226 HOH A O   1 
HETATM 1330 O O   . HOH C 3 .   ? 0.075   0.454   17.602  1.00 45.34 ? 5227 HOH A O   1 
HETATM 1331 O O   . HOH C 3 .   ? 13.099  -11.296 -4.722  1.00 48.74 ? 5228 HOH A O   1 
HETATM 1332 O O   . HOH C 3 .   ? 2.860   -10.119 -10.923 1.00 61.81 ? 5229 HOH A O   1 
HETATM 1333 O O   . HOH C 3 .   ? -15.973 -1.059  -13.333 1.00 31.64 ? 5230 HOH A O   1 
HETATM 1334 O O   . HOH C 3 .   ? 10.460  -16.979 7.046   1.00 50.91 ? 5231 HOH A O   1 
HETATM 1335 O O   . HOH C 3 .   ? 14.676  11.360  9.583   1.00 23.55 ? 5232 HOH A O   1 
HETATM 1336 O O   . HOH C 3 .   ? -15.062 5.323   9.065   1.00 25.82 ? 5233 HOH A O   1 
HETATM 1337 O O   . HOH C 3 .   ? -8.092  1.865   11.191  1.00 24.58 ? 5234 HOH A O   1 
HETATM 1338 O O   . HOH C 3 .   ? 20.243  -12.847 3.529   1.00 47.74 ? 5235 HOH A O   1 
HETATM 1339 O O   . HOH C 3 .   ? 2.295   16.223  -4.213  1.00 44.18 ? 5236 HOH A O   1 
HETATM 1340 O O   . HOH C 3 .   ? 14.945  -0.818  -1.957  1.00 29.81 ? 5237 HOH A O   1 
HETATM 1341 O O   . HOH C 3 .   ? 6.977   11.430  9.996   1.00 29.18 ? 5238 HOH A O   1 
HETATM 1342 O O   . HOH C 3 .   ? -6.478  21.153  4.849   1.00 37.34 ? 5239 HOH A O   1 
HETATM 1343 O O   . HOH C 3 .   ? -0.912  12.791  8.617   1.00 43.69 ? 5240 HOH A O   1 
HETATM 1344 O O   . HOH C 3 .   ? -0.979  8.221   8.161   1.00 17.89 ? 5241 HOH A O   1 
HETATM 1345 O O   . HOH C 3 .   ? 7.113   12.662  2.723   1.00 14.85 ? 5242 HOH A O   1 
HETATM 1346 O O   . HOH C 3 .   ? -3.276  -9.564  -4.707  1.00 20.98 ? 5243 HOH A O   1 
HETATM 1347 O O   . HOH C 3 .   ? -7.502  -4.804  -20.067 1.00 17.19 ? 5244 HOH A O   1 
HETATM 1348 O O   . HOH C 3 .   ? 4.846   -15.148 8.422   1.00 34.63 ? 5245 HOH A O   1 
HETATM 1349 O O   . HOH C 3 .   ? -16.837 7.362   3.318   1.00 34.20 ? 5246 HOH A O   1 
HETATM 1350 O O   . HOH C 3 .   ? -17.486 -5.273  -7.543  1.00 31.08 ? 5247 HOH A O   1 
HETATM 1351 O O   . HOH C 3 .   ? -10.544 -7.195  -21.014 1.00 21.70 ? 5248 HOH A O   1 
HETATM 1352 O O   . HOH C 3 .   ? -10.653 1.662   -18.657 1.00 16.75 ? 5249 HOH A O   1 
HETATM 1353 O O   . HOH C 3 .   ? -5.742  -12.877 14.358  1.00 39.22 ? 5250 HOH A O   1 
HETATM 1354 O O   . HOH C 3 .   ? -0.963  -4.764  13.907  1.00 29.30 ? 5251 HOH A O   1 
HETATM 1355 O O   . HOH C 3 .   ? -5.731  18.521  -0.079  1.00 30.43 ? 5252 HOH A O   1 
HETATM 1356 O O   . HOH C 3 .   ? 14.138  -18.588 6.097   1.00 53.36 ? 5253 HOH A O   1 
HETATM 1357 O O   . HOH C 3 .   ? 4.748   -9.130  18.976  1.00 30.72 ? 5255 HOH A O   1 
HETATM 1358 O O   . HOH C 3 .   ? -6.333  12.358  10.543  1.00 45.89 ? 5256 HOH A O   1 
HETATM 1359 O O   . HOH C 3 .   ? -4.029  2.984   10.747  1.00 21.69 ? 5257 HOH A O   1 
HETATM 1360 O O   . HOH C 3 .   ? -9.670  17.394  0.874   1.00 39.39 ? 5258 HOH A O   1 
HETATM 1361 O O   . HOH C 3 .   ? -2.847  19.642  1.171   1.00 28.26 ? 5259 HOH A O   1 
HETATM 1362 O O   . HOH C 3 .   ? -0.415  -15.665 -1.809  1.00 38.08 ? 5260 HOH A O   1 
HETATM 1363 O O   . HOH C 3 .   ? 2.989   4.950   13.693  1.00 38.57 ? 5261 HOH A O   1 
HETATM 1364 O O   . HOH C 3 .   ? 8.688   7.825   -10.639 1.00 26.75 ? 5262 HOH A O   1 
HETATM 1365 O O   . HOH C 3 .   ? -6.469  0.491   12.803  1.00 24.58 ? 5263 HOH A O   1 
HETATM 1366 O O   . HOH C 3 .   ? 6.665   -5.039  -9.054  1.00 16.29 ? 5264 HOH A O   1 
HETATM 1367 O O   . HOH C 3 .   ? 2.686   17.784  4.552   1.00 53.78 ? 5265 HOH A O   1 
HETATM 1368 O O   . HOH C 3 .   ? 8.656   2.067   -9.825  1.00 20.76 ? 5266 HOH A O   1 
HETATM 1369 O O   . HOH C 3 .   ? 5.756   7.558   13.451  1.00 40.19 ? 5267 HOH A O   1 
HETATM 1370 O O   . HOH C 3 .   ? -3.407  -1.764  15.373  1.00 38.64 ? 5268 HOH A O   1 
HETATM 1371 O O   . HOH C 3 .   ? -1.015  16.870  -2.650  1.00 36.06 ? 5269 HOH A O   1 
HETATM 1372 O O   . HOH C 3 .   ? -10.353 -6.151  -23.606 1.00 22.18 ? 5270 HOH A O   1 
HETATM 1373 O O   . HOH C 3 .   ? 4.833   -8.502  -24.294 1.00 53.82 ? 5271 HOH A O   1 
HETATM 1374 O O   . HOH C 3 .   ? 5.342   16.007  0.972   1.00 21.33 ? 5272 HOH A O   1 
HETATM 1375 O O   . HOH C 3 .   ? -13.782 -0.451  -22.532 1.00 46.56 ? 5273 HOH A O   1 
HETATM 1376 O O   . HOH C 3 .   ? 10.766  4.224   17.213  1.00 41.21 ? 5274 HOH A O   1 
HETATM 1377 O O   . HOH C 3 .   ? -0.555  7.427   -2.376  1.00 33.05 ? 5275 HOH A O   1 
HETATM 1378 O O   . HOH C 3 .   ? -3.350  13.025  -9.346  1.00 26.85 ? 5276 HOH A O   1 
HETATM 1379 O O   . HOH C 3 .   ? -8.408  2.193   -20.167 1.00 26.02 ? 5277 HOH A O   1 
HETATM 1380 O O   . HOH C 3 .   ? 0.725   -1.613  13.038  1.00 30.70 ? 5278 HOH A O   1 
HETATM 1381 O O   . HOH C 3 .   ? 7.031   4.609   13.550  1.00 38.02 ? 5279 HOH A O   1 
HETATM 1382 O O   . HOH C 3 .   ? 7.978   8.821   10.463  1.00 21.82 ? 5280 HOH A O   1 
HETATM 1383 O O   . HOH C 3 .   ? 11.563  2.608   23.558  1.00 64.36 ? 5281 HOH A O   1 
HETATM 1384 O O   . HOH C 3 .   ? 14.961  -4.273  17.013  1.00 45.10 ? 5282 HOH A O   1 
HETATM 1385 O O   . HOH C 3 .   ? -1.037  -9.648  16.265  1.00 36.99 ? 5283 HOH A O   1 
HETATM 1386 O O   . HOH C 3 .   ? -4.227  -14.274 12.688  1.00 19.31 ? 5284 HOH A O   1 
HETATM 1387 O O   . HOH C 3 .   ? 13.109  -4.220  -0.257  1.00 40.83 ? 5285 HOH A O   1 
HETATM 1388 O O   . HOH C 3 .   ? -0.331  16.295  3.104   1.00 54.33 ? 5286 HOH A O   1 
HETATM 1389 O O   . HOH C 3 .   ? 2.496   13.168  -5.909  1.00 21.20 ? 5287 HOH A O   1 
HETATM 1390 O O   . HOH C 3 .   ? 3.367   11.509  -8.470  1.00 31.21 ? 5288 HOH A O   1 
HETATM 1391 O O   . HOH C 3 .   ? 2.520   16.597  -1.649  1.00 39.05 ? 5289 HOH A O   1 
HETATM 1392 O O   . HOH C 3 .   ? 10.810  14.894  1.121   1.00 52.57 ? 5290 HOH A O   1 
HETATM 1393 O O   . HOH C 3 .   ? 16.591  11.246  -0.499  1.00 54.30 ? 5291 HOH A O   1 
HETATM 1394 O O   . HOH C 3 .   ? 11.499  9.943   -1.942  1.00 27.50 ? 5292 HOH A O   1 
HETATM 1395 O O   . HOH C 3 .   ? 2.093   11.390  8.185   1.00 38.40 ? 5293 HOH A O   1 
HETATM 1396 O O   . HOH C 3 .   ? -5.376  4.813   14.735  1.00 35.96 ? 5294 HOH A O   1 
HETATM 1397 O O   . HOH C 3 .   ? -2.383  5.889   12.916  1.00 38.03 ? 5295 HOH A O   1 
HETATM 1398 O O   . HOH C 3 .   ? 1.796   -14.568 0.419   1.00 31.64 ? 5296 HOH A O   1 
HETATM 1399 O O   . HOH C 3 .   ? -2.461  -14.341 5.227   1.00 28.85 ? 5297 HOH A O   1 
HETATM 1400 O O   . HOH C 3 .   ? 23.466  1.014   3.413   1.00 53.98 ? 5298 HOH A O   1 
HETATM 1401 O O   . HOH C 3 .   ? 19.488  3.308   3.895   1.00 34.30 ? 5299 HOH A O   1 
HETATM 1402 O O   . HOH C 3 .   ? 14.844  1.774   -1.231  1.00 25.17 ? 5300 HOH A O   1 
HETATM 1403 O O   . HOH C 3 .   ? -18.753 0.352   -7.382  1.00 23.28 ? 5301 HOH A O   1 
HETATM 1404 O O   . HOH C 3 .   ? -10.010 13.397  3.440   1.00 50.08 ? 5302 HOH A O   1 
HETATM 1405 O O   . HOH C 3 .   ? -11.102 15.821  4.380   1.00 44.50 ? 5303 HOH A O   1 
HETATM 1406 O O   . HOH C 3 .   ? -9.354  18.544  5.087   1.00 54.22 ? 5304 HOH A O   1 
HETATM 1407 O O   . HOH C 3 .   ? -12.613 11.359  5.628   1.00 36.43 ? 5305 HOH A O   1 
HETATM 1408 O O   . HOH C 3 .   ? 6.674   -19.153 -24.852 1.00 48.62 ? 5306 HOH A O   1 
HETATM 1409 O O   . HOH C 3 .   ? -3.456  17.810  -3.559  1.00 26.47 ? 5307 HOH A O   1 
HETATM 1410 O O   . HOH C 3 .   ? 1.203   13.890  7.431   1.00 33.03 ? 5308 HOH A O   1 
HETATM 1411 O O   . HOH C 3 .   ? -0.892  -18.957 3.892   1.00 59.49 ? 5309 HOH A O   1 
HETATM 1412 O O   . HOH C 3 .   ? 1.442   -17.160 1.605   1.00 61.89 ? 5310 HOH A O   1 
HETATM 1413 O O   . HOH C 3 .   ? 18.995  6.099   3.480   1.00 40.22 ? 5312 HOH A O   1 
HETATM 1414 O O   . HOH C 3 .   ? 12.830  8.321   -0.223  1.00 22.18 ? 5313 HOH A O   1 
HETATM 1415 O O   . HOH C 3 .   ? 14.468  6.228   -1.504  1.00 32.11 ? 5314 HOH A O   1 
HETATM 1416 O O   . HOH C 3 .   ? 17.206  -2.549  15.856  1.00 35.02 ? 5315 HOH A O   1 
HETATM 1417 O O   . HOH C 3 .   ? -6.986  -11.144 -7.723  1.00 34.25 ? 5316 HOH A O   1 
HETATM 1418 O O   . HOH C 3 .   ? -8.868  12.881  -11.875 1.00 26.70 ? 5317 HOH A O   1 
HETATM 1419 O O   . HOH C 3 .   ? -1.299  14.685  11.585  1.00 47.13 ? 5318 HOH A O   1 
HETATM 1420 O O   . HOH C 3 .   ? -4.159  -9.072  -1.927  1.00 37.44 ? 5319 HOH A O   1 
HETATM 1421 O O   . HOH C 3 .   ? 5.920   7.762   -14.621 1.00 21.67 ? 5320 HOH A O   1 
HETATM 1422 O O   . HOH C 3 .   ? 3.318   9.963   -13.559 1.00 30.84 ? 5321 HOH A O   1 
HETATM 1423 O O   . HOH C 3 .   ? -1.469  11.000  -11.718 1.00 42.55 ? 5322 HOH A O   1 
HETATM 1424 O O   . HOH C 3 .   ? -13.249 0.960   -18.143 1.00 31.44 ? 5323 HOH A O   1 
HETATM 1425 O O   . HOH C 3 .   ? -15.353 0.199   -19.581 1.00 41.76 ? 5324 HOH A O   1 
HETATM 1426 O O   . HOH C 3 .   ? -8.080  5.358   -20.352 1.00 35.33 ? 5325 HOH A O   1 
HETATM 1427 O O   . HOH C 3 .   ? -5.364  4.811   -21.681 1.00 42.64 ? 5326 HOH A O   1 
HETATM 1428 O O   . HOH C 3 .   ? -4.638  10.193  -18.066 1.00 29.96 ? 5327 HOH A O   1 
HETATM 1429 O O   . HOH C 3 .   ? 14.140  10.890  2.254   1.00 21.56 ? 5328 HOH A O   1 
HETATM 1430 O O   . HOH C 3 .   ? 6.909   15.394  2.995   1.00 29.82 ? 5329 HOH A O   1 
HETATM 1431 O O   . HOH C 3 .   ? 14.571  13.541  -0.114  1.00 49.34 ? 5330 HOH A O   1 
HETATM 1432 O O   . HOH C 3 .   ? -4.194  21.412  3.716   1.00 32.76 ? 5331 HOH A O   1 
HETATM 1433 O O   . HOH C 3 .   ? -5.277  18.563  2.895   1.00 30.50 ? 5332 HOH A O   1 
HETATM 1434 O O   . HOH C 3 .   ? -4.694  21.049  0.041   1.00 34.61 ? 5333 HOH A O   1 
HETATM 1435 O O   . HOH C 3 .   ? -8.458  22.358  9.209   1.00 39.43 ? 5334 HOH A O   1 
HETATM 1436 O O   . HOH C 3 .   ? 9.624   4.188   -10.825 1.00 27.74 ? 5335 HOH A O   1 
HETATM 1437 O O   . HOH C 3 .   ? 11.695  -0.565  -7.582  1.00 38.59 ? 5336 HOH A O   1 
HETATM 1438 O O   . HOH C 3 .   ? -10.246 -10.043 -6.092  1.00 39.17 ? 5337 HOH A O   1 
HETATM 1439 O O   . HOH C 3 .   ? -9.745  -9.894  -8.723  1.00 36.50 ? 5338 HOH A O   1 
HETATM 1440 O O   . HOH C 3 .   ? -12.590 -9.554  -3.389  1.00 34.53 ? 5339 HOH A O   1 
HETATM 1441 O O   . HOH C 3 .   ? -13.449 -4.426  4.627   1.00 32.18 ? 5340 HOH A O   1 
HETATM 1442 O O   . HOH C 3 .   ? -13.180 -8.880  4.411   1.00 42.95 ? 5341 HOH A O   1 
HETATM 1443 O O   . HOH C 3 .   ? -7.321  -7.018  12.437  1.00 42.13 ? 5342 HOH A O   1 
HETATM 1444 O O   . HOH C 3 .   ? -5.213  -5.572  13.683  1.00 41.25 ? 5343 HOH A O   1 
HETATM 1445 O O   . HOH C 3 .   ? 12.967  -11.460 22.880  0.00 2.06  ? 5344 HOH A O   1 
# 
loop_
_pdbx_poly_seq_scheme.asym_id 
_pdbx_poly_seq_scheme.entity_id 
_pdbx_poly_seq_scheme.seq_id 
_pdbx_poly_seq_scheme.mon_id 
_pdbx_poly_seq_scheme.ndb_seq_num 
_pdbx_poly_seq_scheme.pdb_seq_num 
_pdbx_poly_seq_scheme.auth_seq_num 
_pdbx_poly_seq_scheme.pdb_mon_id 
_pdbx_poly_seq_scheme.auth_mon_id 
_pdbx_poly_seq_scheme.pdb_strand_id 
_pdbx_poly_seq_scheme.pdb_ins_code 
_pdbx_poly_seq_scheme.hetero 
A 1 1   MET 1   1   1   MET MET A . n 
A 1 2   TYR 2   2   2   TYR TYR A . n 
A 1 3   TRP 3   3   3   TRP TRP A . n 
A 1 4   VAL 4   4   4   VAL VAL A . n 
A 1 5   ARG 5   5   5   ARG ARG A . n 
A 1 6   ARG 6   6   6   ARG ARG A . n 
A 1 7   LYS 7   7   7   LYS LYS A . n 
A 1 8   THR 8   8   8   THR THR A . n 
A 1 9   ILE 9   9   9   ILE ILE A . n 
A 1 10  GLY 10  10  10  GLY GLY A . n 
A 1 11  GLY 11  11  11  GLY GLY A . n 
A 1 12  SER 12  12  12  SER SER A . n 
A 1 13  GLY 13  13  13  GLY GLY A . n 
A 1 14  LEU 14  14  14  LEU LEU A . n 
A 1 15  PRO 15  15  15  PRO PRO A . n 
A 1 16  TYR 16  16  16  TYR TYR A . n 
A 1 17  THR 17  17  17  THR THR A . n 
A 1 18  GLU 18  18  18  GLU GLU A . n 
A 1 19  ASN 19  19  19  ASN ASN A . n 
A 1 20  GLU 20  20  20  GLU GLU A . n 
A 1 21  ILE 21  21  21  ILE ILE A . n 
A 1 22  LEU 22  22  22  LEU LEU A . n 
A 1 23  GLU 23  23  23  GLU GLU A . n 
A 1 24  TRP 24  24  24  TRP TRP A . n 
A 1 25  ARG 25  25  25  ARG ARG A . n 
A 1 26  LYS 26  26  26  LYS LYS A . n 
A 1 27  GLU 27  27  27  GLU GLU A . n 
A 1 28  GLY 28  28  28  GLY GLY A . n 
A 1 29  VAL 29  29  29  VAL VAL A . n 
A 1 30  LYS 30  30  30  LYS LYS A . n 
A 1 31  ARG 31  31  31  ARG ARG A . n 
A 1 32  VAL 32  32  32  VAL VAL A . n 
A 1 33  LEU 33  33  33  LEU LEU A . n 
A 1 34  VAL 34  34  34  VAL VAL A . n 
A 1 35  LEU 35  35  35  LEU LEU A . n 
A 1 36  PRO 36  36  36  PRO PRO A . n 
A 1 37  GLU 37  37  37  GLU GLU A . n 
A 1 38  ASP 38  38  38  ASP ASP A . n 
A 1 39  TRP 39  39  39  TRP TRP A . n 
A 1 40  GLU 40  40  40  GLU GLU A . n 
A 1 41  ILE 41  41  41  ILE ILE A . n 
A 1 42  GLU 42  42  42  GLU GLU A . n 
A 1 43  GLU 43  43  43  GLU GLU A . n 
A 1 44  SER 44  44  44  SER SER A . n 
A 1 45  TRP 45  45  45  TRP TRP A . n 
A 1 46  GLY 46  46  46  GLY GLY A . n 
A 1 47  ASP 47  47  47  ASP ASP A . n 
A 1 48  LYS 48  48  48  LYS LYS A . n 
A 1 49  ASP 49  49  49  ASP ASP A . n 
A 1 50  TYR 50  50  50  TYR TYR A . n 
A 1 51  TYR 51  51  51  TYR TYR A . n 
A 1 52  LEU 52  52  52  LEU LEU A . n 
A 1 53  SER 53  53  53  SER SER A . n 
A 1 54  ILE 54  54  54  ILE ILE A . n 
A 1 55  LEU 55  55  55  LEU LEU A . n 
A 1 56  LYS 56  56  56  LYS LYS A . n 
A 1 57  LYS 57  57  57  LYS LYS A . n 
A 1 58  ASN 58  58  58  ASN ASN A . n 
A 1 59  GLY 59  59  59  GLY GLY A . n 
A 1 60  LEU 60  60  60  LEU LEU A . n 
A 1 61  GLN 61  61  61  GLN GLN A . n 
A 1 62  PRO 62  62  62  PRO PRO A . n 
A 1 63  LEU 63  63  63  LEU LEU A . n 
A 1 64  HIS 64  64  64  HIS HIS A . n 
A 1 65  ILE 65  65  65  ILE ILE A . n 
A 1 66  PRO 66  66  66  PRO PRO A . n 
A 1 67  ILE 67  67  67  ILE ILE A . n 
A 1 68  PRO 68  68  68  PRO PRO A . n 
A 1 69  ASP 69  69  69  ASP ASP A . n 
A 1 70  GLY 70  70  70  GLY GLY A . n 
A 1 71  GLY 71  71  71  GLY GLY A . n 
A 1 72  VAL 72  72  72  VAL VAL A . n 
A 1 73  PRO 73  73  73  PRO PRO A . n 
A 1 74  SER 74  74  74  SER SER A . n 
A 1 75  ASP 75  75  75  ASP ASP A . n 
A 1 76  SER 76  76  76  SER SER A . n 
A 1 77  GLN 77  77  77  GLN GLN A . n 
A 1 78  PHE 78  78  78  PHE PHE A . n 
A 1 79  LEU 79  79  79  LEU LEU A . n 
A 1 80  THR 80  80  80  THR THR A . n 
A 1 81  ILE 81  81  81  ILE ILE A . n 
A 1 82  MET 82  82  82  MET MET A . n 
A 1 83  LYS 83  83  83  LYS LYS A . n 
A 1 84  TRP 84  84  84  TRP TRP A . n 
A 1 85  LEU 85  85  85  LEU LEU A . n 
A 1 86  LEU 86  86  86  LEU LEU A . n 
A 1 87  SER 87  87  87  SER SER A . n 
A 1 88  GLU 88  88  88  GLU GLU A . n 
A 1 89  LYS 89  89  89  LYS LYS A . n 
A 1 90  GLU 90  90  90  GLU GLU A . n 
A 1 91  GLY 91  91  91  GLY GLY A . n 
A 1 92  ASN 92  92  92  ASN ASN A . n 
A 1 93  LEU 93  93  93  LEU LEU A . n 
A 1 94  VAL 94  94  94  VAL VAL A . n 
A 1 95  HIS 95  95  95  HIS HIS A . n 
A 1 96  CYS 96  96  96  CYS CYS A . n 
A 1 97  VAL 97  97  97  VAL VAL A . n 
A 1 98  GLY 98  98  98  GLY GLY A . n 
A 1 99  GLY 99  99  99  GLY GLY A . n 
A 1 100 ILE 100 100 100 ILE ILE A . n 
A 1 101 GLY 101 101 101 GLY GLY A . n 
A 1 102 ARG 102 102 102 ARG ARG A . n 
A 1 103 THR 103 103 103 THR THR A . n 
A 1 104 GLY 104 104 104 GLY GLY A . n 
A 1 105 THR 105 105 105 THR THR A . n 
A 1 106 ILE 106 106 106 ILE ILE A . n 
A 1 107 LEU 107 107 107 LEU LEU A . n 
A 1 108 ALA 108 108 108 ALA ALA A . n 
A 1 109 SER 109 109 109 SER SER A . n 
A 1 110 TYR 110 110 110 TYR TYR A . n 
A 1 111 LEU 111 111 111 LEU LEU A . n 
A 1 112 ILE 112 112 112 ILE ILE A . n 
A 1 113 LEU 113 113 113 LEU LEU A . n 
A 1 114 THR 114 114 114 THR THR A . n 
A 1 115 GLU 115 115 115 GLU GLU A . n 
A 1 116 GLY 116 116 116 GLY GLY A . n 
A 1 117 LEU 117 117 117 LEU LEU A . n 
A 1 118 GLU 118 118 118 GLU GLU A . n 
A 1 119 VAL 119 119 119 VAL VAL A . n 
A 1 120 GLU 120 120 120 GLU GLU A . n 
A 1 121 SER 121 121 121 SER SER A . n 
A 1 122 ALA 122 122 122 ALA ALA A . n 
A 1 123 ILE 123 123 123 ILE ILE A . n 
A 1 124 ASP 124 124 124 ASP ASP A . n 
A 1 125 GLU 125 125 125 GLU GLU A . n 
A 1 126 VAL 126 126 126 VAL VAL A . n 
A 1 127 ARG 127 127 127 ARG ARG A . n 
A 1 128 LEU 128 128 128 LEU LEU A . n 
A 1 129 VAL 129 129 129 VAL VAL A . n 
A 1 130 ARG 130 130 130 ARG ARG A . n 
A 1 131 PRO 131 131 131 PRO PRO A . n 
A 1 132 GLY 132 132 132 GLY GLY A . n 
A 1 133 ALA 133 133 133 ALA ALA A . n 
A 1 134 VAL 134 134 134 VAL VAL A . n 
A 1 135 GLN 135 135 135 GLN GLN A . n 
A 1 136 THR 136 136 136 THR THR A . n 
A 1 137 TYR 137 137 137 TYR TYR A . n 
A 1 138 GLU 138 138 138 GLU GLU A . n 
A 1 139 GLN 139 139 139 GLN GLN A . n 
A 1 140 GLU 140 140 140 GLU GLU A . n 
A 1 141 MET 141 141 141 MET MET A . n 
A 1 142 PHE 142 142 142 PHE PHE A . n 
A 1 143 LEU 143 143 143 LEU LEU A . n 
A 1 144 LEU 144 144 144 LEU LEU A . n 
A 1 145 ARG 145 145 145 ARG ARG A . n 
A 1 146 VAL 146 146 146 VAL VAL A . n 
A 1 147 GLU 147 147 147 GLU GLU A . n 
A 1 148 GLY 148 148 148 GLY GLY A . n 
A 1 149 MET 149 149 149 MET MET A . n 
A 1 150 ARG 150 150 150 ARG ARG A . n 
A 1 151 LYS 151 151 151 LYS LYS A . n 
A 1 152 SER 152 152 152 SER SER A . n 
A 1 153 TRP 153 153 153 TRP TRP A . n 
A 1 154 LEU 154 154 154 LEU LEU A . n 
A 1 155 LYS 155 155 155 LYS LYS A . n 
A 1 156 ASN 156 156 156 ASN ASN A . n 
A 1 157 ILE 157 157 157 ILE ILE A . n 
A 1 158 TYR 158 158 158 TYR TYR A . n 
A 1 159 SER 159 159 159 SER SER A . n 
A 1 160 ASN 160 160 160 ASN ASN A . n 
A 1 161 SER 161 161 161 SER SER A . n 
# 
loop_
_pdbx_nonpoly_scheme.asym_id 
_pdbx_nonpoly_scheme.entity_id 
_pdbx_nonpoly_scheme.mon_id 
_pdbx_nonpoly_scheme.ndb_seq_num 
_pdbx_nonpoly_scheme.pdb_seq_num 
_pdbx_nonpoly_scheme.auth_seq_num 
_pdbx_nonpoly_scheme.pdb_mon_id 
_pdbx_nonpoly_scheme.auth_mon_id 
_pdbx_nonpoly_scheme.pdb_strand_id 
_pdbx_nonpoly_scheme.pdb_ins_code 
B 2 PO4 1   2902 2902 PO4 PO4 A . 
C 3 HOH 1   5201 5201 HOH TIP A . 
C 3 HOH 2   5202 5202 HOH TIP A . 
C 3 HOH 3   5203 5203 HOH TIP A . 
C 3 HOH 4   5204 5204 HOH TIP A . 
C 3 HOH 5   5205 5205 HOH TIP A . 
C 3 HOH 6   5206 5206 HOH TIP A . 
C 3 HOH 7   5207 5207 HOH TIP A . 
C 3 HOH 8   5208 5208 HOH TIP A . 
C 3 HOH 9   5209 5209 HOH TIP A . 
C 3 HOH 10  5210 5210 HOH TIP A . 
C 3 HOH 11  5211 5211 HOH TIP A . 
C 3 HOH 12  5212 5212 HOH TIP A . 
C 3 HOH 13  5213 5213 HOH TIP A . 
C 3 HOH 14  5214 5214 HOH TIP A . 
C 3 HOH 15  5215 5215 HOH TIP A . 
C 3 HOH 16  5216 5216 HOH TIP A . 
C 3 HOH 17  5217 5217 HOH TIP A . 
C 3 HOH 18  5218 5218 HOH TIP A . 
C 3 HOH 19  5219 5219 HOH TIP A . 
C 3 HOH 20  5220 5220 HOH TIP A . 
C 3 HOH 21  5221 5221 HOH TIP A . 
C 3 HOH 22  5222 5222 HOH TIP A . 
C 3 HOH 23  5223 5223 HOH TIP A . 
C 3 HOH 24  5224 5224 HOH TIP A . 
C 3 HOH 25  5225 5225 HOH TIP A . 
C 3 HOH 26  5226 5226 HOH TIP A . 
C 3 HOH 27  5227 5227 HOH TIP A . 
C 3 HOH 28  5228 5228 HOH TIP A . 
C 3 HOH 29  5229 5229 HOH TIP A . 
C 3 HOH 30  5230 5230 HOH TIP A . 
C 3 HOH 31  5231 5231 HOH TIP A . 
C 3 HOH 32  5232 5232 HOH TIP A . 
C 3 HOH 33  5233 5233 HOH TIP A . 
C 3 HOH 34  5234 5234 HOH TIP A . 
C 3 HOH 35  5235 5235 HOH TIP A . 
C 3 HOH 36  5236 5236 HOH TIP A . 
C 3 HOH 37  5237 5237 HOH TIP A . 
C 3 HOH 38  5238 5238 HOH TIP A . 
C 3 HOH 39  5239 5239 HOH TIP A . 
C 3 HOH 40  5240 5240 HOH TIP A . 
C 3 HOH 41  5241 5241 HOH TIP A . 
C 3 HOH 42  5242 5242 HOH TIP A . 
C 3 HOH 43  5243 5243 HOH TIP A . 
C 3 HOH 44  5244 5244 HOH TIP A . 
C 3 HOH 45  5245 5245 HOH TIP A . 
C 3 HOH 46  5246 5246 HOH TIP A . 
C 3 HOH 47  5247 5247 HOH TIP A . 
C 3 HOH 48  5248 5248 HOH TIP A . 
C 3 HOH 49  5249 5249 HOH TIP A . 
C 3 HOH 50  5250 5250 HOH TIP A . 
C 3 HOH 51  5251 5251 HOH TIP A . 
C 3 HOH 52  5252 5252 HOH TIP A . 
C 3 HOH 53  5253 5253 HOH TIP A . 
C 3 HOH 54  5255 5255 HOH TIP A . 
C 3 HOH 55  5256 5256 HOH TIP A . 
C 3 HOH 56  5257 5257 HOH TIP A . 
C 3 HOH 57  5258 5258 HOH TIP A . 
C 3 HOH 58  5259 5259 HOH TIP A . 
C 3 HOH 59  5260 5260 HOH TIP A . 
C 3 HOH 60  5261 5261 HOH TIP A . 
C 3 HOH 61  5262 5262 HOH TIP A . 
C 3 HOH 62  5263 5263 HOH TIP A . 
C 3 HOH 63  5264 5264 HOH TIP A . 
C 3 HOH 64  5265 5265 HOH TIP A . 
C 3 HOH 65  5266 5266 HOH TIP A . 
C 3 HOH 66  5267 5267 HOH TIP A . 
C 3 HOH 67  5268 5268 HOH TIP A . 
C 3 HOH 68  5269 5269 HOH TIP A . 
C 3 HOH 69  5270 5270 HOH TIP A . 
C 3 HOH 70  5271 5271 HOH TIP A . 
C 3 HOH 71  5272 5272 HOH TIP A . 
C 3 HOH 72  5273 5273 HOH TIP A . 
C 3 HOH 73  5274 5274 HOH TIP A . 
C 3 HOH 74  5275 5275 HOH TIP A . 
C 3 HOH 75  5276 5276 HOH TIP A . 
C 3 HOH 76  5277 5277 HOH TIP A . 
C 3 HOH 77  5278 5278 HOH TIP A . 
C 3 HOH 78  5279 5279 HOH TIP A . 
C 3 HOH 79  5280 5280 HOH TIP A . 
C 3 HOH 80  5281 5281 HOH TIP A . 
C 3 HOH 81  5282 5282 HOH TIP A . 
C 3 HOH 82  5283 5283 HOH TIP A . 
C 3 HOH 83  5284 5284 HOH TIP A . 
C 3 HOH 84  5285 5285 HOH TIP A . 
C 3 HOH 85  5286 5286 HOH TIP A . 
C 3 HOH 86  5287 5287 HOH TIP A . 
C 3 HOH 87  5288 5288 HOH TIP A . 
C 3 HOH 88  5289 5289 HOH TIP A . 
C 3 HOH 89  5290 5290 HOH TIP A . 
C 3 HOH 90  5291 5291 HOH TIP A . 
C 3 HOH 91  5292 5292 HOH TIP A . 
C 3 HOH 92  5293 5293 HOH TIP A . 
C 3 HOH 93  5294 5294 HOH TIP A . 
C 3 HOH 94  5295 5295 HOH TIP A . 
C 3 HOH 95  5296 5296 HOH TIP A . 
C 3 HOH 96  5297 5297 HOH TIP A . 
C 3 HOH 97  5298 5298 HOH TIP A . 
C 3 HOH 98  5299 5299 HOH TIP A . 
C 3 HOH 99  5300 5300 HOH TIP A . 
C 3 HOH 100 5301 5301 HOH TIP A . 
C 3 HOH 101 5302 5302 HOH TIP A . 
C 3 HOH 102 5303 5303 HOH TIP A . 
C 3 HOH 103 5304 5304 HOH TIP A . 
C 3 HOH 104 5305 5305 HOH TIP A . 
C 3 HOH 105 5306 5306 HOH TIP A . 
C 3 HOH 106 5307 5307 HOH TIP A . 
C 3 HOH 107 5308 5308 HOH TIP A . 
C 3 HOH 108 5309 5309 HOH TIP A . 
C 3 HOH 109 5310 5310 HOH TIP A . 
C 3 HOH 110 5312 5312 HOH TIP A . 
C 3 HOH 111 5313 5313 HOH TIP A . 
C 3 HOH 112 5314 5314 HOH TIP A . 
C 3 HOH 113 5315 5315 HOH TIP A . 
C 3 HOH 114 5316 5316 HOH TIP A . 
C 3 HOH 115 5317 5317 HOH TIP A . 
C 3 HOH 116 5318 5318 HOH TIP A . 
C 3 HOH 117 5319 5319 HOH TIP A . 
C 3 HOH 118 5320 5320 HOH TIP A . 
C 3 HOH 119 5321 5321 HOH TIP A . 
C 3 HOH 120 5322 5322 HOH TIP A . 
C 3 HOH 121 5323 5323 HOH TIP A . 
C 3 HOH 122 5324 5324 HOH TIP A . 
C 3 HOH 123 5325 5325 HOH TIP A . 
C 3 HOH 124 5326 5326 HOH TIP A . 
C 3 HOH 125 5327 5327 HOH TIP A . 
C 3 HOH 126 5328 5328 HOH TIP A . 
C 3 HOH 127 5329 5329 HOH TIP A . 
C 3 HOH 128 5330 5330 HOH TIP A . 
C 3 HOH 129 5331 5331 HOH TIP A . 
C 3 HOH 130 5332 5332 HOH TIP A . 
C 3 HOH 131 5333 5333 HOH TIP A . 
C 3 HOH 132 5334 5334 HOH TIP A . 
C 3 HOH 133 5335 5335 HOH TIP A . 
C 3 HOH 134 5336 5336 HOH TIP A . 
C 3 HOH 135 5337 5337 HOH TIP A . 
C 3 HOH 136 5338 5338 HOH TIP A . 
C 3 HOH 137 5339 5339 HOH TIP A . 
C 3 HOH 138 5340 5340 HOH TIP A . 
C 3 HOH 139 5341 5341 HOH TIP A . 
C 3 HOH 140 5342 5342 HOH TIP A . 
C 3 HOH 141 5343 5343 HOH TIP A . 
C 3 HOH 142 5344 5344 HOH TIP A . 
# 
_pdbx_struct_assembly.id                   1 
_pdbx_struct_assembly.details              author_defined_assembly 
_pdbx_struct_assembly.method_details       ? 
_pdbx_struct_assembly.oligomeric_details   monomeric 
_pdbx_struct_assembly.oligomeric_count     1 
# 
_pdbx_struct_assembly_gen.assembly_id       1 
_pdbx_struct_assembly_gen.oper_expression   1 
_pdbx_struct_assembly_gen.asym_id_list      A,B,C 
# 
_pdbx_struct_oper_list.id                   1 
_pdbx_struct_oper_list.type                 'identity operation' 
_pdbx_struct_oper_list.name                 1_555 
_pdbx_struct_oper_list.symmetry_operation   x,y,z 
_pdbx_struct_oper_list.matrix[1][1]         1.0000000000 
_pdbx_struct_oper_list.matrix[1][2]         0.0000000000 
_pdbx_struct_oper_list.matrix[1][3]         0.0000000000 
_pdbx_struct_oper_list.vector[1]            0.0000000000 
_pdbx_struct_oper_list.matrix[2][1]         0.0000000000 
_pdbx_struct_oper_list.matrix[2][2]         1.0000000000 
_pdbx_struct_oper_list.matrix[2][3]         0.0000000000 
_pdbx_struct_oper_list.vector[2]            0.0000000000 
_pdbx_struct_oper_list.matrix[3][1]         0.0000000000 
_pdbx_struct_oper_list.matrix[3][2]         0.0000000000 
_pdbx_struct_oper_list.matrix[3][3]         1.0000000000 
_pdbx_struct_oper_list.vector[3]            0.0000000000 
# 
loop_
_pdbx_audit_revision_history.ordinal 
_pdbx_audit_revision_history.data_content_type 
_pdbx_audit_revision_history.major_revision 
_pdbx_audit_revision_history.minor_revision 
_pdbx_audit_revision_history.revision_date 
1 'Structure model' 1 0 2007-03-13 
2 'Structure model' 1 1 2008-05-01 
3 'Structure model' 1 2 2011-07-13 
4 'Structure model' 1 3 2023-10-25 
# 
_pdbx_audit_revision_details.ordinal             1 
_pdbx_audit_revision_details.revision_ordinal    1 
_pdbx_audit_revision_details.data_content_type   'Structure model' 
_pdbx_audit_revision_details.provider            repository 
_pdbx_audit_revision_details.type                'Initial release' 
_pdbx_audit_revision_details.description         ? 
_pdbx_audit_revision_details.details             ? 
# 
loop_
_pdbx_audit_revision_group.ordinal 
_pdbx_audit_revision_group.revision_ordinal 
_pdbx_audit_revision_group.data_content_type 
_pdbx_audit_revision_group.group 
1 2 'Structure model' 'Version format compliance' 
2 3 'Structure model' 'Version format compliance' 
3 4 'Structure model' 'Data collection'           
4 4 'Structure model' 'Database references'       
5 4 'Structure model' 'Derived calculations'      
6 4 'Structure model' 'Refinement description'    
# 
loop_
_pdbx_audit_revision_category.ordinal 
_pdbx_audit_revision_category.revision_ordinal 
_pdbx_audit_revision_category.data_content_type 
_pdbx_audit_revision_category.category 
1 4 'Structure model' chem_comp_atom                
2 4 'Structure model' chem_comp_bond                
3 4 'Structure model' database_2                    
4 4 'Structure model' pdbx_initial_refinement_model 
5 4 'Structure model' struct_site                   
# 
loop_
_pdbx_audit_revision_item.ordinal 
_pdbx_audit_revision_item.revision_ordinal 
_pdbx_audit_revision_item.data_content_type 
_pdbx_audit_revision_item.item 
1 4 'Structure model' '_database_2.pdbx_DOI'                
2 4 'Structure model' '_database_2.pdbx_database_accession' 
3 4 'Structure model' '_struct_site.pdbx_auth_asym_id'      
4 4 'Structure model' '_struct_site.pdbx_auth_comp_id'      
5 4 'Structure model' '_struct_site.pdbx_auth_seq_id'       
# 
loop_
_software.name 
_software.classification 
_software.version 
_software.citation_id 
_software.pdbx_ordinal 
HKL-2000  'data collection' .   ? 1 
AMoRE     phasing           .   ? 2 
CNS       refinement        1.1 ? 3 
DENZO     'data reduction'  .   ? 4 
SCALEPACK 'data scaling'    .   ? 5 
# 
loop_
_pdbx_validate_torsion.id 
_pdbx_validate_torsion.PDB_model_num 
_pdbx_validate_torsion.auth_comp_id 
_pdbx_validate_torsion.auth_asym_id 
_pdbx_validate_torsion.auth_seq_id 
_pdbx_validate_torsion.PDB_ins_code 
_pdbx_validate_torsion.label_alt_id 
_pdbx_validate_torsion.phi 
_pdbx_validate_torsion.psi 
1 1 ARG A 6   ? ? -33.26  108.35  
2 1 CYS A 96  ? ? -129.89 -132.71 
3 1 ILE A 100 ? ? -105.38 -70.09  
4 1 VAL A 134 ? ? 70.48   94.61   
# 
_pdbx_unobs_or_zero_occ_residues.id               1 
_pdbx_unobs_or_zero_occ_residues.PDB_model_num    1 
_pdbx_unobs_or_zero_occ_residues.polymer_flag     N 
_pdbx_unobs_or_zero_occ_residues.occupancy_flag   0 
_pdbx_unobs_or_zero_occ_residues.auth_asym_id     A 
_pdbx_unobs_or_zero_occ_residues.auth_comp_id     HOH 
_pdbx_unobs_or_zero_occ_residues.auth_seq_id      5344 
_pdbx_unobs_or_zero_occ_residues.PDB_ins_code     ? 
_pdbx_unobs_or_zero_occ_residues.label_asym_id    C 
_pdbx_unobs_or_zero_occ_residues.label_comp_id    HOH 
_pdbx_unobs_or_zero_occ_residues.label_seq_id     ? 
# 
loop_
_chem_comp_atom.comp_id 
_chem_comp_atom.atom_id 
_chem_comp_atom.type_symbol 
_chem_comp_atom.pdbx_aromatic_flag 
_chem_comp_atom.pdbx_stereo_config 
_chem_comp_atom.pdbx_ordinal 
ALA N    N N N 1   
ALA CA   C N S 2   
ALA C    C N N 3   
ALA O    O N N 4   
ALA CB   C N N 5   
ALA OXT  O N N 6   
ALA H    H N N 7   
ALA H2   H N N 8   
ALA HA   H N N 9   
ALA HB1  H N N 10  
ALA HB2  H N N 11  
ALA HB3  H N N 12  
ALA HXT  H N N 13  
ARG N    N N N 14  
ARG CA   C N S 15  
ARG C    C N N 16  
ARG O    O N N 17  
ARG CB   C N N 18  
ARG CG   C N N 19  
ARG CD   C N N 20  
ARG NE   N N N 21  
ARG CZ   C N N 22  
ARG NH1  N N N 23  
ARG NH2  N N N 24  
ARG OXT  O N N 25  
ARG H    H N N 26  
ARG H2   H N N 27  
ARG HA   H N N 28  
ARG HB2  H N N 29  
ARG HB3  H N N 30  
ARG HG2  H N N 31  
ARG HG3  H N N 32  
ARG HD2  H N N 33  
ARG HD3  H N N 34  
ARG HE   H N N 35  
ARG HH11 H N N 36  
ARG HH12 H N N 37  
ARG HH21 H N N 38  
ARG HH22 H N N 39  
ARG HXT  H N N 40  
ASN N    N N N 41  
ASN CA   C N S 42  
ASN C    C N N 43  
ASN O    O N N 44  
ASN CB   C N N 45  
ASN CG   C N N 46  
ASN OD1  O N N 47  
ASN ND2  N N N 48  
ASN OXT  O N N 49  
ASN H    H N N 50  
ASN H2   H N N 51  
ASN HA   H N N 52  
ASN HB2  H N N 53  
ASN HB3  H N N 54  
ASN HD21 H N N 55  
ASN HD22 H N N 56  
ASN HXT  H N N 57  
ASP N    N N N 58  
ASP CA   C N S 59  
ASP C    C N N 60  
ASP O    O N N 61  
ASP CB   C N N 62  
ASP CG   C N N 63  
ASP OD1  O N N 64  
ASP OD2  O N N 65  
ASP OXT  O N N 66  
ASP H    H N N 67  
ASP H2   H N N 68  
ASP HA   H N N 69  
ASP HB2  H N N 70  
ASP HB3  H N N 71  
ASP HD2  H N N 72  
ASP HXT  H N N 73  
CYS N    N N N 74  
CYS CA   C N R 75  
CYS C    C N N 76  
CYS O    O N N 77  
CYS CB   C N N 78  
CYS SG   S N N 79  
CYS OXT  O N N 80  
CYS H    H N N 81  
CYS H2   H N N 82  
CYS HA   H N N 83  
CYS HB2  H N N 84  
CYS HB3  H N N 85  
CYS HG   H N N 86  
CYS HXT  H N N 87  
GLN N    N N N 88  
GLN CA   C N S 89  
GLN C    C N N 90  
GLN O    O N N 91  
GLN CB   C N N 92  
GLN CG   C N N 93  
GLN CD   C N N 94  
GLN OE1  O N N 95  
GLN NE2  N N N 96  
GLN OXT  O N N 97  
GLN H    H N N 98  
GLN H2   H N N 99  
GLN HA   H N N 100 
GLN HB2  H N N 101 
GLN HB3  H N N 102 
GLN HG2  H N N 103 
GLN HG3  H N N 104 
GLN HE21 H N N 105 
GLN HE22 H N N 106 
GLN HXT  H N N 107 
GLU N    N N N 108 
GLU CA   C N S 109 
GLU C    C N N 110 
GLU O    O N N 111 
GLU CB   C N N 112 
GLU CG   C N N 113 
GLU CD   C N N 114 
GLU OE1  O N N 115 
GLU OE2  O N N 116 
GLU OXT  O N N 117 
GLU H    H N N 118 
GLU H2   H N N 119 
GLU HA   H N N 120 
GLU HB2  H N N 121 
GLU HB3  H N N 122 
GLU HG2  H N N 123 
GLU HG3  H N N 124 
GLU HE2  H N N 125 
GLU HXT  H N N 126 
GLY N    N N N 127 
GLY CA   C N N 128 
GLY C    C N N 129 
GLY O    O N N 130 
GLY OXT  O N N 131 
GLY H    H N N 132 
GLY H2   H N N 133 
GLY HA2  H N N 134 
GLY HA3  H N N 135 
GLY HXT  H N N 136 
HIS N    N N N 137 
HIS CA   C N S 138 
HIS C    C N N 139 
HIS O    O N N 140 
HIS CB   C N N 141 
HIS CG   C Y N 142 
HIS ND1  N Y N 143 
HIS CD2  C Y N 144 
HIS CE1  C Y N 145 
HIS NE2  N Y N 146 
HIS OXT  O N N 147 
HIS H    H N N 148 
HIS H2   H N N 149 
HIS HA   H N N 150 
HIS HB2  H N N 151 
HIS HB3  H N N 152 
HIS HD1  H N N 153 
HIS HD2  H N N 154 
HIS HE1  H N N 155 
HIS HE2  H N N 156 
HIS HXT  H N N 157 
HOH O    O N N 158 
HOH H1   H N N 159 
HOH H2   H N N 160 
ILE N    N N N 161 
ILE CA   C N S 162 
ILE C    C N N 163 
ILE O    O N N 164 
ILE CB   C N S 165 
ILE CG1  C N N 166 
ILE CG2  C N N 167 
ILE CD1  C N N 168 
ILE OXT  O N N 169 
ILE H    H N N 170 
ILE H2   H N N 171 
ILE HA   H N N 172 
ILE HB   H N N 173 
ILE HG12 H N N 174 
ILE HG13 H N N 175 
ILE HG21 H N N 176 
ILE HG22 H N N 177 
ILE HG23 H N N 178 
ILE HD11 H N N 179 
ILE HD12 H N N 180 
ILE HD13 H N N 181 
ILE HXT  H N N 182 
LEU N    N N N 183 
LEU CA   C N S 184 
LEU C    C N N 185 
LEU O    O N N 186 
LEU CB   C N N 187 
LEU CG   C N N 188 
LEU CD1  C N N 189 
LEU CD2  C N N 190 
LEU OXT  O N N 191 
LEU H    H N N 192 
LEU H2   H N N 193 
LEU HA   H N N 194 
LEU HB2  H N N 195 
LEU HB3  H N N 196 
LEU HG   H N N 197 
LEU HD11 H N N 198 
LEU HD12 H N N 199 
LEU HD13 H N N 200 
LEU HD21 H N N 201 
LEU HD22 H N N 202 
LEU HD23 H N N 203 
LEU HXT  H N N 204 
LYS N    N N N 205 
LYS CA   C N S 206 
LYS C    C N N 207 
LYS O    O N N 208 
LYS CB   C N N 209 
LYS CG   C N N 210 
LYS CD   C N N 211 
LYS CE   C N N 212 
LYS NZ   N N N 213 
LYS OXT  O N N 214 
LYS H    H N N 215 
LYS H2   H N N 216 
LYS HA   H N N 217 
LYS HB2  H N N 218 
LYS HB3  H N N 219 
LYS HG2  H N N 220 
LYS HG3  H N N 221 
LYS HD2  H N N 222 
LYS HD3  H N N 223 
LYS HE2  H N N 224 
LYS HE3  H N N 225 
LYS HZ1  H N N 226 
LYS HZ2  H N N 227 
LYS HZ3  H N N 228 
LYS HXT  H N N 229 
MET N    N N N 230 
MET CA   C N S 231 
MET C    C N N 232 
MET O    O N N 233 
MET CB   C N N 234 
MET CG   C N N 235 
MET SD   S N N 236 
MET CE   C N N 237 
MET OXT  O N N 238 
MET H    H N N 239 
MET H2   H N N 240 
MET HA   H N N 241 
MET HB2  H N N 242 
MET HB3  H N N 243 
MET HG2  H N N 244 
MET HG3  H N N 245 
MET HE1  H N N 246 
MET HE2  H N N 247 
MET HE3  H N N 248 
MET HXT  H N N 249 
PHE N    N N N 250 
PHE CA   C N S 251 
PHE C    C N N 252 
PHE O    O N N 253 
PHE CB   C N N 254 
PHE CG   C Y N 255 
PHE CD1  C Y N 256 
PHE CD2  C Y N 257 
PHE CE1  C Y N 258 
PHE CE2  C Y N 259 
PHE CZ   C Y N 260 
PHE OXT  O N N 261 
PHE H    H N N 262 
PHE H2   H N N 263 
PHE HA   H N N 264 
PHE HB2  H N N 265 
PHE HB3  H N N 266 
PHE HD1  H N N 267 
PHE HD2  H N N 268 
PHE HE1  H N N 269 
PHE HE2  H N N 270 
PHE HZ   H N N 271 
PHE HXT  H N N 272 
PO4 P    P N N 273 
PO4 O1   O N N 274 
PO4 O2   O N N 275 
PO4 O3   O N N 276 
PO4 O4   O N N 277 
PRO N    N N N 278 
PRO CA   C N S 279 
PRO C    C N N 280 
PRO O    O N N 281 
PRO CB   C N N 282 
PRO CG   C N N 283 
PRO CD   C N N 284 
PRO OXT  O N N 285 
PRO H    H N N 286 
PRO HA   H N N 287 
PRO HB2  H N N 288 
PRO HB3  H N N 289 
PRO HG2  H N N 290 
PRO HG3  H N N 291 
PRO HD2  H N N 292 
PRO HD3  H N N 293 
PRO HXT  H N N 294 
SER N    N N N 295 
SER CA   C N S 296 
SER C    C N N 297 
SER O    O N N 298 
SER CB   C N N 299 
SER OG   O N N 300 
SER OXT  O N N 301 
SER H    H N N 302 
SER H2   H N N 303 
SER HA   H N N 304 
SER HB2  H N N 305 
SER HB3  H N N 306 
SER HG   H N N 307 
SER HXT  H N N 308 
THR N    N N N 309 
THR CA   C N S 310 
THR C    C N N 311 
THR O    O N N 312 
THR CB   C N R 313 
THR OG1  O N N 314 
THR CG2  C N N 315 
THR OXT  O N N 316 
THR H    H N N 317 
THR H2   H N N 318 
THR HA   H N N 319 
THR HB   H N N 320 
THR HG1  H N N 321 
THR HG21 H N N 322 
THR HG22 H N N 323 
THR HG23 H N N 324 
THR HXT  H N N 325 
TRP N    N N N 326 
TRP CA   C N S 327 
TRP C    C N N 328 
TRP O    O N N 329 
TRP CB   C N N 330 
TRP CG   C Y N 331 
TRP CD1  C Y N 332 
TRP CD2  C Y N 333 
TRP NE1  N Y N 334 
TRP CE2  C Y N 335 
TRP CE3  C Y N 336 
TRP CZ2  C Y N 337 
TRP CZ3  C Y N 338 
TRP CH2  C Y N 339 
TRP OXT  O N N 340 
TRP H    H N N 341 
TRP H2   H N N 342 
TRP HA   H N N 343 
TRP HB2  H N N 344 
TRP HB3  H N N 345 
TRP HD1  H N N 346 
TRP HE1  H N N 347 
TRP HE3  H N N 348 
TRP HZ2  H N N 349 
TRP HZ3  H N N 350 
TRP HH2  H N N 351 
TRP HXT  H N N 352 
TYR N    N N N 353 
TYR CA   C N S 354 
TYR C    C N N 355 
TYR O    O N N 356 
TYR CB   C N N 357 
TYR CG   C Y N 358 
TYR CD1  C Y N 359 
TYR CD2  C Y N 360 
TYR CE1  C Y N 361 
TYR CE2  C Y N 362 
TYR CZ   C Y N 363 
TYR OH   O N N 364 
TYR OXT  O N N 365 
TYR H    H N N 366 
TYR H2   H N N 367 
TYR HA   H N N 368 
TYR HB2  H N N 369 
TYR HB3  H N N 370 
TYR HD1  H N N 371 
TYR HD2  H N N 372 
TYR HE1  H N N 373 
TYR HE2  H N N 374 
TYR HH   H N N 375 
TYR HXT  H N N 376 
VAL N    N N N 377 
VAL CA   C N S 378 
VAL C    C N N 379 
VAL O    O N N 380 
VAL CB   C N N 381 
VAL CG1  C N N 382 
VAL CG2  C N N 383 
VAL OXT  O N N 384 
VAL H    H N N 385 
VAL H2   H N N 386 
VAL HA   H N N 387 
VAL HB   H N N 388 
VAL HG11 H N N 389 
VAL HG12 H N N 390 
VAL HG13 H N N 391 
VAL HG21 H N N 392 
VAL HG22 H N N 393 
VAL HG23 H N N 394 
VAL HXT  H N N 395 
# 
loop_
_chem_comp_bond.comp_id 
_chem_comp_bond.atom_id_1 
_chem_comp_bond.atom_id_2 
_chem_comp_bond.value_order 
_chem_comp_bond.pdbx_aromatic_flag 
_chem_comp_bond.pdbx_stereo_config 
_chem_comp_bond.pdbx_ordinal 
ALA N   CA   sing N N 1   
ALA N   H    sing N N 2   
ALA N   H2   sing N N 3   
ALA CA  C    sing N N 4   
ALA CA  CB   sing N N 5   
ALA CA  HA   sing N N 6   
ALA C   O    doub N N 7   
ALA C   OXT  sing N N 8   
ALA CB  HB1  sing N N 9   
ALA CB  HB2  sing N N 10  
ALA CB  HB3  sing N N 11  
ALA OXT HXT  sing N N 12  
ARG N   CA   sing N N 13  
ARG N   H    sing N N 14  
ARG N   H2   sing N N 15  
ARG CA  C    sing N N 16  
ARG CA  CB   sing N N 17  
ARG CA  HA   sing N N 18  
ARG C   O    doub N N 19  
ARG C   OXT  sing N N 20  
ARG CB  CG   sing N N 21  
ARG CB  HB2  sing N N 22  
ARG CB  HB3  sing N N 23  
ARG CG  CD   sing N N 24  
ARG CG  HG2  sing N N 25  
ARG CG  HG3  sing N N 26  
ARG CD  NE   sing N N 27  
ARG CD  HD2  sing N N 28  
ARG CD  HD3  sing N N 29  
ARG NE  CZ   sing N N 30  
ARG NE  HE   sing N N 31  
ARG CZ  NH1  sing N N 32  
ARG CZ  NH2  doub N N 33  
ARG NH1 HH11 sing N N 34  
ARG NH1 HH12 sing N N 35  
ARG NH2 HH21 sing N N 36  
ARG NH2 HH22 sing N N 37  
ARG OXT HXT  sing N N 38  
ASN N   CA   sing N N 39  
ASN N   H    sing N N 40  
ASN N   H2   sing N N 41  
ASN CA  C    sing N N 42  
ASN CA  CB   sing N N 43  
ASN CA  HA   sing N N 44  
ASN C   O    doub N N 45  
ASN C   OXT  sing N N 46  
ASN CB  CG   sing N N 47  
ASN CB  HB2  sing N N 48  
ASN CB  HB3  sing N N 49  
ASN CG  OD1  doub N N 50  
ASN CG  ND2  sing N N 51  
ASN ND2 HD21 sing N N 52  
ASN ND2 HD22 sing N N 53  
ASN OXT HXT  sing N N 54  
ASP N   CA   sing N N 55  
ASP N   H    sing N N 56  
ASP N   H2   sing N N 57  
ASP CA  C    sing N N 58  
ASP CA  CB   sing N N 59  
ASP CA  HA   sing N N 60  
ASP C   O    doub N N 61  
ASP C   OXT  sing N N 62  
ASP CB  CG   sing N N 63  
ASP CB  HB2  sing N N 64  
ASP CB  HB3  sing N N 65  
ASP CG  OD1  doub N N 66  
ASP CG  OD2  sing N N 67  
ASP OD2 HD2  sing N N 68  
ASP OXT HXT  sing N N 69  
CYS N   CA   sing N N 70  
CYS N   H    sing N N 71  
CYS N   H2   sing N N 72  
CYS CA  C    sing N N 73  
CYS CA  CB   sing N N 74  
CYS CA  HA   sing N N 75  
CYS C   O    doub N N 76  
CYS C   OXT  sing N N 77  
CYS CB  SG   sing N N 78  
CYS CB  HB2  sing N N 79  
CYS CB  HB3  sing N N 80  
CYS SG  HG   sing N N 81  
CYS OXT HXT  sing N N 82  
GLN N   CA   sing N N 83  
GLN N   H    sing N N 84  
GLN N   H2   sing N N 85  
GLN CA  C    sing N N 86  
GLN CA  CB   sing N N 87  
GLN CA  HA   sing N N 88  
GLN C   O    doub N N 89  
GLN C   OXT  sing N N 90  
GLN CB  CG   sing N N 91  
GLN CB  HB2  sing N N 92  
GLN CB  HB3  sing N N 93  
GLN CG  CD   sing N N 94  
GLN CG  HG2  sing N N 95  
GLN CG  HG3  sing N N 96  
GLN CD  OE1  doub N N 97  
GLN CD  NE2  sing N N 98  
GLN NE2 HE21 sing N N 99  
GLN NE2 HE22 sing N N 100 
GLN OXT HXT  sing N N 101 
GLU N   CA   sing N N 102 
GLU N   H    sing N N 103 
GLU N   H2   sing N N 104 
GLU CA  C    sing N N 105 
GLU CA  CB   sing N N 106 
GLU CA  HA   sing N N 107 
GLU C   O    doub N N 108 
GLU C   OXT  sing N N 109 
GLU CB  CG   sing N N 110 
GLU CB  HB2  sing N N 111 
GLU CB  HB3  sing N N 112 
GLU CG  CD   sing N N 113 
GLU CG  HG2  sing N N 114 
GLU CG  HG3  sing N N 115 
GLU CD  OE1  doub N N 116 
GLU CD  OE2  sing N N 117 
GLU OE2 HE2  sing N N 118 
GLU OXT HXT  sing N N 119 
GLY N   CA   sing N N 120 
GLY N   H    sing N N 121 
GLY N   H2   sing N N 122 
GLY CA  C    sing N N 123 
GLY CA  HA2  sing N N 124 
GLY CA  HA3  sing N N 125 
GLY C   O    doub N N 126 
GLY C   OXT  sing N N 127 
GLY OXT HXT  sing N N 128 
HIS N   CA   sing N N 129 
HIS N   H    sing N N 130 
HIS N   H2   sing N N 131 
HIS CA  C    sing N N 132 
HIS CA  CB   sing N N 133 
HIS CA  HA   sing N N 134 
HIS C   O    doub N N 135 
HIS C   OXT  sing N N 136 
HIS CB  CG   sing N N 137 
HIS CB  HB2  sing N N 138 
HIS CB  HB3  sing N N 139 
HIS CG  ND1  sing Y N 140 
HIS CG  CD2  doub Y N 141 
HIS ND1 CE1  doub Y N 142 
HIS ND1 HD1  sing N N 143 
HIS CD2 NE2  sing Y N 144 
HIS CD2 HD2  sing N N 145 
HIS CE1 NE2  sing Y N 146 
HIS CE1 HE1  sing N N 147 
HIS NE2 HE2  sing N N 148 
HIS OXT HXT  sing N N 149 
HOH O   H1   sing N N 150 
HOH O   H2   sing N N 151 
ILE N   CA   sing N N 152 
ILE N   H    sing N N 153 
ILE N   H2   sing N N 154 
ILE CA  C    sing N N 155 
ILE CA  CB   sing N N 156 
ILE CA  HA   sing N N 157 
ILE C   O    doub N N 158 
ILE C   OXT  sing N N 159 
ILE CB  CG1  sing N N 160 
ILE CB  CG2  sing N N 161 
ILE CB  HB   sing N N 162 
ILE CG1 CD1  sing N N 163 
ILE CG1 HG12 sing N N 164 
ILE CG1 HG13 sing N N 165 
ILE CG2 HG21 sing N N 166 
ILE CG2 HG22 sing N N 167 
ILE CG2 HG23 sing N N 168 
ILE CD1 HD11 sing N N 169 
ILE CD1 HD12 sing N N 170 
ILE CD1 HD13 sing N N 171 
ILE OXT HXT  sing N N 172 
LEU N   CA   sing N N 173 
LEU N   H    sing N N 174 
LEU N   H2   sing N N 175 
LEU CA  C    sing N N 176 
LEU CA  CB   sing N N 177 
LEU CA  HA   sing N N 178 
LEU C   O    doub N N 179 
LEU C   OXT  sing N N 180 
LEU CB  CG   sing N N 181 
LEU CB  HB2  sing N N 182 
LEU CB  HB3  sing N N 183 
LEU CG  CD1  sing N N 184 
LEU CG  CD2  sing N N 185 
LEU CG  HG   sing N N 186 
LEU CD1 HD11 sing N N 187 
LEU CD1 HD12 sing N N 188 
LEU CD1 HD13 sing N N 189 
LEU CD2 HD21 sing N N 190 
LEU CD2 HD22 sing N N 191 
LEU CD2 HD23 sing N N 192 
LEU OXT HXT  sing N N 193 
LYS N   CA   sing N N 194 
LYS N   H    sing N N 195 
LYS N   H2   sing N N 196 
LYS CA  C    sing N N 197 
LYS CA  CB   sing N N 198 
LYS CA  HA   sing N N 199 
LYS C   O    doub N N 200 
LYS C   OXT  sing N N 201 
LYS CB  CG   sing N N 202 
LYS CB  HB2  sing N N 203 
LYS CB  HB3  sing N N 204 
LYS CG  CD   sing N N 205 
LYS CG  HG2  sing N N 206 
LYS CG  HG3  sing N N 207 
LYS CD  CE   sing N N 208 
LYS CD  HD2  sing N N 209 
LYS CD  HD3  sing N N 210 
LYS CE  NZ   sing N N 211 
LYS CE  HE2  sing N N 212 
LYS CE  HE3  sing N N 213 
LYS NZ  HZ1  sing N N 214 
LYS NZ  HZ2  sing N N 215 
LYS NZ  HZ3  sing N N 216 
LYS OXT HXT  sing N N 217 
MET N   CA   sing N N 218 
MET N   H    sing N N 219 
MET N   H2   sing N N 220 
MET CA  C    sing N N 221 
MET CA  CB   sing N N 222 
MET CA  HA   sing N N 223 
MET C   O    doub N N 224 
MET C   OXT  sing N N 225 
MET CB  CG   sing N N 226 
MET CB  HB2  sing N N 227 
MET CB  HB3  sing N N 228 
MET CG  SD   sing N N 229 
MET CG  HG2  sing N N 230 
MET CG  HG3  sing N N 231 
MET SD  CE   sing N N 232 
MET CE  HE1  sing N N 233 
MET CE  HE2  sing N N 234 
MET CE  HE3  sing N N 235 
MET OXT HXT  sing N N 236 
PHE N   CA   sing N N 237 
PHE N   H    sing N N 238 
PHE N   H2   sing N N 239 
PHE CA  C    sing N N 240 
PHE CA  CB   sing N N 241 
PHE CA  HA   sing N N 242 
PHE C   O    doub N N 243 
PHE C   OXT  sing N N 244 
PHE CB  CG   sing N N 245 
PHE CB  HB2  sing N N 246 
PHE CB  HB3  sing N N 247 
PHE CG  CD1  doub Y N 248 
PHE CG  CD2  sing Y N 249 
PHE CD1 CE1  sing Y N 250 
PHE CD1 HD1  sing N N 251 
PHE CD2 CE2  doub Y N 252 
PHE CD2 HD2  sing N N 253 
PHE CE1 CZ   doub Y N 254 
PHE CE1 HE1  sing N N 255 
PHE CE2 CZ   sing Y N 256 
PHE CE2 HE2  sing N N 257 
PHE CZ  HZ   sing N N 258 
PHE OXT HXT  sing N N 259 
PO4 P   O1   doub N N 260 
PO4 P   O2   sing N N 261 
PO4 P   O3   sing N N 262 
PO4 P   O4   sing N N 263 
PRO N   CA   sing N N 264 
PRO N   CD   sing N N 265 
PRO N   H    sing N N 266 
PRO CA  C    sing N N 267 
PRO CA  CB   sing N N 268 
PRO CA  HA   sing N N 269 
PRO C   O    doub N N 270 
PRO C   OXT  sing N N 271 
PRO CB  CG   sing N N 272 
PRO CB  HB2  sing N N 273 
PRO CB  HB3  sing N N 274 
PRO CG  CD   sing N N 275 
PRO CG  HG2  sing N N 276 
PRO CG  HG3  sing N N 277 
PRO CD  HD2  sing N N 278 
PRO CD  HD3  sing N N 279 
PRO OXT HXT  sing N N 280 
SER N   CA   sing N N 281 
SER N   H    sing N N 282 
SER N   H2   sing N N 283 
SER CA  C    sing N N 284 
SER CA  CB   sing N N 285 
SER CA  HA   sing N N 286 
SER C   O    doub N N 287 
SER C   OXT  sing N N 288 
SER CB  OG   sing N N 289 
SER CB  HB2  sing N N 290 
SER CB  HB3  sing N N 291 
SER OG  HG   sing N N 292 
SER OXT HXT  sing N N 293 
THR N   CA   sing N N 294 
THR N   H    sing N N 295 
THR N   H2   sing N N 296 
THR CA  C    sing N N 297 
THR CA  CB   sing N N 298 
THR CA  HA   sing N N 299 
THR C   O    doub N N 300 
THR C   OXT  sing N N 301 
THR CB  OG1  sing N N 302 
THR CB  CG2  sing N N 303 
THR CB  HB   sing N N 304 
THR OG1 HG1  sing N N 305 
THR CG2 HG21 sing N N 306 
THR CG2 HG22 sing N N 307 
THR CG2 HG23 sing N N 308 
THR OXT HXT  sing N N 309 
TRP N   CA   sing N N 310 
TRP N   H    sing N N 311 
TRP N   H2   sing N N 312 
TRP CA  C    sing N N 313 
TRP CA  CB   sing N N 314 
TRP CA  HA   sing N N 315 
TRP C   O    doub N N 316 
TRP C   OXT  sing N N 317 
TRP CB  CG   sing N N 318 
TRP CB  HB2  sing N N 319 
TRP CB  HB3  sing N N 320 
TRP CG  CD1  doub Y N 321 
TRP CG  CD2  sing Y N 322 
TRP CD1 NE1  sing Y N 323 
TRP CD1 HD1  sing N N 324 
TRP CD2 CE2  doub Y N 325 
TRP CD2 CE3  sing Y N 326 
TRP NE1 CE2  sing Y N 327 
TRP NE1 HE1  sing N N 328 
TRP CE2 CZ2  sing Y N 329 
TRP CE3 CZ3  doub Y N 330 
TRP CE3 HE3  sing N N 331 
TRP CZ2 CH2  doub Y N 332 
TRP CZ2 HZ2  sing N N 333 
TRP CZ3 CH2  sing Y N 334 
TRP CZ3 HZ3  sing N N 335 
TRP CH2 HH2  sing N N 336 
TRP OXT HXT  sing N N 337 
TYR N   CA   sing N N 338 
TYR N   H    sing N N 339 
TYR N   H2   sing N N 340 
TYR CA  C    sing N N 341 
TYR CA  CB   sing N N 342 
TYR CA  HA   sing N N 343 
TYR C   O    doub N N 344 
TYR C   OXT  sing N N 345 
TYR CB  CG   sing N N 346 
TYR CB  HB2  sing N N 347 
TYR CB  HB3  sing N N 348 
TYR CG  CD1  doub Y N 349 
TYR CG  CD2  sing Y N 350 
TYR CD1 CE1  sing Y N 351 
TYR CD1 HD1  sing N N 352 
TYR CD2 CE2  doub Y N 353 
TYR CD2 HD2  sing N N 354 
TYR CE1 CZ   doub Y N 355 
TYR CE1 HE1  sing N N 356 
TYR CE2 CZ   sing Y N 357 
TYR CE2 HE2  sing N N 358 
TYR CZ  OH   sing N N 359 
TYR OH  HH   sing N N 360 
TYR OXT HXT  sing N N 361 
VAL N   CA   sing N N 362 
VAL N   H    sing N N 363 
VAL N   H2   sing N N 364 
VAL CA  C    sing N N 365 
VAL CA  CB   sing N N 366 
VAL CA  HA   sing N N 367 
VAL C   O    doub N N 368 
VAL C   OXT  sing N N 369 
VAL CB  CG1  sing N N 370 
VAL CB  CG2  sing N N 371 
VAL CB  HB   sing N N 372 
VAL CG1 HG11 sing N N 373 
VAL CG1 HG12 sing N N 374 
VAL CG1 HG13 sing N N 375 
VAL CG2 HG21 sing N N 376 
VAL CG2 HG22 sing N N 377 
VAL CG2 HG23 sing N N 378 
VAL OXT HXT  sing N N 379 
# 
loop_
_pdbx_entity_nonpoly.entity_id 
_pdbx_entity_nonpoly.name 
_pdbx_entity_nonpoly.comp_id 
2 'PHOSPHATE ION' PO4 
3 water           HOH 
# 
_pdbx_initial_refinement_model.id               1 
_pdbx_initial_refinement_model.entity_id_list   ? 
_pdbx_initial_refinement_model.type             'experimental model' 
_pdbx_initial_refinement_model.source_name      PDB 
_pdbx_initial_refinement_model.accession_code   1OHE 
_pdbx_initial_refinement_model.details          ? 
# 
